data_5MAV
#
_entry.id   5MAV
#
_cell.length_a   77.597
_cell.length_b   153.604
_cell.length_c   85.512
_cell.angle_alpha   90.00
_cell.angle_beta   96.90
_cell.angle_gamma   90.00
#
_symmetry.space_group_name_H-M   'P 1 21 1'
#
loop_
_entity.id
_entity.type
_entity.pdbx_description
1 polymer 'Proliferating cell nuclear antigen'
2 polymer 'Poly (ADP-ribose) glycohydrolase'
3 water water
#
loop_
_entity_poly.entity_id
_entity_poly.type
_entity_poly.pdbx_seq_one_letter_code
_entity_poly.pdbx_strand_id
1 'polypeptide(L)'
;GPAMFEARLVQGSILKKVLEALKDLINEACWDISSSGVNLQSMDSSHVSLVQLTLRSEGFDTYRCDRNLAMGVNLTSMSK
ILKCAGNEDIITLRAEDNADTLALVFEAPNQEKVSDYEMKLMDLDVEQLGIPEQEYSCVVKMPSGEFARICRDLSHIGDA
VVISCAKDGVKFSASGELGNGNIKLSQTSNVDKEEEAVTIEMNEPVQLTFALRYLNFFTKATPLSSTVTLSMSADVPLVV
EYKIADMGHLKYYLAPKIEDEEGS
;
A,C,E,B,D,F
2 'polypeptide(L)' QHGKKDSKITDHFMRLPKA G,H,K,L,N,M
#
# COMPACT_ATOMS: atom_id res chain seq x y z
N GLY A 1 20.26 -0.06 41.03
CA GLY A 1 18.85 -0.05 41.36
C GLY A 1 18.19 0.07 40.05
N PRO A 2 17.06 -0.58 39.89
CA PRO A 2 16.38 -0.61 38.62
C PRO A 2 15.85 0.75 38.18
N ALA A 3 15.49 0.85 36.89
CA ALA A 3 15.01 2.12 36.39
C ALA A 3 13.61 2.34 36.94
N MET A 4 13.32 3.58 37.30
CA MET A 4 11.98 3.88 37.79
C MET A 4 10.94 3.56 36.73
N PHE A 5 11.19 4.00 35.50
CA PHE A 5 10.31 3.74 34.37
C PHE A 5 11.14 3.16 33.24
N GLU A 6 10.71 2.01 32.72
CA GLU A 6 11.36 1.38 31.59
C GLU A 6 10.31 0.79 30.66
N ALA A 7 10.41 1.12 29.38
CA ALA A 7 9.47 0.64 28.37
C ALA A 7 10.23 0.23 27.12
N ARG A 8 9.84 -0.89 26.53
CA ARG A 8 10.50 -1.45 25.35
C ARG A 8 9.48 -1.59 24.23
N LEU A 9 9.76 -0.94 23.11
CA LEU A 9 8.86 -0.91 21.96
C LEU A 9 9.62 -1.49 20.76
N VAL A 10 9.14 -2.65 20.27
CA VAL A 10 9.82 -3.32 19.16
C VAL A 10 9.62 -2.54 17.87
N GLN A 11 8.37 -2.17 17.57
CA GLN A 11 8.06 -1.36 16.39
C GLN A 11 8.29 0.11 16.72
N GLY A 12 9.57 0.46 16.90
CA GLY A 12 9.95 1.77 17.36
C GLY A 12 9.60 2.90 16.42
N SER A 13 9.31 2.58 15.15
CA SER A 13 8.90 3.62 14.20
C SER A 13 7.64 4.33 14.65
N ILE A 14 6.76 3.61 15.38
CA ILE A 14 5.56 4.21 15.94
C ILE A 14 5.90 5.49 16.70
N LEU A 15 7.00 5.46 17.46
CA LEU A 15 7.39 6.64 18.23
C LEU A 15 8.01 7.70 17.34
N LYS A 16 8.69 7.32 16.26
CA LYS A 16 9.16 8.30 15.28
C LYS A 16 7.99 8.99 14.60
N LYS A 17 6.99 8.22 14.18
CA LYS A 17 5.83 8.80 13.51
C LYS A 17 5.06 9.73 14.45
N VAL A 18 4.90 9.33 15.71
CA VAL A 18 4.17 10.16 16.66
C VAL A 18 4.84 11.52 16.83
N LEU A 19 6.17 11.54 16.81
CA LEU A 19 6.89 12.79 17.01
C LEU A 19 6.85 13.71 15.79
N GLU A 20 6.67 13.16 14.59
CA GLU A 20 6.43 14.03 13.43
C GLU A 20 5.00 14.57 13.45
N ALA A 21 4.07 13.76 13.95
CA ALA A 21 2.68 14.20 14.04
C ALA A 21 2.52 15.38 14.99
N LEU A 22 3.44 15.55 15.93
CA LEU A 22 3.32 16.52 17.00
C LEU A 22 4.22 17.74 16.85
N LYS A 23 5.46 17.55 16.42
CA LYS A 23 6.49 18.58 16.62
C LYS A 23 6.16 19.88 15.90
N ASP A 24 5.49 19.81 14.74
CA ASP A 24 5.21 21.02 13.98
C ASP A 24 4.01 21.77 14.51
N LEU A 25 3.12 21.10 15.25
CA LEU A 25 1.94 21.73 15.81
C LEU A 25 2.19 22.29 17.19
N ILE A 26 2.91 21.55 18.04
CA ILE A 26 3.25 21.98 19.39
C ILE A 26 4.74 21.73 19.60
N ASN A 27 5.43 22.71 20.19
CA ASN A 27 6.87 22.59 20.38
C ASN A 27 7.23 22.05 21.76
N GLU A 28 6.61 22.58 22.81
CA GLU A 28 6.82 22.11 24.18
C GLU A 28 5.60 21.35 24.65
N ALA A 29 5.82 20.27 25.40
CA ALA A 29 4.71 19.45 25.86
C ALA A 29 5.16 18.59 27.04
N CYS A 30 4.18 17.93 27.66
CA CYS A 30 4.37 17.20 28.91
C CYS A 30 3.94 15.75 28.71
N TRP A 31 4.86 14.82 28.96
CA TRP A 31 4.60 13.39 28.82
C TRP A 31 4.31 12.80 30.20
N ASP A 32 3.08 12.34 30.41
CA ASP A 32 2.64 11.81 31.70
C ASP A 32 2.75 10.30 31.68
N ILE A 33 3.69 9.76 32.46
CA ILE A 33 3.91 8.33 32.55
C ILE A 33 3.23 7.80 33.80
N SER A 34 2.50 6.70 33.67
CA SER A 34 1.86 6.02 34.78
C SER A 34 1.93 4.52 34.52
N SER A 35 1.31 3.74 35.40
CA SER A 35 1.29 2.30 35.23
C SER A 35 0.40 1.87 34.06
N SER A 36 -0.53 2.73 33.64
CA SER A 36 -1.47 2.39 32.57
C SER A 36 -0.97 2.76 31.18
N GLY A 37 0.09 3.56 31.08
CA GLY A 37 0.67 3.90 29.80
C GLY A 37 1.12 5.34 29.77
N VAL A 38 1.24 5.87 28.55
CA VAL A 38 1.67 7.24 28.32
C VAL A 38 0.46 8.06 27.89
N ASN A 39 0.41 9.31 28.37
CA ASN A 39 -0.65 10.24 27.99
C ASN A 39 -0.03 11.63 27.84
N LEU A 40 -0.37 12.30 26.73
CA LEU A 40 0.02 13.68 26.52
C LEU A 40 -1.16 14.47 25.97
N GLN A 41 -1.28 15.71 26.42
CA GLN A 41 -2.35 16.59 25.95
C GLN A 41 -1.82 18.01 25.94
N SER A 42 -2.10 18.75 24.87
CA SER A 42 -1.66 20.13 24.78
C SER A 42 -2.48 20.87 23.74
N MET A 43 -2.71 22.15 24.00
CA MET A 43 -3.23 23.07 23.01
C MET A 43 -2.06 23.70 22.26
N ASP A 44 -2.28 24.00 20.98
CA ASP A 44 -1.33 24.85 20.29
C ASP A 44 -1.40 26.27 20.87
N SER A 45 -0.41 27.09 20.52
CA SER A 45 -0.27 28.38 21.19
C SER A 45 -1.38 29.37 20.81
N SER A 46 -2.20 29.07 19.82
CA SER A 46 -3.38 29.89 19.55
C SER A 46 -4.59 29.47 20.38
N HIS A 47 -4.48 28.37 21.13
CA HIS A 47 -5.57 27.77 21.89
C HIS A 47 -6.76 27.40 21.00
N VAL A 48 -6.53 27.31 19.70
CA VAL A 48 -7.60 26.96 18.76
C VAL A 48 -7.72 25.45 18.57
N SER A 49 -6.62 24.72 18.64
CA SER A 49 -6.62 23.27 18.49
C SER A 49 -6.10 22.60 19.75
N LEU A 50 -6.24 21.28 19.80
CA LEU A 50 -5.73 20.49 20.91
C LEU A 50 -5.42 19.08 20.41
N VAL A 51 -4.31 18.52 20.89
CA VAL A 51 -3.92 17.16 20.57
C VAL A 51 -3.92 16.36 21.87
N GLN A 52 -4.31 15.09 21.77
CA GLN A 52 -4.39 14.20 22.93
C GLN A 52 -3.90 12.83 22.51
N LEU A 53 -2.76 12.42 23.06
CA LEU A 53 -2.10 11.17 22.71
C LEU A 53 -2.26 10.16 23.83
N THR A 54 -2.46 8.90 23.45
CA THR A 54 -2.78 7.85 24.42
C THR A 54 -2.10 6.56 23.98
N LEU A 55 -1.08 6.15 24.72
CA LEU A 55 -0.36 4.90 24.47
C LEU A 55 -0.51 4.01 25.69
N ARG A 56 -1.27 2.92 25.55
CA ARG A 56 -1.51 2.03 26.67
C ARG A 56 -0.30 1.14 26.92
N SER A 57 -0.15 0.72 28.19
CA SER A 57 0.95 -0.15 28.56
C SER A 57 0.85 -1.51 27.88
N GLU A 58 -0.39 -1.95 27.56
CA GLU A 58 -0.56 -3.20 26.83
C GLU A 58 0.16 -3.19 25.49
N GLY A 59 0.35 -2.01 24.89
CA GLY A 59 0.91 -1.93 23.56
C GLY A 59 2.41 -2.13 23.50
N PHE A 60 3.12 -1.79 24.56
CA PHE A 60 4.56 -2.03 24.60
C PHE A 60 4.85 -3.51 24.78
N ASP A 61 6.09 -3.89 24.49
CA ASP A 61 6.51 -5.27 24.70
C ASP A 61 7.11 -5.48 26.08
N THR A 62 7.46 -4.40 26.77
CA THR A 62 7.89 -4.44 28.17
C THR A 62 7.51 -3.11 28.78
N TYR A 63 6.68 -3.12 29.82
CA TYR A 63 6.26 -1.88 30.45
C TYR A 63 6.26 -2.05 31.96
N ARG A 64 6.86 -1.08 32.66
CA ARG A 64 6.90 -1.07 34.11
C ARG A 64 7.08 0.37 34.56
N CYS A 65 6.18 0.86 35.40
CA CYS A 65 6.24 2.24 35.88
C CYS A 65 5.94 2.24 37.37
N ASP A 66 6.96 2.55 38.17
CA ASP A 66 6.81 2.49 39.63
C ASP A 66 6.15 3.73 40.19
N ARG A 67 6.29 4.88 39.54
CA ARG A 67 5.77 6.13 40.07
C ARG A 67 5.27 7.02 38.93
N ASN A 68 4.23 7.78 39.21
CA ASN A 68 3.68 8.71 38.23
C ASN A 68 4.65 9.86 38.01
N LEU A 69 5.02 10.08 36.74
CA LEU A 69 6.01 11.07 36.37
C LEU A 69 5.45 11.96 35.27
N ALA A 70 5.88 13.23 35.28
CA ALA A 70 5.42 14.23 34.31
C ALA A 70 6.64 14.93 33.72
N MET A 71 7.07 14.51 32.53
CA MET A 71 8.29 15.00 31.90
C MET A 71 7.96 16.12 30.92
N GLY A 72 8.59 17.27 31.12
CA GLY A 72 8.50 18.37 30.16
C GLY A 72 9.53 18.22 29.06
N VAL A 73 9.07 18.09 27.82
CA VAL A 73 9.92 17.72 26.69
C VAL A 73 9.81 18.77 25.60
N ASN A 74 10.96 19.25 25.12
CA ASN A 74 11.02 20.02 23.89
C ASN A 74 10.88 19.05 22.73
N LEU A 75 9.71 19.04 22.09
CA LEU A 75 9.41 18.02 21.09
C LEU A 75 10.33 18.11 19.88
N THR A 76 10.87 19.30 19.59
CA THR A 76 11.88 19.42 18.54
C THR A 76 13.13 18.62 18.90
N SER A 77 13.71 18.93 20.07
CA SER A 77 14.88 18.20 20.53
C SER A 77 14.63 16.71 20.59
N MET A 78 13.42 16.32 21.01
CA MET A 78 13.07 14.90 20.97
C MET A 78 13.06 14.38 19.54
N SER A 79 12.44 15.14 18.63
CA SER A 79 12.35 14.70 17.23
C SER A 79 13.73 14.48 16.62
N LYS A 80 14.64 15.43 16.81
CA LYS A 80 16.01 15.26 16.34
C LYS A 80 16.60 13.95 16.83
N ILE A 81 16.34 13.60 18.09
CA ILE A 81 16.96 12.43 18.69
C ILE A 81 16.43 11.15 18.07
N LEU A 82 15.12 11.07 17.82
CA LEU A 82 14.57 9.85 17.25
C LEU A 82 14.65 9.80 15.73
N LYS A 83 14.97 10.92 15.07
CA LYS A 83 15.42 10.83 13.69
C LYS A 83 16.69 10.00 13.57
N CYS A 84 17.46 9.89 14.65
CA CYS A 84 18.69 9.11 14.70
C CYS A 84 18.43 7.61 14.82
N ALA A 85 17.18 7.17 14.77
CA ALA A 85 16.85 5.76 14.89
C ALA A 85 16.40 5.20 13.54
N GLY A 86 16.82 3.98 13.25
CA GLY A 86 16.31 3.27 12.09
C GLY A 86 14.82 3.04 12.20
N ASN A 87 14.22 2.67 11.06
CA ASN A 87 12.79 2.46 11.03
C ASN A 87 12.36 1.10 11.55
N GLU A 88 13.29 0.15 11.69
CA GLU A 88 13.00 -1.14 12.30
C GLU A 88 13.77 -1.34 13.61
N ASP A 89 14.32 -0.26 14.17
CA ASP A 89 15.00 -0.35 15.45
C ASP A 89 14.03 -0.71 16.56
N ILE A 90 14.58 -1.22 17.66
CA ILE A 90 13.84 -1.43 18.89
C ILE A 90 14.15 -0.28 19.83
N ILE A 91 13.13 0.48 20.21
CA ILE A 91 13.30 1.69 20.99
C ILE A 91 12.92 1.41 22.44
N THR A 92 13.76 1.90 23.36
CA THR A 92 13.59 1.65 24.79
C THR A 92 13.70 2.97 25.54
N LEU A 93 12.63 3.36 26.22
CA LEU A 93 12.63 4.52 27.08
C LEU A 93 12.91 4.10 28.51
N ARG A 94 13.55 4.99 29.27
CA ARG A 94 14.09 4.66 30.58
C ARG A 94 14.29 5.94 31.36
N ALA A 95 13.76 5.99 32.58
CA ALA A 95 13.80 7.23 33.36
C ALA A 95 13.87 6.92 34.85
N GLU A 96 14.66 7.72 35.56
CA GLU A 96 14.69 7.72 37.02
C GLU A 96 13.67 8.72 37.54
N ASP A 97 13.12 8.47 38.74
CA ASP A 97 11.83 9.07 39.09
C ASP A 97 11.88 10.58 38.94
N ASN A 98 12.52 11.33 39.82
CA ASN A 98 12.50 12.77 39.54
C ASN A 98 13.51 12.99 38.43
N ALA A 99 12.98 12.87 37.21
CA ALA A 99 13.80 12.81 36.02
C ALA A 99 14.39 14.18 35.71
N ASP A 100 15.71 14.23 35.63
CA ASP A 100 16.38 15.35 34.98
C ASP A 100 16.57 15.09 33.50
N THR A 101 16.60 13.83 33.08
CA THR A 101 16.80 13.45 31.69
C THR A 101 15.93 12.24 31.35
N LEU A 102 15.67 12.09 30.06
CA LEU A 102 15.01 10.90 29.51
C LEU A 102 16.03 10.11 28.69
N ALA A 103 16.07 8.81 28.91
CA ALA A 103 17.04 7.95 28.24
C ALA A 103 16.38 7.16 27.12
N LEU A 104 16.95 7.23 25.93
CA LEU A 104 16.48 6.49 24.76
C LEU A 104 17.60 5.61 24.24
N VAL A 105 17.26 4.38 23.88
CA VAL A 105 18.24 3.41 23.40
C VAL A 105 17.69 2.74 22.15
N PHE A 106 18.45 2.83 21.06
CA PHE A 106 18.04 2.29 19.76
C PHE A 106 18.84 1.02 19.47
N GLU A 107 18.15 -0.11 19.40
CA GLU A 107 18.76 -1.41 19.13
C GLU A 107 18.37 -1.87 17.73
N ALA A 108 19.35 -2.05 16.86
CA ALA A 108 19.08 -2.59 15.54
C ALA A 108 18.73 -4.08 15.65
N PRO A 109 17.82 -4.58 14.81
CA PRO A 109 17.41 -5.99 14.94
C PRO A 109 18.42 -6.99 14.42
N ASN A 110 19.38 -6.59 13.58
CA ASN A 110 20.43 -7.51 13.16
C ASN A 110 21.52 -7.70 14.21
N GLN A 111 21.55 -6.82 15.22
CA GLN A 111 22.39 -6.90 16.42
C GLN A 111 23.79 -6.30 16.22
N GLU A 112 23.99 -5.60 15.10
CA GLU A 112 25.29 -4.99 14.82
C GLU A 112 25.60 -3.83 15.76
N LYS A 113 24.56 -3.09 16.18
CA LYS A 113 24.68 -1.68 16.54
C LYS A 113 23.77 -1.36 17.70
N VAL A 114 24.23 -0.47 18.57
CA VAL A 114 23.47 -0.05 19.75
C VAL A 114 23.73 1.43 19.96
N SER A 115 22.73 2.26 19.67
CA SER A 115 22.78 3.69 19.97
C SER A 115 22.05 3.96 21.27
N ASP A 116 22.53 4.94 22.03
CA ASP A 116 21.81 5.37 23.22
C ASP A 116 21.99 6.87 23.38
N TYR A 117 20.88 7.56 23.61
CA TYR A 117 20.87 9.01 23.77
C TYR A 117 20.24 9.35 25.11
N GLU A 118 20.52 10.57 25.58
CA GLU A 118 20.02 11.06 26.85
C GLU A 118 19.59 12.51 26.65
N MET A 119 18.30 12.77 26.87
CA MET A 119 17.70 14.06 26.52
C MET A 119 17.36 14.84 27.78
N LYS A 120 17.84 16.07 27.85
CA LYS A 120 17.45 16.96 28.94
C LYS A 120 15.97 17.27 28.86
N LEU A 121 15.32 17.30 30.03
CA LEU A 121 13.93 17.72 30.12
C LEU A 121 13.90 19.15 30.68
N MET A 122 12.69 19.70 30.78
CA MET A 122 12.52 21.09 31.19
C MET A 122 11.33 21.20 32.12
N ASP A 123 11.25 22.34 32.81
CA ASP A 123 10.15 22.64 33.71
C ASP A 123 9.02 23.30 32.94
N LEU A 124 7.84 22.70 32.98
CA LEU A 124 6.64 23.31 32.43
C LEU A 124 5.46 23.08 33.35
N ASP A 125 4.49 23.99 33.25
CA ASP A 125 3.19 23.86 33.91
C ASP A 125 2.16 23.67 32.81
N VAL A 126 1.57 22.49 32.75
CA VAL A 126 0.53 22.22 31.76
C VAL A 126 -0.79 22.80 32.24
N GLU A 127 -1.58 23.32 31.30
CA GLU A 127 -2.97 23.67 31.55
C GLU A 127 -3.82 22.52 31.00
N GLN A 128 -4.08 21.54 31.85
CA GLN A 128 -4.82 20.37 31.42
C GLN A 128 -6.31 20.68 31.32
N LEU A 129 -6.99 19.98 30.42
CA LEU A 129 -8.37 20.29 30.07
C LEU A 129 -9.24 19.05 30.19
N GLY A 130 -10.50 19.28 30.59
CA GLY A 130 -11.46 18.20 30.74
C GLY A 130 -12.24 17.91 29.47
N ILE A 131 -12.04 16.73 28.90
CA ILE A 131 -12.72 16.32 27.67
C ILE A 131 -13.82 15.33 28.08
N PRO A 132 -15.09 15.73 28.04
CA PRO A 132 -16.15 14.79 28.41
C PRO A 132 -16.35 13.73 27.35
N GLU A 133 -16.87 12.58 27.78
CA GLU A 133 -17.37 11.59 26.83
C GLU A 133 -18.72 12.03 26.31
N GLN A 134 -19.01 11.65 25.07
CA GLN A 134 -20.22 12.08 24.39
C GLN A 134 -20.38 11.23 23.15
N GLU A 135 -21.60 11.21 22.63
CA GLU A 135 -21.87 10.59 21.34
C GLU A 135 -22.14 11.68 20.31
N TYR A 136 -21.53 11.52 19.15
CA TYR A 136 -21.42 12.59 18.17
C TYR A 136 -22.51 12.48 17.10
N SER A 137 -22.93 13.64 16.60
CA SER A 137 -23.98 13.69 15.59
C SER A 137 -23.56 12.88 14.36
N CYS A 138 -22.34 13.10 13.87
CA CYS A 138 -21.86 12.45 12.66
C CYS A 138 -20.47 11.87 12.89
N VAL A 139 -20.27 10.64 12.41
CA VAL A 139 -19.00 9.94 12.53
C VAL A 139 -18.64 9.40 11.15
N VAL A 140 -17.63 9.99 10.52
CA VAL A 140 -17.13 9.50 9.23
C VAL A 140 -15.84 8.73 9.47
N LYS A 141 -15.66 7.64 8.75
CA LYS A 141 -14.41 6.86 8.76
C LYS A 141 -13.97 6.69 7.31
N MET A 142 -13.10 7.57 6.86
CA MET A 142 -12.56 7.56 5.51
C MET A 142 -11.08 7.17 5.53
N PRO A 143 -10.48 6.91 4.38
CA PRO A 143 -9.03 6.66 4.35
C PRO A 143 -8.25 7.94 4.60
N SER A 144 -7.13 7.80 5.31
CA SER A 144 -6.42 8.98 5.80
C SER A 144 -5.70 9.74 4.70
N GLY A 145 -5.20 9.02 3.67
CA GLY A 145 -4.58 9.72 2.56
C GLY A 145 -5.57 10.57 1.79
N GLU A 146 -6.75 10.02 1.52
CA GLU A 146 -7.83 10.79 0.91
C GLU A 146 -8.11 12.05 1.72
N PHE A 147 -8.18 11.92 3.04
CA PHE A 147 -8.43 13.08 3.89
C PHE A 147 -7.28 14.07 3.82
N ALA A 148 -6.05 13.57 3.81
CA ALA A 148 -4.89 14.46 3.75
C ALA A 148 -4.83 15.20 2.43
N ARG A 149 -5.22 14.55 1.34
CA ARG A 149 -5.23 15.20 0.04
C ARG A 149 -6.24 16.34 -0.01
N ILE A 150 -7.46 16.08 0.45
CA ILE A 150 -8.55 17.05 0.35
C ILE A 150 -8.19 18.33 1.10
N CYS A 151 -7.68 18.18 2.32
CA CYS A 151 -7.35 19.36 3.13
C CYS A 151 -6.24 20.18 2.47
N ARG A 152 -5.29 19.51 1.82
CA ARG A 152 -4.19 20.21 1.16
C ARG A 152 -4.66 20.86 -0.13
N ASP A 153 -5.49 20.16 -0.91
CA ASP A 153 -5.99 20.72 -2.16
C ASP A 153 -6.85 21.95 -1.91
N LEU A 154 -7.89 21.80 -1.09
CA LEU A 154 -8.82 22.90 -0.83
C LEU A 154 -8.12 24.12 -0.22
N SER A 155 -6.96 23.94 0.41
CA SER A 155 -6.33 25.03 1.14
C SER A 155 -5.70 26.07 0.23
N HIS A 156 -5.45 25.73 -1.04
CA HIS A 156 -5.07 26.77 -1.99
C HIS A 156 -6.29 27.49 -2.55
N ILE A 157 -7.46 26.85 -2.51
CA ILE A 157 -8.69 27.52 -2.92
C ILE A 157 -9.10 28.56 -1.87
N GLY A 158 -8.94 28.25 -0.60
CA GLY A 158 -9.36 29.17 0.44
C GLY A 158 -8.94 28.75 1.82
N ASP A 159 -9.25 29.63 2.78
CA ASP A 159 -8.76 29.53 4.15
C ASP A 159 -9.54 28.58 5.03
N ALA A 160 -10.78 28.23 4.65
CA ALA A 160 -11.65 27.49 5.56
C ALA A 160 -12.47 26.46 4.81
N VAL A 161 -12.59 25.27 5.41
CA VAL A 161 -13.36 24.17 4.83
C VAL A 161 -14.68 24.05 5.57
N VAL A 162 -15.75 23.90 4.81
CA VAL A 162 -17.07 23.61 5.35
C VAL A 162 -17.29 22.10 5.21
N ILE A 163 -17.34 21.39 6.33
CA ILE A 163 -17.68 19.98 6.34
C ILE A 163 -19.16 19.84 6.61
N SER A 164 -19.86 19.14 5.72
CA SER A 164 -21.28 18.88 5.86
C SER A 164 -21.52 17.38 5.70
N CYS A 165 -22.45 16.83 6.49
CA CYS A 165 -22.62 15.39 6.52
C CYS A 165 -24.10 15.03 6.68
N ALA A 166 -24.58 14.21 5.75
CA ALA A 166 -25.82 13.46 5.85
C ALA A 166 -25.45 11.99 5.71
N LYS A 167 -26.44 11.09 5.70
CA LYS A 167 -26.13 9.70 5.39
C LYS A 167 -26.48 9.40 3.93
N ASP A 168 -25.62 9.96 3.09
CA ASP A 168 -25.40 9.56 1.71
C ASP A 168 -23.90 9.73 1.53
N GLY A 169 -23.37 10.77 2.17
CA GLY A 169 -21.94 10.99 2.18
C GLY A 169 -21.59 12.29 2.89
N VAL A 170 -20.31 12.64 2.78
CA VAL A 170 -19.76 13.85 3.38
C VAL A 170 -19.32 14.78 2.25
N LYS A 171 -19.35 16.08 2.52
CA LYS A 171 -18.99 17.10 1.54
C LYS A 171 -18.03 18.12 2.15
N PHE A 172 -16.88 18.32 1.51
CA PHE A 172 -15.90 19.32 1.91
C PHE A 172 -15.91 20.46 0.90
N SER A 173 -15.86 21.69 1.40
CA SER A 173 -16.10 22.87 0.56
C SER A 173 -15.25 24.04 1.05
N ALA A 174 -14.86 24.90 0.11
CA ALA A 174 -14.08 26.10 0.44
C ALA A 174 -14.22 27.11 -0.69
N SER A 175 -13.88 28.37 -0.38
CA SER A 175 -14.03 29.45 -1.34
C SER A 175 -13.05 30.57 -1.03
N GLY A 176 -12.55 31.21 -2.09
CA GLY A 176 -11.63 32.31 -1.97
C GLY A 176 -11.62 33.15 -3.22
N GLU A 177 -10.65 34.07 -3.27
CA GLU A 177 -10.60 35.08 -4.34
C GLU A 177 -10.65 34.45 -5.74
N LEU A 178 -10.03 33.28 -5.91
CA LEU A 178 -9.95 32.70 -7.24
C LEU A 178 -11.20 31.91 -7.64
N GLY A 179 -12.10 31.64 -6.69
CA GLY A 179 -13.27 30.84 -6.98
C GLY A 179 -13.68 29.96 -5.81
N ASN A 180 -14.15 28.75 -6.08
CA ASN A 180 -14.58 27.84 -5.03
C ASN A 180 -14.81 26.46 -5.60
N GLY A 181 -14.85 25.47 -4.71
CA GLY A 181 -15.09 24.09 -5.11
C GLY A 181 -15.58 23.27 -3.92
N ASN A 182 -16.14 22.11 -4.25
CA ASN A 182 -16.66 21.19 -3.23
C ASN A 182 -16.35 19.75 -3.63
N ILE A 183 -16.08 18.91 -2.64
CA ILE A 183 -15.68 17.52 -2.85
C ILE A 183 -16.68 16.63 -2.10
N LYS A 184 -17.15 15.58 -2.78
CA LYS A 184 -18.24 14.74 -2.26
C LYS A 184 -17.82 13.28 -2.24
N LEU A 185 -17.70 12.72 -1.04
CA LEU A 185 -17.52 11.29 -0.86
C LEU A 185 -18.85 10.64 -0.49
N SER A 186 -19.04 9.40 -0.93
CA SER A 186 -20.23 8.62 -0.62
C SER A 186 -19.83 7.22 -0.19
N GLN A 187 -20.75 6.52 0.48
CA GLN A 187 -20.40 5.26 1.12
C GLN A 187 -20.28 4.13 0.09
N THR A 188 -19.71 3.02 0.54
CA THR A 188 -19.20 1.95 -0.31
C THR A 188 -19.84 0.60 -0.02
N SER A 189 -19.18 -0.47 -0.47
CA SER A 189 -19.59 -1.84 -0.18
C SER A 189 -18.44 -2.81 -0.46
N GLU A 194 -11.96 -1.60 1.75
CA GLU A 194 -11.86 -2.24 3.07
C GLU A 194 -11.26 -1.24 4.06
N GLU A 195 -9.97 -0.92 3.89
CA GLU A 195 -9.39 0.26 4.50
C GLU A 195 -9.34 1.43 3.53
N GLU A 196 -9.80 1.22 2.30
CA GLU A 196 -10.00 2.29 1.32
C GLU A 196 -11.46 2.71 1.23
N ALA A 197 -12.27 2.32 2.21
CA ALA A 197 -13.71 2.56 2.20
C ALA A 197 -14.05 3.81 2.99
N VAL A 198 -15.33 4.19 2.93
CA VAL A 198 -15.85 5.38 3.60
C VAL A 198 -17.20 5.05 4.21
N THR A 199 -17.24 4.87 5.53
CA THR A 199 -18.48 4.58 6.22
C THR A 199 -18.86 5.74 7.13
N ILE A 200 -20.16 5.90 7.34
CA ILE A 200 -20.72 6.95 8.17
C ILE A 200 -21.74 6.31 9.12
N GLU A 201 -21.70 6.72 10.38
CA GLU A 201 -22.78 6.49 11.32
C GLU A 201 -23.34 7.85 11.68
N MET A 202 -24.66 8.00 11.64
CA MET A 202 -25.22 9.33 11.45
C MET A 202 -26.56 9.45 12.14
N ASN A 203 -26.70 10.50 12.98
CA ASN A 203 -27.89 10.69 13.79
C ASN A 203 -28.58 12.04 13.60
N GLU A 204 -27.94 13.04 12.98
CA GLU A 204 -28.48 14.37 12.77
C GLU A 204 -27.56 15.18 11.85
N PRO A 205 -28.09 15.91 10.87
CA PRO A 205 -27.21 16.48 9.83
C PRO A 205 -26.30 17.55 10.39
N VAL A 206 -25.10 17.61 9.85
CA VAL A 206 -24.04 18.45 10.38
C VAL A 206 -23.48 19.32 9.28
N GLN A 207 -23.10 20.55 9.65
CA GLN A 207 -22.38 21.45 8.75
C GLN A 207 -21.70 22.50 9.61
N LEU A 208 -20.38 22.37 9.77
CA LEU A 208 -19.58 23.36 10.48
C LEU A 208 -18.47 23.87 9.57
N THR A 209 -17.76 24.89 10.06
CA THR A 209 -16.66 25.52 9.34
C THR A 209 -15.40 25.43 10.20
N PHE A 210 -14.27 25.11 9.57
CA PHE A 210 -13.02 24.92 10.28
C PHE A 210 -11.86 25.53 9.49
N ALA A 211 -10.90 26.09 10.23
CA ALA A 211 -9.70 26.64 9.61
C ALA A 211 -8.81 25.50 9.10
N LEU A 212 -8.51 25.53 7.80
CA LEU A 212 -7.74 24.45 7.18
C LEU A 212 -6.28 24.47 7.62
N ARG A 213 -5.75 25.64 7.97
CA ARG A 213 -4.40 25.76 8.49
C ARG A 213 -4.10 24.68 9.52
N TYR A 214 -5.04 24.46 10.43
CA TYR A 214 -4.85 23.48 11.50
C TYR A 214 -4.96 22.06 10.98
N LEU A 215 -5.90 21.81 10.06
CA LEU A 215 -6.13 20.46 9.56
C LEU A 215 -4.93 19.91 8.80
N ASN A 216 -4.10 20.78 8.23
CA ASN A 216 -2.90 20.32 7.53
C ASN A 216 -1.76 20.00 8.49
N PHE A 217 -1.84 20.46 9.74
CA PHE A 217 -0.95 19.96 10.77
C PHE A 217 -1.36 18.57 11.24
N PHE A 218 -2.68 18.34 11.34
CA PHE A 218 -3.18 17.06 11.84
C PHE A 218 -2.80 15.91 10.93
N THR A 219 -2.72 16.17 9.62
CA THR A 219 -2.47 15.11 8.66
C THR A 219 -1.01 14.62 8.67
N LYS A 220 -0.13 15.30 9.40
CA LYS A 220 1.20 14.75 9.64
C LYS A 220 1.15 13.40 10.32
N ALA A 221 0.02 13.05 10.93
CA ALA A 221 -0.18 11.76 11.58
C ALA A 221 -0.65 10.68 10.62
N THR A 222 -0.80 11.00 9.33
CA THR A 222 -1.25 10.01 8.35
C THR A 222 -0.45 8.72 8.34
N PRO A 223 0.88 8.71 8.52
CA PRO A 223 1.61 7.43 8.54
C PRO A 223 1.14 6.47 9.63
N LEU A 224 0.49 6.96 10.68
CA LEU A 224 0.13 6.08 11.78
C LEU A 224 -0.99 5.11 11.41
N SER A 225 -1.84 5.47 10.45
CA SER A 225 -3.00 4.65 10.15
C SER A 225 -3.41 4.81 8.69
N SER A 226 -3.99 3.74 8.14
CA SER A 226 -4.63 3.85 6.84
C SER A 226 -5.91 4.66 6.93
N THR A 227 -6.70 4.46 7.98
CA THR A 227 -7.98 5.10 8.15
C THR A 227 -7.89 6.25 9.14
N VAL A 228 -8.81 7.20 8.99
CA VAL A 228 -9.01 8.29 9.94
C VAL A 228 -10.51 8.43 10.15
N THR A 229 -10.92 8.72 11.38
CA THR A 229 -12.32 8.90 11.70
C THR A 229 -12.56 10.31 12.21
N LEU A 230 -13.62 10.93 11.70
CA LEU A 230 -13.98 12.31 12.03
C LEU A 230 -15.31 12.30 12.77
N SER A 231 -15.38 13.05 13.87
CA SER A 231 -16.57 13.12 14.71
C SER A 231 -17.02 14.56 14.85
N MET A 232 -18.29 14.82 14.58
CA MET A 232 -18.80 16.18 14.52
C MET A 232 -20.16 16.28 15.21
N SER A 233 -20.35 17.40 15.92
CA SER A 233 -21.65 17.83 16.38
C SER A 233 -21.67 19.35 16.37
N ALA A 234 -22.87 19.92 16.42
CA ALA A 234 -23.01 21.37 16.30
C ALA A 234 -22.27 22.07 17.44
N ASP A 235 -21.52 23.12 17.08
CA ASP A 235 -20.89 24.03 18.03
C ASP A 235 -19.98 23.30 19.03
N VAL A 236 -19.39 22.18 18.62
CA VAL A 236 -18.39 21.50 19.44
C VAL A 236 -17.22 21.13 18.53
N PRO A 237 -16.01 20.98 19.11
CA PRO A 237 -14.82 20.79 18.27
C PRO A 237 -14.88 19.51 17.44
N LEU A 238 -14.25 19.59 16.26
CA LEU A 238 -14.04 18.42 15.42
C LEU A 238 -12.97 17.52 16.05
N VAL A 239 -13.15 16.21 15.90
CA VAL A 239 -12.21 15.23 16.43
C VAL A 239 -11.66 14.42 15.27
N VAL A 240 -10.40 14.67 14.93
CA VAL A 240 -9.66 13.91 13.93
C VAL A 240 -8.86 12.85 14.68
N GLU A 241 -9.21 11.57 14.48
CA GLU A 241 -8.66 10.49 15.28
C GLU A 241 -7.86 9.53 14.41
N TYR A 242 -6.62 9.24 14.83
CA TYR A 242 -5.76 8.28 14.16
C TYR A 242 -5.47 7.14 15.12
N LYS A 243 -5.89 5.93 14.74
CA LYS A 243 -5.63 4.76 15.57
C LYS A 243 -4.16 4.37 15.49
N ILE A 244 -3.63 3.89 16.61
CA ILE A 244 -2.25 3.41 16.68
C ILE A 244 -2.34 1.92 17.02
N ALA A 245 -2.36 1.10 15.96
CA ALA A 245 -2.75 -0.32 15.97
C ALA A 245 -2.56 -1.05 17.29
N ASP A 246 -3.67 -1.32 17.98
CA ASP A 246 -3.71 -2.13 19.19
C ASP A 246 -2.70 -1.64 20.23
N MET A 247 -2.87 -0.38 20.63
CA MET A 247 -1.92 0.27 21.52
C MET A 247 -2.48 1.59 22.04
N GLY A 248 -3.25 2.28 21.21
CA GLY A 248 -3.81 3.56 21.60
C GLY A 248 -4.33 4.38 20.44
N HIS A 249 -4.15 5.69 20.50
CA HIS A 249 -4.68 6.58 19.46
C HIS A 249 -4.01 7.94 19.57
N LEU A 250 -4.23 8.76 18.54
CA LEU A 250 -3.79 10.14 18.50
C LEU A 250 -4.95 10.98 17.99
N LYS A 251 -5.43 11.91 18.81
CA LYS A 251 -6.62 12.68 18.51
C LYS A 251 -6.29 14.16 18.46
N TYR A 252 -6.69 14.82 17.38
CA TYR A 252 -6.59 16.26 17.25
C TYR A 252 -7.98 16.86 17.41
N TYR A 253 -8.08 17.91 18.22
CA TYR A 253 -9.33 18.61 18.47
C TYR A 253 -9.24 20.01 17.88
N LEU A 254 -10.29 20.45 17.20
CA LEU A 254 -10.28 21.74 16.53
C LEU A 254 -11.62 22.43 16.71
N ALA A 255 -11.59 23.64 17.26
CA ALA A 255 -12.80 24.40 17.51
C ALA A 255 -13.34 25.00 16.21
N PRO A 256 -14.65 25.11 16.08
CA PRO A 256 -15.25 25.68 14.86
C PRO A 256 -15.24 27.20 14.93
N LYS A 257 -15.83 27.81 13.90
CA LYS A 257 -15.70 29.24 13.68
C LYS A 257 -16.91 30.01 14.22
N ILE A 258 -16.89 31.33 14.00
CA ILE A 258 -17.69 32.32 14.73
C ILE A 258 -17.95 31.91 16.19
N MET B 4 48.94 14.87 -26.75
CA MET B 4 49.98 14.99 -25.73
C MET B 4 49.60 14.18 -24.50
N PHE B 5 48.47 14.53 -23.89
CA PHE B 5 47.87 13.73 -22.83
C PHE B 5 46.47 13.31 -23.28
N GLU B 6 46.18 12.02 -23.18
CA GLU B 6 44.91 11.49 -23.67
C GLU B 6 44.56 10.24 -22.88
N ALA B 7 43.55 10.34 -22.01
CA ALA B 7 43.07 9.24 -21.21
C ALA B 7 41.64 8.90 -21.60
N ARG B 8 41.28 7.62 -21.47
CA ARG B 8 39.96 7.13 -21.84
C ARG B 8 39.43 6.26 -20.70
N LEU B 9 38.21 6.59 -20.23
CA LEU B 9 37.60 5.94 -19.07
C LEU B 9 36.24 5.38 -19.48
N VAL B 10 36.11 4.05 -19.47
CA VAL B 10 34.91 3.43 -20.01
C VAL B 10 33.73 3.61 -19.06
N GLN B 11 33.94 3.40 -17.76
CA GLN B 11 32.91 3.64 -16.76
C GLN B 11 33.15 5.04 -16.21
N GLY B 12 32.48 6.01 -16.82
CA GLY B 12 32.76 7.37 -16.43
C GLY B 12 31.97 7.91 -15.26
N SER B 13 31.04 7.11 -14.73
CA SER B 13 30.45 7.43 -13.44
C SER B 13 31.52 7.73 -12.41
N ILE B 14 32.66 7.04 -12.50
CA ILE B 14 33.77 7.25 -11.58
C ILE B 14 34.17 8.72 -11.54
N LEU B 15 34.47 9.29 -12.70
CA LEU B 15 34.97 10.67 -12.74
C LEU B 15 33.92 11.67 -12.29
N LYS B 16 32.64 11.40 -12.58
CA LYS B 16 31.58 12.27 -12.08
C LYS B 16 31.51 12.22 -10.56
N LYS B 17 31.62 11.02 -9.99
CA LYS B 17 31.53 10.88 -8.54
C LYS B 17 32.70 11.54 -7.83
N VAL B 18 33.90 11.46 -8.41
CA VAL B 18 35.08 12.07 -7.80
C VAL B 18 34.89 13.57 -7.69
N LEU B 19 34.34 14.20 -8.73
CA LEU B 19 34.09 15.64 -8.68
C LEU B 19 33.00 15.99 -7.68
N GLU B 20 31.94 15.17 -7.62
CA GLU B 20 30.89 15.38 -6.64
C GLU B 20 31.41 15.33 -5.21
N ALA B 21 32.47 14.57 -4.98
CA ALA B 21 33.04 14.40 -3.65
C ALA B 21 34.12 15.42 -3.33
N LEU B 22 34.33 16.42 -4.18
CA LEU B 22 35.40 17.39 -3.92
C LEU B 22 34.94 18.83 -4.11
N LYS B 23 33.95 19.06 -4.98
CA LYS B 23 33.60 20.42 -5.36
C LYS B 23 33.19 21.27 -4.16
N ASP B 24 32.57 20.66 -3.15
CA ASP B 24 32.05 21.43 -2.02
C ASP B 24 33.08 21.61 -0.92
N LEU B 25 34.05 20.72 -0.80
CA LEU B 25 35.12 20.91 0.18
C LEU B 25 36.20 21.84 -0.35
N ILE B 26 36.56 21.71 -1.61
CA ILE B 26 37.65 22.48 -2.21
C ILE B 26 37.17 23.09 -3.52
N ASN B 27 37.32 24.41 -3.67
CA ASN B 27 36.88 25.09 -4.87
C ASN B 27 37.80 24.79 -6.04
N GLU B 28 39.11 24.94 -5.83
CA GLU B 28 40.09 24.93 -6.91
C GLU B 28 41.33 24.19 -6.46
N ALA B 29 41.82 23.28 -7.29
CA ALA B 29 42.99 22.49 -6.97
C ALA B 29 43.83 22.31 -8.24
N CYS B 30 45.03 21.79 -8.05
CA CYS B 30 45.94 21.49 -9.16
C CYS B 30 45.87 20.00 -9.47
N TRP B 31 45.72 19.66 -10.75
CA TRP B 31 45.73 18.28 -11.21
C TRP B 31 47.09 18.00 -11.83
N ASP B 32 47.88 17.14 -11.19
CA ASP B 32 49.17 16.72 -11.70
C ASP B 32 48.99 15.45 -12.53
N ILE B 33 49.16 15.56 -13.84
CA ILE B 33 49.07 14.41 -14.73
C ILE B 33 50.46 13.97 -15.12
N SER B 34 50.66 12.66 -15.10
CA SER B 34 51.94 12.05 -15.42
C SER B 34 51.66 10.67 -16.00
N SER B 35 52.72 9.97 -16.36
CA SER B 35 52.55 8.66 -16.98
C SER B 35 52.00 7.63 -16.00
N SER B 36 52.23 7.81 -14.70
CA SER B 36 51.73 6.85 -13.73
C SER B 36 50.25 7.07 -13.44
N GLY B 37 49.79 8.32 -13.44
CA GLY B 37 48.38 8.59 -13.27
C GLY B 37 48.14 10.00 -12.78
N VAL B 38 46.90 10.25 -12.37
CA VAL B 38 46.48 11.54 -11.84
C VAL B 38 46.74 11.58 -10.35
N ASN B 39 47.28 12.70 -9.88
CA ASN B 39 47.55 12.90 -8.46
CA ASN B 39 47.57 12.90 -8.47
C ASN B 39 47.17 14.32 -8.08
N LEU B 40 46.32 14.45 -7.05
CA LEU B 40 45.88 15.75 -6.58
C LEU B 40 45.93 15.77 -5.06
N GLN B 41 46.44 16.88 -4.52
CA GLN B 41 46.42 17.13 -3.08
C GLN B 41 46.00 18.58 -2.85
N SER B 42 45.10 18.78 -1.89
CA SER B 42 44.64 20.12 -1.56
C SER B 42 44.12 20.16 -0.14
N MET B 43 44.40 21.26 0.55
CA MET B 43 43.71 21.58 1.79
C MET B 43 42.41 22.31 1.47
N ASP B 44 41.56 22.44 2.48
CA ASP B 44 40.43 23.33 2.35
C ASP B 44 40.86 24.73 2.82
N SER B 45 39.94 25.70 2.73
CA SER B 45 40.31 27.09 2.98
C SER B 45 40.77 27.31 4.41
N SER B 46 40.25 26.53 5.36
CA SER B 46 40.61 26.72 6.76
C SER B 46 41.92 26.06 7.14
N HIS B 47 42.45 25.17 6.28
CA HIS B 47 43.66 24.39 6.55
C HIS B 47 43.45 23.39 7.68
N VAL B 48 42.22 22.93 7.87
CA VAL B 48 41.90 21.97 8.93
C VAL B 48 41.80 20.57 8.33
N SER B 49 41.40 20.49 7.06
CA SER B 49 41.31 19.22 6.38
C SER B 49 42.10 19.26 5.08
N LEU B 50 42.41 18.08 4.57
CA LEU B 50 43.15 17.93 3.32
C LEU B 50 42.61 16.72 2.58
N VAL B 51 42.52 16.84 1.26
CA VAL B 51 42.09 15.73 0.42
C VAL B 51 43.25 15.34 -0.50
N GLN B 52 43.33 14.04 -0.78
CA GLN B 52 44.40 13.50 -1.61
C GLN B 52 43.81 12.43 -2.52
N LEU B 53 43.79 12.70 -3.83
CA LEU B 53 43.23 11.80 -4.82
C LEU B 53 44.36 11.13 -5.59
N THR B 54 44.15 9.87 -5.94
CA THR B 54 45.15 9.09 -6.68
C THR B 54 44.42 8.19 -7.67
N LEU B 55 44.64 8.42 -8.96
CA LEU B 55 44.04 7.63 -10.03
C LEU B 55 45.16 7.12 -10.92
N ARG B 56 45.34 5.81 -10.98
CA ARG B 56 46.46 5.22 -11.69
C ARG B 56 46.13 5.03 -13.17
N SER B 57 47.16 5.18 -14.00
CA SER B 57 47.01 4.93 -15.43
C SER B 57 46.51 3.53 -15.73
N GLU B 58 46.90 2.56 -14.90
CA GLU B 58 46.47 1.18 -15.09
C GLU B 58 44.96 1.04 -15.12
N GLY B 59 44.22 1.98 -14.53
CA GLY B 59 42.78 1.87 -14.39
C GLY B 59 41.97 2.43 -15.54
N PHE B 60 42.53 3.41 -16.25
CA PHE B 60 41.90 3.87 -17.48
C PHE B 60 41.95 2.76 -18.53
N ASP B 61 41.15 2.92 -19.59
CA ASP B 61 41.18 1.92 -20.65
C ASP B 61 42.25 2.18 -21.69
N THR B 62 42.54 3.45 -21.99
CA THR B 62 43.75 3.82 -22.71
C THR B 62 44.32 5.07 -22.08
N TYR B 63 45.58 5.00 -21.66
CA TYR B 63 46.26 6.11 -21.00
C TYR B 63 47.58 6.39 -21.70
N ARG B 64 47.86 7.66 -21.93
CA ARG B 64 49.12 8.07 -22.55
C ARG B 64 49.37 9.53 -22.24
N CYS B 65 50.45 9.81 -21.54
CA CYS B 65 50.85 11.17 -21.16
C CYS B 65 52.33 11.32 -21.46
N ASP B 66 52.65 12.12 -22.48
CA ASP B 66 54.04 12.22 -22.93
C ASP B 66 54.91 13.00 -21.94
N ARG B 67 54.36 14.02 -21.27
CA ARG B 67 55.09 14.68 -20.20
C ARG B 67 54.15 15.26 -19.16
N ASN B 68 54.70 15.46 -17.96
CA ASN B 68 54.06 16.13 -16.83
C ASN B 68 53.34 17.42 -17.23
N LEU B 69 52.32 17.74 -16.43
CA LEU B 69 51.41 18.85 -16.69
C LEU B 69 50.67 19.19 -15.41
N ALA B 70 50.61 20.48 -15.09
CA ALA B 70 50.02 20.95 -13.84
C ALA B 70 48.79 21.80 -14.15
N MET B 71 47.67 21.13 -14.41
CA MET B 71 46.43 21.82 -14.76
C MET B 71 45.81 22.41 -13.50
N GLY B 72 45.69 23.74 -13.46
CA GLY B 72 44.89 24.36 -12.43
C GLY B 72 43.44 24.38 -12.86
N VAL B 73 42.55 23.73 -12.10
CA VAL B 73 41.16 23.60 -12.52
C VAL B 73 40.26 24.15 -11.42
N ASN B 74 39.23 24.87 -11.83
CA ASN B 74 38.11 25.22 -10.97
C ASN B 74 37.18 24.02 -10.89
N LEU B 75 37.01 23.47 -9.68
CA LEU B 75 36.33 22.18 -9.56
C LEU B 75 34.81 22.30 -9.66
N THR B 76 34.24 23.46 -9.30
CA THR B 76 32.82 23.66 -9.54
C THR B 76 32.53 23.70 -11.04
N SER B 77 33.33 24.46 -11.78
CA SER B 77 33.14 24.52 -13.23
C SER B 77 33.41 23.17 -13.88
N MET B 78 34.32 22.37 -13.32
CA MET B 78 34.50 21.02 -13.82
C MET B 78 33.30 20.15 -13.48
N SER B 79 32.74 20.32 -12.27
CA SER B 79 31.56 19.55 -11.88
C SER B 79 30.36 19.89 -12.76
N LYS B 80 30.19 21.18 -13.07
CA LYS B 80 29.13 21.59 -13.98
C LYS B 80 29.23 20.84 -15.30
N ILE B 81 30.41 20.87 -15.93
CA ILE B 81 30.61 20.18 -17.19
C ILE B 81 30.38 18.68 -17.03
N LEU B 82 30.89 18.10 -15.94
CA LEU B 82 30.78 16.66 -15.74
C LEU B 82 29.32 16.20 -15.64
N LYS B 83 28.45 17.04 -15.09
CA LYS B 83 27.03 16.67 -14.97
C LYS B 83 26.38 16.46 -16.32
N CYS B 84 26.94 17.04 -17.39
CA CYS B 84 26.38 16.89 -18.72
C CYS B 84 26.69 15.54 -19.35
N ALA B 85 27.33 14.64 -18.63
CA ALA B 85 27.59 13.28 -19.08
C ALA B 85 26.65 12.31 -18.38
N GLY B 86 26.22 11.29 -19.11
CA GLY B 86 25.45 10.23 -18.49
C GLY B 86 26.31 9.34 -17.62
N ASN B 87 25.66 8.55 -16.77
CA ASN B 87 26.38 7.72 -15.81
C ASN B 87 27.13 6.57 -16.48
N GLU B 88 26.72 6.14 -17.67
CA GLU B 88 27.44 5.12 -18.40
C GLU B 88 28.09 5.65 -19.68
N ASP B 89 28.35 6.96 -19.74
CA ASP B 89 29.08 7.54 -20.86
C ASP B 89 30.57 7.21 -20.74
N ILE B 90 31.23 7.09 -21.88
CA ILE B 90 32.67 6.83 -21.94
C ILE B 90 33.37 8.18 -22.05
N ILE B 91 33.92 8.66 -20.94
CA ILE B 91 34.60 9.96 -20.95
C ILE B 91 36.04 9.78 -21.45
N THR B 92 36.54 10.85 -22.07
CA THR B 92 37.91 10.92 -22.57
C THR B 92 38.47 12.30 -22.23
N LEU B 93 39.67 12.32 -21.67
CA LEU B 93 40.35 13.57 -21.34
C LEU B 93 41.45 13.84 -22.36
N ARG B 94 41.62 15.12 -22.73
CA ARG B 94 42.62 15.52 -23.69
C ARG B 94 43.20 16.87 -23.30
N ALA B 95 44.52 17.00 -23.45
CA ALA B 95 45.20 18.29 -23.25
C ALA B 95 46.56 18.20 -23.92
N GLU B 96 47.15 19.37 -24.20
CA GLU B 96 48.42 19.43 -24.90
C GLU B 96 49.37 20.42 -24.22
N ASP B 97 50.65 20.34 -24.63
CA ASP B 97 51.82 20.66 -23.80
C ASP B 97 51.55 21.56 -22.60
N ASN B 98 51.64 22.90 -22.72
CA ASN B 98 51.25 23.72 -21.57
C ASN B 98 49.79 24.05 -21.77
N ALA B 99 48.94 23.27 -21.10
CA ALA B 99 47.51 23.29 -21.37
C ALA B 99 46.89 24.62 -20.99
N ASP B 100 46.23 25.25 -21.96
CA ASP B 100 45.35 26.38 -21.70
C ASP B 100 43.94 25.92 -21.35
N THR B 101 43.48 24.86 -22.00
CA THR B 101 42.18 24.25 -21.72
C THR B 101 42.32 22.75 -21.67
N LEU B 102 41.41 22.11 -20.94
CA LEU B 102 41.28 20.66 -20.88
C LEU B 102 40.05 20.25 -21.67
N ALA B 103 40.16 19.18 -22.44
CA ALA B 103 39.08 18.70 -23.28
C ALA B 103 38.41 17.48 -22.66
N LEU B 104 37.07 17.47 -22.71
CA LEU B 104 36.28 16.34 -22.25
C LEU B 104 35.37 15.89 -23.38
N VAL B 105 35.31 14.58 -23.61
CA VAL B 105 34.49 14.00 -24.65
C VAL B 105 33.63 12.91 -24.02
N PHE B 106 32.32 13.11 -24.02
CA PHE B 106 31.38 12.12 -23.54
C PHE B 106 30.76 11.40 -24.72
N GLU B 107 30.88 10.07 -24.74
CA GLU B 107 30.27 9.23 -25.76
C GLU B 107 29.20 8.36 -25.12
N ALA B 108 27.98 8.43 -25.64
CA ALA B 108 26.98 7.46 -25.25
C ALA B 108 27.40 6.06 -25.68
N PRO B 109 27.00 5.02 -24.94
CA PRO B 109 27.26 3.64 -25.40
C PRO B 109 26.18 3.05 -26.32
N ASN B 110 25.11 3.76 -26.64
CA ASN B 110 24.26 3.29 -27.73
C ASN B 110 24.82 3.72 -29.08
N GLN B 111 25.71 4.72 -29.08
CA GLN B 111 26.35 5.30 -30.27
C GLN B 111 25.34 5.99 -31.19
N GLU B 112 24.77 7.09 -30.67
CA GLU B 112 24.16 8.09 -31.51
C GLU B 112 24.55 9.50 -31.08
N LYS B 113 25.17 9.65 -29.91
CA LYS B 113 25.39 10.92 -29.24
C LYS B 113 26.86 11.09 -28.88
N VAL B 114 27.41 12.27 -29.17
CA VAL B 114 28.77 12.59 -28.78
C VAL B 114 28.86 14.02 -28.29
N SER B 115 28.90 14.21 -26.97
CA SER B 115 29.11 15.53 -26.40
C SER B 115 30.60 15.87 -26.36
N ASP B 116 30.90 17.16 -26.25
CA ASP B 116 32.25 17.65 -26.57
C ASP B 116 32.46 19.01 -25.93
N TYR B 117 32.99 19.03 -24.71
CA TYR B 117 33.19 20.25 -23.94
C TYR B 117 34.67 20.59 -23.83
N GLU B 118 34.93 21.83 -23.40
CA GLU B 118 36.28 22.37 -23.32
C GLU B 118 36.32 23.38 -22.18
N MET B 119 37.17 23.12 -21.19
CA MET B 119 37.13 23.83 -19.91
C MET B 119 38.30 24.80 -19.77
N LYS B 120 37.98 26.05 -19.43
CA LYS B 120 39.01 27.05 -19.15
C LYS B 120 39.74 26.68 -17.87
N LEU B 121 41.05 26.49 -17.98
CA LEU B 121 41.89 26.23 -16.82
C LEU B 121 42.29 27.56 -16.17
N MET B 122 43.00 27.48 -15.04
CA MET B 122 43.37 28.69 -14.30
C MET B 122 44.75 28.52 -13.69
N ASP B 123 45.26 29.60 -13.12
CA ASP B 123 46.61 29.67 -12.58
C ASP B 123 46.57 29.54 -11.06
N LEU B 124 47.27 28.53 -10.54
CA LEU B 124 47.38 28.30 -9.11
C LEU B 124 48.82 27.94 -8.77
N ASP B 125 49.26 28.33 -7.59
CA ASP B 125 50.49 27.80 -7.00
C ASP B 125 50.12 27.08 -5.72
N VAL B 126 50.34 25.77 -5.70
CA VAL B 126 49.84 24.92 -4.62
C VAL B 126 50.85 24.87 -3.49
N GLU B 127 50.35 24.57 -2.29
CA GLU B 127 51.14 24.32 -1.09
C GLU B 127 51.11 22.83 -0.82
N GLN B 128 51.90 22.07 -1.56
CA GLN B 128 51.92 20.62 -1.38
C GLN B 128 52.63 20.27 -0.06
N LEU B 129 52.13 19.23 0.60
CA LEU B 129 52.57 18.85 1.93
C LEU B 129 53.10 17.42 1.93
N GLY B 130 54.04 17.15 2.83
CA GLY B 130 54.66 15.84 2.92
C GLY B 130 53.92 14.86 3.81
N ILE B 131 53.28 13.87 3.21
CA ILE B 131 52.55 12.84 3.94
C ILE B 131 53.35 11.54 3.89
N PRO B 132 54.16 11.24 4.90
CA PRO B 132 54.91 9.98 4.90
C PRO B 132 53.97 8.79 5.14
N GLU B 133 54.55 7.60 4.99
CA GLU B 133 53.87 6.40 5.43
C GLU B 133 53.89 6.33 6.95
N GLN B 134 52.87 5.70 7.52
CA GLN B 134 52.84 5.42 8.94
C GLN B 134 51.79 4.36 9.21
N GLU B 135 51.98 3.62 10.29
CA GLU B 135 50.97 2.72 10.81
C GLU B 135 50.20 3.42 11.91
N TYR B 136 48.90 3.15 11.97
CA TYR B 136 48.00 3.87 12.85
C TYR B 136 47.54 2.97 13.99
N SER B 137 47.45 3.54 15.19
CA SER B 137 47.06 2.77 16.38
C SER B 137 45.79 1.97 16.13
N CYS B 138 44.79 2.61 15.55
CA CYS B 138 43.53 1.95 15.21
C CYS B 138 43.17 2.26 13.77
N VAL B 139 42.77 1.22 13.04
CA VAL B 139 42.08 1.38 11.77
C VAL B 139 40.83 0.50 11.83
N VAL B 140 39.71 1.05 11.38
CA VAL B 140 38.43 0.37 11.39
C VAL B 140 37.83 0.44 10.00
N LYS B 141 37.28 -0.68 9.54
CA LYS B 141 36.71 -0.80 8.20
C LYS B 141 35.23 -1.13 8.34
N MET B 142 34.37 -0.21 7.92
CA MET B 142 32.93 -0.33 8.08
C MET B 142 32.23 0.08 6.79
N PRO B 143 30.93 -0.16 6.66
CA PRO B 143 30.22 0.33 5.46
C PRO B 143 30.21 1.85 5.40
N SER B 144 30.32 2.38 4.18
CA SER B 144 30.37 3.83 4.01
C SER B 144 29.01 4.48 4.22
N GLY B 145 27.93 3.78 3.87
CA GLY B 145 26.61 4.31 4.16
C GLY B 145 26.36 4.49 5.65
N GLU B 146 26.88 3.55 6.45
CA GLU B 146 26.73 3.64 7.90
C GLU B 146 27.49 4.86 8.44
N PHE B 147 28.78 4.96 8.12
CA PHE B 147 29.59 6.06 8.62
C PHE B 147 29.03 7.42 8.20
N ALA B 148 28.37 7.48 7.04
CA ALA B 148 27.71 8.72 6.64
C ALA B 148 26.45 8.96 7.48
N ARG B 149 25.63 7.92 7.64
CA ARG B 149 24.45 8.00 8.49
C ARG B 149 24.82 8.47 9.90
N ILE B 150 25.93 7.97 10.44
CA ILE B 150 26.31 8.29 11.81
C ILE B 150 26.77 9.74 11.92
N CYS B 151 27.61 10.19 10.98
CA CYS B 151 28.11 11.56 11.03
C CYS B 151 27.00 12.58 10.82
N ARG B 152 26.00 12.23 10.02
CA ARG B 152 24.88 13.12 9.78
C ARG B 152 24.01 13.26 11.02
N ASP B 153 23.64 12.13 11.63
CA ASP B 153 22.74 12.15 12.78
C ASP B 153 23.39 12.85 13.97
N LEU B 154 24.66 12.56 14.25
CA LEU B 154 25.30 13.12 15.43
C LEU B 154 25.44 14.63 15.36
N SER B 155 25.42 15.22 14.16
CA SER B 155 25.47 16.67 14.06
C SER B 155 24.16 17.32 14.49
N HIS B 156 23.05 16.56 14.48
CA HIS B 156 21.81 17.08 15.04
C HIS B 156 21.93 17.29 16.55
N ILE B 157 22.83 16.57 17.21
CA ILE B 157 22.97 16.63 18.66
C ILE B 157 24.04 17.66 19.04
N GLY B 158 25.25 17.51 18.51
CA GLY B 158 26.34 18.42 18.79
C GLY B 158 27.23 18.58 17.57
N ASP B 159 28.10 19.58 17.63
CA ASP B 159 28.92 19.93 16.47
C ASP B 159 30.34 19.35 16.54
N ALA B 160 30.58 18.39 17.43
CA ALA B 160 31.87 17.71 17.49
C ALA B 160 31.64 16.26 17.87
N VAL B 161 32.46 15.37 17.31
CA VAL B 161 32.33 13.94 17.52
C VAL B 161 33.57 13.44 18.26
N VAL B 162 33.35 12.50 19.19
CA VAL B 162 34.42 11.81 19.90
C VAL B 162 34.43 10.38 19.40
N ILE B 163 35.48 10.00 18.66
CA ILE B 163 35.63 8.64 18.17
C ILE B 163 36.55 7.89 19.12
N SER B 164 36.07 6.75 19.62
CA SER B 164 36.79 5.94 20.59
C SER B 164 36.83 4.51 20.06
N CYS B 165 38.03 4.01 19.81
CA CYS B 165 38.22 2.65 19.31
C CYS B 165 39.02 1.86 20.33
N ALA B 166 38.61 0.61 20.55
CA ALA B 166 39.24 -0.23 21.55
C ALA B 166 39.01 -1.69 21.19
N LYS B 167 39.50 -2.58 22.04
CA LYS B 167 39.37 -4.02 21.81
C LYS B 167 37.95 -4.50 22.05
N ASP B 168 37.12 -4.41 21.00
CA ASP B 168 35.76 -4.96 20.87
C ASP B 168 34.99 -4.18 19.82
N GLY B 169 35.07 -2.86 19.87
CA GLY B 169 34.28 -2.03 18.97
C GLY B 169 34.71 -0.58 19.02
N VAL B 170 34.01 0.22 18.23
CA VAL B 170 34.29 1.64 18.07
C VAL B 170 33.06 2.43 18.49
N LYS B 171 33.28 3.61 19.07
CA LYS B 171 32.21 4.43 19.61
C LYS B 171 32.34 5.86 19.10
N PHE B 172 31.27 6.36 18.49
CA PHE B 172 31.14 7.77 18.14
C PHE B 172 30.17 8.44 19.12
N SER B 173 30.52 9.64 19.55
CA SER B 173 29.73 10.31 20.58
C SER B 173 29.70 11.81 20.34
N ALA B 174 28.58 12.43 20.71
CA ALA B 174 28.40 13.86 20.59
C ALA B 174 27.56 14.35 21.76
N SER B 175 27.63 15.66 22.01
CA SER B 175 26.89 16.26 23.10
C SER B 175 26.63 17.73 22.79
N GLY B 176 25.40 18.17 23.02
CA GLY B 176 25.03 19.55 22.74
C GLY B 176 24.05 20.14 23.75
N GLU B 177 23.41 21.24 23.39
CA GLU B 177 22.50 21.88 24.32
CA GLU B 177 22.48 21.90 24.29
C GLU B 177 21.29 21.01 24.63
N LEU B 178 20.83 20.22 23.65
CA LEU B 178 19.65 19.40 23.86
C LEU B 178 19.92 18.05 24.53
N GLY B 179 21.18 17.64 24.61
CA GLY B 179 21.48 16.37 25.25
C GLY B 179 22.81 15.82 24.75
N ASN B 180 22.89 14.49 24.68
CA ASN B 180 24.08 13.81 24.17
C ASN B 180 23.70 12.42 23.70
N GLY B 181 24.65 11.75 23.05
CA GLY B 181 24.41 10.43 22.50
C GLY B 181 25.68 9.67 22.20
N ASN B 182 25.54 8.35 22.15
CA ASN B 182 26.63 7.44 21.83
C ASN B 182 26.14 6.45 20.76
N ILE B 183 27.03 6.09 19.85
CA ILE B 183 26.78 5.03 18.88
C ILE B 183 27.94 4.06 18.90
N LYS B 184 27.64 2.77 19.08
CA LYS B 184 28.65 1.73 19.28
C LYS B 184 28.47 0.63 18.24
N LEU B 185 29.53 0.36 17.48
CA LEU B 185 29.55 -0.75 16.54
C LEU B 185 30.62 -1.76 16.93
N SER B 186 30.34 -3.03 16.67
CA SER B 186 31.20 -4.13 17.07
C SER B 186 31.54 -4.97 15.85
N GLN B 187 32.59 -5.77 15.99
CA GLN B 187 33.02 -6.63 14.89
C GLN B 187 31.94 -7.65 14.55
N THR B 188 32.07 -8.25 13.37
CA THR B 188 30.99 -9.03 12.77
C THR B 188 31.48 -10.44 12.45
N SER B 189 30.55 -11.26 11.95
CA SER B 189 30.80 -12.66 11.66
C SER B 189 29.74 -13.22 10.72
N GLU B 194 31.16 -9.05 3.75
CA GLU B 194 31.77 -8.43 2.58
C GLU B 194 31.64 -6.90 2.63
N GLU B 195 30.48 -6.41 2.20
CA GLU B 195 30.15 -5.00 2.19
C GLU B 195 29.56 -4.52 3.51
N GLU B 196 29.06 -5.45 4.33
CA GLU B 196 28.34 -5.10 5.56
C GLU B 196 29.12 -5.48 6.81
N ALA B 197 30.45 -5.57 6.72
CA ALA B 197 31.27 -6.13 7.78
C ALA B 197 32.09 -5.04 8.47
N VAL B 198 32.10 -5.06 9.80
CA VAL B 198 32.93 -4.18 10.61
C VAL B 198 34.12 -4.97 11.12
N THR B 199 35.32 -4.42 10.97
CA THR B 199 36.56 -5.04 11.40
C THR B 199 37.49 -3.96 11.94
N ILE B 200 38.22 -4.29 13.01
CA ILE B 200 39.01 -3.30 13.73
C ILE B 200 40.42 -3.85 13.96
N GLU B 201 41.40 -3.27 13.26
CA GLU B 201 42.81 -3.56 13.53
C GLU B 201 43.26 -2.70 14.70
N MET B 202 43.39 -3.34 15.86
CA MET B 202 43.66 -2.66 17.12
C MET B 202 45.11 -2.89 17.52
N ASN B 203 45.86 -1.81 17.69
CA ASN B 203 47.19 -1.89 18.27
C ASN B 203 47.27 -1.33 19.68
N GLU B 204 46.43 -0.33 20.00
CA GLU B 204 46.30 0.25 21.34
C GLU B 204 45.14 1.24 21.33
N PRO B 205 44.47 1.45 22.47
CA PRO B 205 43.24 2.25 22.47
C PRO B 205 43.45 3.69 22.02
N VAL B 206 42.41 4.25 21.40
CA VAL B 206 42.42 5.61 20.91
C VAL B 206 41.14 6.31 21.36
N GLN B 207 41.22 7.63 21.53
CA GLN B 207 40.04 8.45 21.79
C GLN B 207 40.34 9.85 21.30
N LEU B 208 39.73 10.25 20.19
CA LEU B 208 40.01 11.53 19.55
C LEU B 208 38.71 12.30 19.32
N THR B 209 38.88 13.59 19.03
CA THR B 209 37.77 14.52 18.86
C THR B 209 37.94 15.28 17.56
N PHE B 210 36.89 15.31 16.73
CA PHE B 210 36.95 15.95 15.43
C PHE B 210 35.68 16.77 15.19
N ALA B 211 35.85 17.88 14.48
CA ALA B 211 34.71 18.71 14.09
C ALA B 211 33.86 17.96 13.06
N LEU B 212 32.56 17.86 13.33
CA LEU B 212 31.69 17.01 12.52
C LEU B 212 31.39 17.60 11.14
N ARG B 213 31.45 18.93 11.00
CA ARG B 213 31.03 19.52 9.73
C ARG B 213 31.97 19.12 8.61
N TYR B 214 33.26 18.97 8.89
CA TYR B 214 34.20 18.50 7.89
C TYR B 214 33.89 17.07 7.48
N LEU B 215 33.55 16.22 8.44
CA LEU B 215 33.25 14.82 8.13
C LEU B 215 32.06 14.69 7.18
N ASN B 216 31.12 15.63 7.25
CA ASN B 216 29.95 15.58 6.37
C ASN B 216 30.24 16.06 4.96
N PHE B 217 31.38 16.73 4.75
CA PHE B 217 31.91 16.86 3.40
C PHE B 217 32.52 15.54 2.94
N PHE B 218 33.37 14.95 3.77
CA PHE B 218 34.05 13.70 3.42
C PHE B 218 33.07 12.64 2.93
N THR B 219 31.90 12.58 3.57
CA THR B 219 30.92 11.54 3.26
C THR B 219 30.31 11.68 1.87
N LYS B 220 30.55 12.80 1.18
CA LYS B 220 30.13 12.91 -0.22
C LYS B 220 30.79 11.85 -1.09
N ALA B 221 31.85 11.21 -0.61
CA ALA B 221 32.55 10.17 -1.34
C ALA B 221 31.90 8.80 -1.21
N THR B 222 30.82 8.69 -0.45
CA THR B 222 30.10 7.44 -0.21
C THR B 222 29.69 6.69 -1.49
N PRO B 223 29.33 7.35 -2.59
CA PRO B 223 29.04 6.58 -3.81
C PRO B 223 30.25 5.92 -4.43
N LEU B 224 31.46 6.29 -4.03
CA LEU B 224 32.66 5.72 -4.64
C LEU B 224 33.02 4.34 -4.10
N SER B 225 32.44 3.91 -2.98
CA SER B 225 32.80 2.61 -2.43
C SER B 225 31.74 2.16 -1.44
N SER B 226 31.53 0.84 -1.39
CA SER B 226 30.70 0.24 -0.35
C SER B 226 31.29 0.48 1.03
N THR B 227 32.60 0.69 1.11
CA THR B 227 33.34 0.61 2.36
C THR B 227 34.13 1.88 2.58
N VAL B 228 34.30 2.24 3.86
CA VAL B 228 35.21 3.29 4.28
C VAL B 228 36.09 2.73 5.40
N THR B 229 37.33 3.21 5.46
CA THR B 229 38.26 2.81 6.52
C THR B 229 38.76 4.05 7.23
N LEU B 230 38.56 4.10 8.55
CA LEU B 230 39.07 5.18 9.38
C LEU B 230 40.40 4.75 9.98
N SER B 231 41.34 5.69 10.07
CA SER B 231 42.67 5.41 10.59
C SER B 231 43.02 6.47 11.63
N MET B 232 43.31 6.04 12.86
CA MET B 232 43.46 6.93 13.99
C MET B 232 44.71 6.60 14.80
N SER B 233 45.39 7.66 15.24
CA SER B 233 46.37 7.59 16.32
C SER B 233 46.28 8.88 17.10
N ALA B 234 46.86 8.88 18.30
CA ALA B 234 46.84 10.07 19.13
C ALA B 234 47.55 11.23 18.43
N ASP B 235 47.00 12.44 18.62
CA ASP B 235 47.68 13.68 18.25
C ASP B 235 48.02 13.77 16.77
N VAL B 236 47.28 13.07 15.92
CA VAL B 236 47.52 13.13 14.48
C VAL B 236 46.19 13.14 13.74
N PRO B 237 46.20 13.69 12.52
CA PRO B 237 44.95 13.75 11.74
C PRO B 237 44.36 12.38 11.47
N LEU B 238 43.03 12.31 11.57
CA LEU B 238 42.27 11.14 11.14
C LEU B 238 42.29 11.03 9.63
N VAL B 239 42.20 9.80 9.13
CA VAL B 239 42.25 9.53 7.70
C VAL B 239 41.00 8.74 7.33
N VAL B 240 40.08 9.38 6.63
CA VAL B 240 38.89 8.73 6.07
C VAL B 240 39.19 8.45 4.60
N GLU B 241 39.15 7.18 4.20
CA GLU B 241 39.60 6.84 2.85
C GLU B 241 38.59 5.94 2.16
N TYR B 242 38.30 6.28 0.90
CA TYR B 242 37.40 5.53 0.05
C TYR B 242 38.20 5.02 -1.13
N LYS B 243 38.24 3.70 -1.32
CA LYS B 243 38.96 3.16 -2.46
C LYS B 243 38.13 3.32 -3.72
N ILE B 244 38.80 3.64 -4.82
CA ILE B 244 38.19 3.68 -6.14
C ILE B 244 38.63 2.41 -6.87
N ALA B 245 37.66 1.60 -7.28
CA ALA B 245 37.90 0.20 -7.61
C ALA B 245 38.94 0.05 -8.73
N ASP B 246 39.85 -0.91 -8.53
CA ASP B 246 40.86 -1.31 -9.51
C ASP B 246 41.58 -0.12 -10.14
N MET B 247 41.78 0.96 -9.38
CA MET B 247 42.26 2.19 -10.01
C MET B 247 42.95 3.14 -9.04
N GLY B 248 42.42 3.29 -7.83
CA GLY B 248 43.03 4.22 -6.90
C GLY B 248 42.21 4.40 -5.64
N HIS B 249 42.27 5.62 -5.09
CA HIS B 249 41.66 5.89 -3.80
C HIS B 249 41.49 7.38 -3.60
N LEU B 250 40.61 7.72 -2.66
CA LEU B 250 40.37 9.09 -2.21
C LEU B 250 40.50 9.10 -0.71
N LYS B 251 41.33 10.01 -0.18
CA LYS B 251 41.59 10.05 1.26
C LYS B 251 41.42 11.48 1.77
N TYR B 252 40.68 11.61 2.87
CA TYR B 252 40.48 12.88 3.54
C TYR B 252 41.22 12.86 4.87
N TYR B 253 42.00 13.91 5.12
CA TYR B 253 42.72 14.07 6.38
C TYR B 253 42.04 15.15 7.19
N LEU B 254 41.73 14.86 8.45
CA LEU B 254 41.04 15.79 9.32
C LEU B 254 41.83 15.96 10.60
N ALA B 255 42.33 17.17 10.85
CA ALA B 255 43.07 17.43 12.07
C ALA B 255 42.15 17.31 13.28
N PRO B 256 42.70 16.94 14.44
CA PRO B 256 41.87 16.83 15.64
C PRO B 256 41.74 18.16 16.36
N LYS B 257 41.16 18.15 17.56
CA LYS B 257 40.89 19.38 18.32
C LYS B 257 41.86 19.49 19.50
N ILE B 258 41.92 20.71 20.05
CA ILE B 258 42.86 21.08 21.09
C ILE B 258 42.08 21.67 22.29
N MET C 4 -24.35 28.00 -23.76
CA MET C 4 -23.86 26.93 -22.88
C MET C 4 -22.83 26.06 -23.58
N PHE C 5 -21.66 25.94 -22.95
CA PHE C 5 -20.57 25.11 -23.44
C PHE C 5 -20.31 24.00 -22.43
N GLU C 6 -20.14 22.78 -22.93
CA GLU C 6 -19.85 21.64 -22.05
C GLU C 6 -19.00 20.64 -22.81
N ALA C 7 -17.80 20.38 -22.31
CA ALA C 7 -16.86 19.45 -22.92
C ALA C 7 -16.37 18.46 -21.89
N ARG C 8 -16.45 17.17 -22.24
CA ARG C 8 -16.05 16.06 -21.39
C ARG C 8 -14.81 15.40 -21.98
N LEU C 9 -13.78 15.19 -21.15
CA LEU C 9 -12.55 14.55 -21.61
C LEU C 9 -12.11 13.50 -20.59
N VAL C 10 -12.17 12.24 -21.00
CA VAL C 10 -11.92 11.10 -20.12
C VAL C 10 -10.49 11.11 -19.61
N GLN C 11 -9.52 11.42 -20.48
CA GLN C 11 -8.12 11.51 -20.08
C GLN C 11 -7.80 12.93 -19.64
N GLY C 12 -8.36 13.29 -18.48
CA GLY C 12 -8.17 14.63 -17.93
C GLY C 12 -6.72 14.98 -17.67
N SER C 13 -5.84 13.97 -17.55
CA SER C 13 -4.42 14.22 -17.36
C SER C 13 -3.86 15.14 -18.43
N ILE C 14 -4.39 15.04 -19.65
CA ILE C 14 -4.00 15.95 -20.73
C ILE C 14 -4.20 17.40 -20.29
N LEU C 15 -5.40 17.72 -19.82
CA LEU C 15 -5.70 19.08 -19.38
C LEU C 15 -4.81 19.48 -18.21
N LYS C 16 -4.50 18.52 -17.32
CA LYS C 16 -3.55 18.79 -16.24
C LYS C 16 -2.17 19.11 -16.79
N LYS C 17 -1.68 18.29 -17.71
CA LYS C 17 -0.34 18.50 -18.28
C LYS C 17 -0.24 19.82 -19.02
N VAL C 18 -1.33 20.22 -19.69
CA VAL C 18 -1.27 21.43 -20.52
C VAL C 18 -1.04 22.66 -19.67
N LEU C 19 -1.74 22.77 -18.53
CA LEU C 19 -1.57 23.93 -17.67
C LEU C 19 -0.16 24.01 -17.11
N GLU C 20 0.48 22.86 -16.85
CA GLU C 20 1.85 22.86 -16.35
C GLU C 20 2.81 23.42 -17.40
N ALA C 21 2.59 23.09 -18.67
CA ALA C 21 3.47 23.60 -19.72
C ALA C 21 3.36 25.11 -19.84
N LEU C 22 2.18 25.66 -19.58
CA LEU C 22 1.91 27.07 -19.84
C LEU C 22 2.11 27.97 -18.63
N LYS C 23 1.75 27.47 -17.43
CA LYS C 23 1.54 28.36 -16.28
C LYS C 23 2.77 29.19 -15.94
N ASP C 24 3.97 28.64 -16.15
CA ASP C 24 5.18 29.36 -15.79
C ASP C 24 5.65 30.33 -16.86
N LEU C 25 5.25 30.11 -18.12
CA LEU C 25 5.66 30.99 -19.20
C LEU C 25 4.75 32.21 -19.31
N ILE C 26 3.44 32.00 -19.25
CA ILE C 26 2.46 33.08 -19.35
C ILE C 26 1.51 33.00 -18.17
N ASN C 27 1.22 34.16 -17.56
CA ASN C 27 0.40 34.19 -16.35
C ASN C 27 -1.09 34.19 -16.67
N GLU C 28 -1.51 34.99 -17.64
CA GLU C 28 -2.91 35.14 -17.99
C GLU C 28 -3.05 35.00 -19.49
N ALA C 29 -4.17 34.40 -19.92
CA ALA C 29 -4.39 34.14 -21.34
C ALA C 29 -5.88 33.98 -21.59
N CYS C 30 -6.25 34.11 -22.85
CA CYS C 30 -7.64 34.02 -23.29
C CYS C 30 -7.87 32.66 -23.93
N TRP C 31 -8.93 31.98 -23.51
CA TRP C 31 -9.26 30.64 -24.00
C TRP C 31 -10.39 30.75 -25.01
N ASP C 32 -10.04 30.72 -26.29
CA ASP C 32 -11.02 30.89 -27.37
C ASP C 32 -11.76 29.58 -27.59
N ILE C 33 -12.91 29.45 -26.92
CA ILE C 33 -13.76 28.28 -27.09
C ILE C 33 -14.59 28.45 -28.36
N SER C 34 -14.83 27.35 -29.06
CA SER C 34 -15.55 27.41 -30.32
C SER C 34 -16.14 26.03 -30.61
N SER C 35 -16.90 25.93 -31.72
CA SER C 35 -17.48 24.67 -32.14
C SER C 35 -16.46 23.76 -32.79
N SER C 36 -15.30 24.34 -33.15
CA SER C 36 -14.18 23.57 -33.66
C SER C 36 -13.35 22.98 -32.54
N GLY C 37 -13.31 23.64 -31.40
CA GLY C 37 -12.58 23.17 -30.25
C GLY C 37 -12.01 24.35 -29.50
N VAL C 38 -11.00 24.06 -28.69
CA VAL C 38 -10.34 25.06 -27.87
C VAL C 38 -9.10 25.56 -28.60
N ASN C 39 -8.79 26.84 -28.39
CA ASN C 39 -7.58 27.43 -28.93
C ASN C 39 -7.09 28.51 -27.98
N LEU C 40 -5.79 28.49 -27.69
CA LEU C 40 -5.14 29.56 -26.96
C LEU C 40 -3.93 30.02 -27.75
N GLN C 41 -3.65 31.32 -27.65
CA GLN C 41 -2.42 31.88 -28.21
C GLN C 41 -2.02 33.07 -27.37
N SER C 42 -0.73 33.19 -27.08
CA SER C 42 -0.25 34.31 -26.29
C SER C 42 1.25 34.46 -26.47
N MET C 43 1.72 35.68 -26.27
CA MET C 43 3.14 35.96 -26.11
C MET C 43 3.49 36.01 -24.63
N ASP C 44 4.75 35.74 -24.33
CA ASP C 44 5.24 36.05 -22.99
C ASP C 44 5.45 37.56 -22.88
N SER C 45 5.68 38.02 -21.64
CA SER C 45 5.68 39.45 -21.40
C SER C 45 6.87 40.17 -22.05
N SER C 46 7.89 39.44 -22.47
CA SER C 46 8.96 40.03 -23.27
C SER C 46 8.66 39.98 -24.76
N HIS C 47 7.67 39.17 -25.16
CA HIS C 47 7.31 38.98 -26.57
C HIS C 47 8.52 38.52 -27.38
N VAL C 48 9.37 37.71 -26.76
CA VAL C 48 10.37 36.94 -27.49
C VAL C 48 9.81 35.58 -27.88
N SER C 49 8.81 35.07 -27.17
CA SER C 49 8.22 33.77 -27.45
C SER C 49 6.70 33.90 -27.57
N LEU C 50 6.11 32.91 -28.23
CA LEU C 50 4.67 32.82 -28.39
C LEU C 50 4.27 31.36 -28.29
N VAL C 51 3.18 31.08 -27.59
CA VAL C 51 2.65 29.73 -27.44
C VAL C 51 1.26 29.68 -28.05
N GLN C 52 0.98 28.60 -28.77
CA GLN C 52 -0.30 28.41 -29.44
C GLN C 52 -0.79 27.00 -29.18
N LEU C 53 -2.00 26.88 -28.63
CA LEU C 53 -2.54 25.61 -28.19
C LEU C 53 -3.77 25.25 -29.02
N THR C 54 -3.91 23.97 -29.34
CA THR C 54 -5.02 23.50 -30.17
C THR C 54 -5.54 22.18 -29.60
N LEU C 55 -6.77 22.21 -29.09
CA LEU C 55 -7.51 21.01 -28.71
C LEU C 55 -8.75 20.96 -29.59
N ARG C 56 -8.87 19.92 -30.40
CA ARG C 56 -9.97 19.81 -31.36
C ARG C 56 -11.16 19.11 -30.70
N SER C 57 -12.36 19.58 -31.05
CA SER C 57 -13.59 19.03 -30.47
C SER C 57 -13.73 17.53 -30.70
N GLU C 58 -13.10 17.01 -31.75
CA GLU C 58 -13.18 15.57 -32.02
C GLU C 58 -12.41 14.76 -30.98
N GLY C 59 -11.42 15.38 -30.32
CA GLY C 59 -10.68 14.68 -29.30
C GLY C 59 -11.45 14.47 -28.01
N PHE C 60 -12.29 15.43 -27.64
CA PHE C 60 -13.12 15.28 -26.44
C PHE C 60 -14.13 14.16 -26.64
N ASP C 61 -14.46 13.49 -25.53
CA ASP C 61 -15.47 12.43 -25.59
C ASP C 61 -16.87 13.00 -25.79
N THR C 62 -17.12 14.22 -25.32
CA THR C 62 -18.38 14.90 -25.52
C THR C 62 -18.08 16.39 -25.65
N TYR C 63 -18.63 17.01 -26.69
CA TYR C 63 -18.38 18.42 -26.95
C TYR C 63 -19.64 19.07 -27.49
N ARG C 64 -19.99 20.22 -26.93
CA ARG C 64 -21.14 20.99 -27.40
C ARG C 64 -20.89 22.45 -27.07
N CYS C 65 -20.70 23.26 -28.11
CA CYS C 65 -20.47 24.70 -27.96
C CYS C 65 -21.49 25.42 -28.82
N ASP C 66 -22.39 26.16 -28.18
CA ASP C 66 -23.48 26.78 -28.91
C ASP C 66 -23.12 28.15 -29.45
N ARG C 67 -22.22 28.88 -28.79
CA ARG C 67 -21.70 30.16 -29.28
C ARG C 67 -20.27 30.37 -28.79
N ASN C 68 -19.53 31.18 -29.54
CA ASN C 68 -18.14 31.45 -29.18
C ASN C 68 -18.06 32.18 -27.85
N LEU C 69 -17.12 31.74 -27.01
CA LEU C 69 -16.75 32.46 -25.81
C LEU C 69 -15.26 32.74 -25.83
N ALA C 70 -14.88 33.86 -25.22
CA ALA C 70 -13.47 34.23 -25.03
C ALA C 70 -13.26 34.39 -23.54
N MET C 71 -12.88 33.30 -22.88
CA MET C 71 -12.73 33.27 -21.43
C MET C 71 -11.34 33.78 -21.05
N GLY C 72 -11.31 34.82 -20.22
CA GLY C 72 -10.06 35.32 -19.67
C GLY C 72 -9.68 34.58 -18.41
N VAL C 73 -8.60 33.82 -18.44
CA VAL C 73 -8.21 32.92 -17.36
C VAL C 73 -6.89 33.40 -16.76
N ASN C 74 -6.78 33.30 -15.44
CA ASN C 74 -5.49 33.34 -14.77
C ASN C 74 -4.96 31.91 -14.71
N LEU C 75 -3.80 31.69 -15.33
CA LEU C 75 -3.29 30.32 -15.48
C LEU C 75 -2.70 29.78 -14.19
N THR C 76 -2.20 30.66 -13.31
CA THR C 76 -1.89 30.23 -11.95
C THR C 76 -3.14 29.70 -11.26
N SER C 77 -4.21 30.50 -11.26
CA SER C 77 -5.45 30.09 -10.61
C SER C 77 -6.00 28.80 -11.20
N MET C 78 -5.94 28.66 -12.52
CA MET C 78 -6.47 27.46 -13.15
C MET C 78 -5.60 26.25 -12.85
N SER C 79 -4.27 26.44 -12.80
CA SER C 79 -3.38 25.34 -12.45
C SER C 79 -3.68 24.81 -11.05
N LYS C 80 -3.96 25.70 -10.11
CA LYS C 80 -4.30 25.28 -8.76
C LYS C 80 -5.53 24.37 -8.75
N ILE C 81 -6.53 24.70 -9.56
CA ILE C 81 -7.76 23.91 -9.59
C ILE C 81 -7.51 22.56 -10.25
N LEU C 82 -6.68 22.54 -11.30
CA LEU C 82 -6.37 21.26 -11.95
C LEU C 82 -5.49 20.39 -11.07
N LYS C 83 -4.70 20.99 -10.17
CA LYS C 83 -3.92 20.20 -9.23
C LYS C 83 -4.84 19.33 -8.36
N CYS C 84 -6.02 19.84 -8.04
CA CYS C 84 -6.97 19.12 -7.18
C CYS C 84 -7.69 18.03 -7.95
N ALA C 85 -7.11 17.58 -9.06
CA ALA C 85 -7.67 16.51 -9.87
C ALA C 85 -6.66 15.39 -9.99
N GLY C 86 -7.08 14.17 -9.65
CA GLY C 86 -6.25 13.01 -9.89
C GLY C 86 -6.02 12.78 -11.37
N ASN C 87 -4.95 12.05 -11.68
CA ASN C 87 -4.55 11.88 -13.07
C ASN C 87 -5.39 10.86 -13.82
N GLU C 88 -6.29 10.15 -13.14
CA GLU C 88 -7.27 9.30 -13.80
C GLU C 88 -8.66 9.91 -13.76
N ASP C 89 -8.78 11.18 -13.39
CA ASP C 89 -10.08 11.82 -13.27
C ASP C 89 -10.65 12.18 -14.64
N ILE C 90 -11.96 11.96 -14.80
CA ILE C 90 -12.68 12.35 -16.00
C ILE C 90 -13.07 13.83 -15.82
N ILE C 91 -12.34 14.72 -16.49
CA ILE C 91 -12.57 16.15 -16.34
C ILE C 91 -13.68 16.57 -17.30
N THR C 92 -14.57 17.44 -16.82
CA THR C 92 -15.63 18.02 -17.62
C THR C 92 -15.62 19.54 -17.42
N LEU C 93 -15.53 20.28 -18.51
CA LEU C 93 -15.59 21.74 -18.47
C LEU C 93 -16.98 22.21 -18.86
N ARG C 94 -17.38 23.36 -18.32
CA ARG C 94 -18.72 23.87 -18.59
C ARG C 94 -18.79 25.35 -18.25
N ALA C 95 -19.31 26.14 -19.18
CA ALA C 95 -19.57 27.55 -18.98
C ALA C 95 -20.90 27.91 -19.62
N GLU C 96 -21.40 29.10 -19.30
CA GLU C 96 -22.56 29.65 -19.97
C GLU C 96 -22.21 31.00 -20.59
N ASP C 97 -23.03 31.38 -21.57
CA ASP C 97 -22.62 32.41 -22.53
C ASP C 97 -22.36 33.76 -21.88
N ASN C 98 -23.12 34.12 -20.84
CA ASN C 98 -22.75 35.29 -20.04
C ASN C 98 -21.68 34.84 -19.07
N ALA C 99 -20.47 34.70 -19.60
CA ALA C 99 -19.38 34.00 -18.92
C ALA C 99 -18.77 34.91 -17.86
N ASP C 100 -19.08 34.61 -16.60
CA ASP C 100 -18.35 35.18 -15.47
C ASP C 100 -17.56 34.14 -14.69
N THR C 101 -17.98 32.87 -14.73
CA THR C 101 -17.27 31.78 -14.07
C THR C 101 -17.18 30.59 -15.02
N LEU C 102 -16.10 29.83 -14.90
CA LEU C 102 -15.92 28.56 -15.59
C LEU C 102 -16.03 27.43 -14.58
N ALA C 103 -16.88 26.45 -14.87
CA ALA C 103 -17.12 25.33 -13.97
C ALA C 103 -16.32 24.12 -14.43
N LEU C 104 -15.66 23.46 -13.48
CA LEU C 104 -14.90 22.24 -13.72
C LEU C 104 -15.45 21.13 -12.84
N VAL C 105 -15.46 19.91 -13.35
CA VAL C 105 -16.02 18.76 -12.65
C VAL C 105 -15.06 17.58 -12.81
N PHE C 106 -14.48 17.14 -11.70
CA PHE C 106 -13.60 15.98 -11.67
C PHE C 106 -14.35 14.78 -11.09
N GLU C 107 -14.37 13.68 -11.81
CA GLU C 107 -14.92 12.43 -11.31
C GLU C 107 -13.83 11.35 -11.35
N ALA C 108 -13.52 10.77 -10.20
CA ALA C 108 -12.62 9.65 -10.20
C ALA C 108 -13.32 8.41 -10.77
N PRO C 109 -12.60 7.58 -11.53
CA PRO C 109 -13.23 6.48 -12.26
C PRO C 109 -13.44 5.21 -11.46
N ASN C 110 -13.42 5.33 -10.14
CA ASN C 110 -13.93 4.35 -9.20
C ASN C 110 -15.36 4.66 -8.77
N GLN C 111 -15.89 5.84 -9.14
CA GLN C 111 -17.25 6.37 -8.99
C GLN C 111 -17.57 6.84 -7.56
N GLU C 112 -16.66 6.86 -6.61
CA GLU C 112 -17.22 7.33 -5.36
C GLU C 112 -16.94 8.79 -5.10
N LYS C 113 -15.85 9.34 -5.63
CA LYS C 113 -15.46 10.73 -5.36
C LYS C 113 -15.83 11.61 -6.55
N VAL C 114 -16.44 12.76 -6.27
CA VAL C 114 -16.79 13.73 -7.31
C VAL C 114 -16.48 15.13 -6.81
N SER C 115 -15.39 15.70 -7.27
CA SER C 115 -15.11 17.11 -7.01
C SER C 115 -15.77 17.97 -8.08
N ASP C 116 -15.97 19.25 -7.75
CA ASP C 116 -16.41 20.22 -8.74
C ASP C 116 -16.05 21.61 -8.24
N TYR C 117 -15.40 22.38 -9.10
CA TYR C 117 -14.88 23.69 -8.75
C TYR C 117 -15.53 24.75 -9.64
N GLU C 118 -15.11 26.01 -9.43
CA GLU C 118 -15.72 27.14 -10.11
C GLU C 118 -14.72 28.28 -10.10
N MET C 119 -14.25 28.68 -11.28
CA MET C 119 -13.14 29.61 -11.41
C MET C 119 -13.63 30.94 -11.98
N LYS C 120 -13.30 32.03 -11.30
CA LYS C 120 -13.61 33.35 -11.81
C LYS C 120 -12.76 33.68 -13.03
N LEU C 121 -13.37 34.30 -14.02
CA LEU C 121 -12.62 34.79 -15.17
C LEU C 121 -12.21 36.25 -14.95
N MET C 122 -11.59 36.83 -15.97
CA MET C 122 -11.10 38.20 -15.90
C MET C 122 -11.21 38.83 -17.28
N ASP C 123 -10.93 40.14 -17.33
CA ASP C 123 -11.02 40.91 -18.56
C ASP C 123 -9.64 40.98 -19.21
N LEU C 124 -9.54 40.43 -20.42
CA LEU C 124 -8.31 40.45 -21.20
C LEU C 124 -8.63 40.93 -22.61
N ASP C 125 -7.63 41.55 -23.25
CA ASP C 125 -7.68 41.85 -24.68
C ASP C 125 -6.46 41.23 -25.33
N VAL C 126 -6.68 40.21 -26.15
CA VAL C 126 -5.59 39.47 -26.76
C VAL C 126 -4.99 40.29 -27.90
N GLU C 127 -3.66 40.46 -27.86
CA GLU C 127 -2.92 40.97 -29.01
C GLU C 127 -2.57 39.79 -29.89
N GLN C 128 -3.58 39.28 -30.59
CA GLN C 128 -3.38 38.08 -31.38
C GLN C 128 -2.43 38.37 -32.54
N LEU C 129 -1.85 37.31 -33.11
CA LEU C 129 -0.84 37.44 -34.16
C LEU C 129 -1.15 36.49 -35.32
N GLY C 130 -0.64 36.84 -36.50
CA GLY C 130 -0.83 36.02 -37.68
C GLY C 130 0.31 35.06 -37.95
N ILE C 131 0.03 33.76 -37.90
CA ILE C 131 1.05 32.73 -38.06
C ILE C 131 0.99 32.21 -39.49
N PRO C 132 1.95 32.54 -40.34
CA PRO C 132 1.84 32.19 -41.76
C PRO C 132 2.18 30.73 -42.04
N GLU C 133 1.52 30.19 -43.06
CA GLU C 133 1.88 28.87 -43.55
C GLU C 133 3.22 28.93 -44.28
N GLN C 134 4.11 27.99 -43.99
CA GLN C 134 5.40 27.96 -44.66
C GLN C 134 6.06 26.61 -44.45
N GLU C 135 6.75 26.13 -45.48
CA GLU C 135 7.69 25.04 -45.32
C GLU C 135 8.93 25.55 -44.59
N TYR C 136 9.70 24.62 -44.03
CA TYR C 136 10.87 24.97 -43.24
C TYR C 136 12.11 24.30 -43.80
N SER C 137 13.25 24.97 -43.63
CA SER C 137 14.51 24.48 -44.18
C SER C 137 14.97 23.20 -43.49
N CYS C 138 14.68 23.06 -42.20
CA CYS C 138 15.11 21.91 -41.43
C CYS C 138 14.03 21.56 -40.41
N VAL C 139 13.71 20.27 -40.32
CA VAL C 139 12.69 19.77 -39.39
C VAL C 139 13.24 18.50 -38.74
N VAL C 140 13.73 18.62 -37.50
CA VAL C 140 14.20 17.49 -36.72
C VAL C 140 13.07 16.96 -35.87
N LYS C 141 13.02 15.64 -35.72
CA LYS C 141 12.03 14.98 -34.87
C LYS C 141 12.82 14.03 -33.97
N MET C 142 13.03 14.43 -32.72
CA MET C 142 13.88 13.73 -31.77
C MET C 142 13.09 13.40 -30.51
N PRO C 143 13.65 12.64 -29.57
CA PRO C 143 12.94 12.43 -28.30
C PRO C 143 12.85 13.72 -27.49
N SER C 144 11.71 13.89 -26.82
CA SER C 144 11.51 15.07 -25.98
C SER C 144 12.40 15.02 -24.75
N GLY C 145 12.51 13.84 -24.13
CA GLY C 145 13.41 13.69 -23.00
C GLY C 145 14.80 14.22 -23.29
N GLU C 146 15.40 13.77 -24.40
CA GLU C 146 16.76 14.20 -24.74
C GLU C 146 16.82 15.70 -25.02
N PHE C 147 15.91 16.22 -25.85
CA PHE C 147 15.90 17.66 -26.09
C PHE C 147 15.77 18.42 -24.79
N ALA C 148 14.96 17.91 -23.85
CA ALA C 148 14.86 18.52 -22.53
C ALA C 148 16.20 18.53 -21.82
N ARG C 149 16.95 17.42 -21.85
CA ARG C 149 18.25 17.41 -21.17
C ARG C 149 19.30 18.22 -21.91
N ILE C 150 19.25 18.27 -23.25
CA ILE C 150 20.20 19.09 -23.99
C ILE C 150 20.12 20.53 -23.51
N CYS C 151 18.90 21.08 -23.49
CA CYS C 151 18.71 22.49 -23.17
C CYS C 151 19.06 22.78 -21.72
N ARG C 152 18.68 21.88 -20.80
CA ARG C 152 18.99 22.08 -19.39
C ARG C 152 20.50 22.04 -19.14
N ASP C 153 21.18 21.06 -19.73
CA ASP C 153 22.62 20.90 -19.51
C ASP C 153 23.39 22.10 -20.07
N LEU C 154 23.12 22.46 -21.33
CA LEU C 154 23.84 23.57 -21.94
C LEU C 154 23.61 24.89 -21.21
N SER C 155 22.50 25.02 -20.48
CA SER C 155 22.24 26.25 -19.74
C SER C 155 23.18 26.44 -18.56
N HIS C 156 23.94 25.43 -18.18
CA HIS C 156 24.99 25.59 -17.19
C HIS C 156 26.30 26.08 -17.79
N ILE C 157 26.44 25.99 -19.11
CA ILE C 157 27.63 26.46 -19.80
C ILE C 157 27.48 27.89 -20.29
N GLY C 158 26.32 28.21 -20.88
CA GLY C 158 26.04 29.55 -21.36
C GLY C 158 24.54 29.73 -21.49
N ASP C 159 24.14 30.98 -21.74
CA ASP C 159 22.72 31.34 -21.75
C ASP C 159 22.12 31.42 -23.15
N ALA C 160 22.78 30.85 -24.15
CA ALA C 160 22.26 30.86 -25.51
C ALA C 160 22.83 29.67 -26.27
N VAL C 161 21.97 28.97 -27.00
CA VAL C 161 22.37 27.77 -27.73
C VAL C 161 22.57 28.11 -29.20
N VAL C 162 23.55 27.47 -29.82
CA VAL C 162 23.77 27.50 -31.26
C VAL C 162 23.35 26.13 -31.78
N ILE C 163 22.28 26.08 -32.58
CA ILE C 163 21.75 24.81 -33.08
C ILE C 163 21.99 24.77 -34.59
N SER C 164 22.78 23.79 -35.02
CA SER C 164 23.22 23.66 -36.40
C SER C 164 22.72 22.35 -37.00
N CYS C 165 22.60 22.33 -38.33
CA CYS C 165 21.81 21.26 -38.92
C CYS C 165 22.29 20.96 -40.32
N ALA C 166 22.61 19.67 -40.58
CA ALA C 166 23.04 19.14 -41.88
C ALA C 166 22.51 17.70 -42.04
N LYS C 167 22.36 17.21 -43.32
CA LYS C 167 21.99 15.79 -43.49
C LYS C 167 23.14 14.86 -43.03
N ASP C 168 23.43 14.83 -41.74
CA ASP C 168 24.24 13.76 -41.16
C ASP C 168 23.82 13.71 -39.69
N GLY C 169 23.70 14.90 -39.11
CA GLY C 169 23.23 15.03 -37.75
C GLY C 169 23.01 16.49 -37.41
N VAL C 170 22.40 16.70 -36.24
CA VAL C 170 22.14 18.02 -35.69
C VAL C 170 23.01 18.20 -34.46
N LYS C 171 23.41 19.45 -34.19
CA LYS C 171 24.34 19.71 -33.10
C LYS C 171 23.96 20.98 -32.35
N PHE C 172 23.97 20.89 -31.02
CA PHE C 172 23.67 21.99 -30.12
C PHE C 172 24.95 22.43 -29.42
N SER C 173 25.21 23.74 -29.40
CA SER C 173 26.45 24.26 -28.83
C SER C 173 26.17 25.53 -28.02
N ALA C 174 27.10 25.87 -27.14
CA ALA C 174 26.98 27.05 -26.31
C ALA C 174 28.35 27.42 -25.73
N SER C 175 28.45 28.63 -25.21
CA SER C 175 29.70 29.17 -24.69
C SER C 175 29.42 30.05 -23.47
N GLY C 176 30.42 30.16 -22.61
CA GLY C 176 30.29 30.98 -21.41
C GLY C 176 31.65 31.21 -20.78
N GLU C 177 31.62 31.89 -19.62
CA GLU C 177 32.86 32.26 -18.94
C GLU C 177 33.73 31.05 -18.62
N LEU C 178 33.12 29.90 -18.35
CA LEU C 178 33.87 28.74 -17.89
C LEU C 178 34.42 27.88 -19.02
N GLY C 179 33.89 28.02 -20.23
CA GLY C 179 34.28 27.18 -21.35
C GLY C 179 33.15 27.11 -22.36
N ASN C 180 33.12 25.99 -23.10
CA ASN C 180 32.10 25.78 -24.11
C ASN C 180 31.99 24.28 -24.40
N GLY C 181 30.92 23.91 -25.11
CA GLY C 181 30.68 22.51 -25.42
C GLY C 181 29.66 22.32 -26.52
N ASN C 182 29.74 21.16 -27.17
CA ASN C 182 28.85 20.80 -28.27
C ASN C 182 28.23 19.44 -28.01
N ILE C 183 27.07 19.20 -28.61
CA ILE C 183 26.38 17.91 -28.55
C ILE C 183 25.86 17.58 -29.94
N LYS C 184 26.26 16.42 -30.47
CA LYS C 184 25.91 16.00 -31.83
C LYS C 184 25.11 14.70 -31.78
N LEU C 185 23.95 14.69 -32.42
CA LEU C 185 23.13 13.49 -32.56
C LEU C 185 22.80 13.25 -34.03
N SER C 186 22.82 11.98 -34.42
CA SER C 186 22.64 11.59 -35.81
C SER C 186 21.24 11.04 -36.05
N GLN C 187 20.97 10.71 -37.30
CA GLN C 187 19.82 9.88 -37.62
C GLN C 187 20.13 8.41 -37.32
N THR C 188 19.07 7.61 -37.28
CA THR C 188 19.18 6.28 -36.70
C THR C 188 18.84 5.17 -37.70
N SER C 189 18.57 3.98 -37.17
CA SER C 189 18.15 2.84 -37.97
C SER C 189 17.03 2.08 -37.27
N GLU C 194 11.92 3.96 -33.78
CA GLU C 194 10.75 4.74 -34.16
C GLU C 194 10.40 5.74 -33.07
N GLU C 195 10.25 5.23 -31.84
CA GLU C 195 9.73 6.05 -30.75
C GLU C 195 10.81 6.99 -30.21
N GLU C 196 11.96 6.46 -29.78
CA GLU C 196 13.07 7.31 -29.37
C GLU C 196 14.19 7.26 -30.41
N ALA C 197 13.88 7.76 -31.60
CA ALA C 197 14.82 7.85 -32.70
C ALA C 197 14.91 9.30 -33.15
N VAL C 198 15.82 9.57 -34.08
CA VAL C 198 16.06 10.90 -34.61
C VAL C 198 15.93 10.84 -36.12
N THR C 199 15.12 11.74 -36.69
CA THR C 199 14.94 11.80 -38.14
C THR C 199 14.90 13.26 -38.57
N ILE C 200 15.83 13.66 -39.41
CA ILE C 200 15.82 15.00 -40.00
C ILE C 200 15.16 14.92 -41.37
N GLU C 201 14.26 15.85 -41.67
CA GLU C 201 13.79 16.06 -43.02
C GLU C 201 14.45 17.37 -43.39
N MET C 202 15.62 17.31 -44.02
CA MET C 202 16.43 18.49 -44.28
C MET C 202 16.35 18.84 -45.78
N ASN C 203 16.29 20.13 -46.09
CA ASN C 203 16.20 20.75 -47.40
C ASN C 203 17.37 21.69 -47.65
N GLU C 204 17.87 22.43 -46.64
CA GLU C 204 19.07 23.33 -46.83
C GLU C 204 19.72 23.64 -45.47
N PRO C 205 21.04 23.73 -45.38
CA PRO C 205 21.69 23.90 -44.06
C PRO C 205 21.32 25.18 -43.32
N VAL C 206 21.23 25.07 -41.99
CA VAL C 206 20.81 26.16 -41.14
C VAL C 206 21.70 26.23 -39.90
N GLN C 207 21.93 27.45 -39.41
CA GLN C 207 22.72 27.68 -38.21
C GLN C 207 22.15 28.92 -37.51
N LEU C 208 21.05 28.68 -36.79
CA LEU C 208 20.49 29.68 -35.90
C LEU C 208 20.98 29.45 -34.49
N THR C 209 20.77 30.45 -33.65
CA THR C 209 21.05 30.37 -32.21
C THR C 209 19.81 30.83 -31.44
N PHE C 210 19.55 30.33 -30.25
CA PHE C 210 18.37 30.75 -29.50
C PHE C 210 18.72 30.87 -28.02
N ALA C 211 18.09 31.85 -27.40
CA ALA C 211 18.26 32.07 -25.96
C ALA C 211 17.71 30.89 -25.17
N LEU C 212 18.54 30.35 -24.28
CA LEU C 212 18.20 29.09 -23.66
C LEU C 212 17.11 29.25 -22.59
N ARG C 213 17.02 30.42 -21.99
CA ARG C 213 15.99 30.68 -20.98
C ARG C 213 14.61 30.19 -21.41
N TYR C 214 14.24 30.48 -22.66
CA TYR C 214 12.88 30.22 -23.11
C TYR C 214 12.64 28.74 -23.39
N LEU C 215 13.59 28.06 -24.02
CA LEU C 215 13.40 26.65 -24.34
C LEU C 215 13.29 25.80 -23.09
N ASN C 216 13.84 26.25 -21.96
CA ASN C 216 13.64 25.55 -20.70
C ASN C 216 12.25 25.77 -20.13
N PHE C 217 11.57 26.86 -20.51
CA PHE C 217 10.14 26.97 -20.25
C PHE C 217 9.35 26.08 -21.20
N PHE C 218 9.74 26.07 -22.48
CA PHE C 218 9.02 25.26 -23.47
C PHE C 218 8.98 23.81 -23.07
N THR C 219 10.11 23.27 -22.61
CA THR C 219 10.27 21.84 -22.42
C THR C 219 9.48 21.30 -21.25
N LYS C 220 8.84 22.17 -20.45
CA LYS C 220 7.90 21.69 -19.45
C LYS C 220 6.70 21.00 -20.08
N ALA C 221 6.55 21.10 -21.40
CA ALA C 221 5.53 20.37 -22.14
C ALA C 221 5.93 18.92 -22.43
N THR C 222 7.13 18.52 -22.02
CA THR C 222 7.62 17.17 -22.27
C THR C 222 6.66 16.05 -21.86
N PRO C 223 5.93 16.13 -20.74
CA PRO C 223 5.02 15.02 -20.40
C PRO C 223 3.94 14.76 -21.44
N LEU C 224 3.70 15.68 -22.37
CA LEU C 224 2.63 15.50 -23.34
C LEU C 224 3.01 14.56 -24.48
N SER C 225 4.31 14.30 -24.70
CA SER C 225 4.70 13.48 -25.83
C SER C 225 6.13 12.96 -25.64
N SER C 226 6.35 11.73 -26.10
CA SER C 226 7.72 11.21 -26.18
C SER C 226 8.53 11.99 -27.20
N THR C 227 7.90 12.41 -28.29
CA THR C 227 8.56 13.07 -29.40
C THR C 227 8.35 14.58 -29.32
N VAL C 228 9.39 15.32 -29.69
CA VAL C 228 9.27 16.74 -30.03
C VAL C 228 9.78 16.90 -31.45
N THR C 229 9.25 17.91 -32.15
CA THR C 229 9.69 18.21 -33.51
C THR C 229 10.11 19.67 -33.58
N LEU C 230 11.32 19.90 -34.11
CA LEU C 230 11.87 21.24 -34.27
C LEU C 230 11.74 21.67 -35.72
N SER C 231 11.63 22.98 -35.93
CA SER C 231 11.40 23.54 -37.26
C SER C 231 12.15 24.85 -37.40
N MET C 232 13.07 24.91 -38.35
CA MET C 232 13.96 26.06 -38.48
C MET C 232 14.13 26.47 -39.94
N SER C 233 14.11 27.78 -40.17
CA SER C 233 14.69 28.40 -41.35
C SER C 233 15.38 29.67 -40.87
N ALA C 234 16.22 30.25 -41.74
CA ALA C 234 16.96 31.44 -41.35
C ALA C 234 16.03 32.64 -41.20
N ASP C 235 16.24 33.41 -40.14
CA ASP C 235 15.53 34.66 -39.90
C ASP C 235 14.01 34.47 -39.79
N VAL C 236 13.58 33.29 -39.37
CA VAL C 236 12.19 33.06 -39.00
C VAL C 236 12.18 32.44 -37.61
N PRO C 237 11.08 32.59 -36.87
CA PRO C 237 11.03 32.03 -35.51
C PRO C 237 11.05 30.51 -35.53
N LEU C 238 11.81 29.94 -34.61
CA LEU C 238 11.82 28.49 -34.41
C LEU C 238 10.48 28.04 -33.84
N VAL C 239 10.09 26.81 -34.19
CA VAL C 239 8.84 26.22 -33.75
C VAL C 239 9.15 24.91 -33.05
N VAL C 240 8.83 24.83 -31.76
CA VAL C 240 8.96 23.61 -30.96
C VAL C 240 7.58 23.02 -30.80
N GLU C 241 7.37 21.79 -31.29
CA GLU C 241 6.04 21.22 -31.43
C GLU C 241 5.91 19.96 -30.60
N TYR C 242 5.01 19.98 -29.62
CA TYR C 242 4.60 18.79 -28.86
C TYR C 242 3.19 18.43 -29.30
N LYS C 243 3.04 17.28 -29.94
CA LYS C 243 1.72 16.79 -30.29
C LYS C 243 0.97 16.32 -29.05
N ILE C 244 -0.34 16.50 -29.07
CA ILE C 244 -1.23 15.92 -28.07
C ILE C 244 -2.09 14.88 -28.80
N ALA C 245 -1.98 13.62 -28.35
CA ALA C 245 -2.35 12.48 -29.19
C ALA C 245 -3.79 12.54 -29.65
N ASP C 246 -3.99 12.46 -30.97
CA ASP C 246 -5.31 12.34 -31.58
C ASP C 246 -6.24 13.46 -31.15
N MET C 247 -5.69 14.66 -30.99
CA MET C 247 -6.47 15.73 -30.39
C MET C 247 -5.98 17.12 -30.78
N GLY C 248 -4.67 17.29 -30.90
CA GLY C 248 -4.13 18.59 -31.23
C GLY C 248 -2.64 18.70 -31.03
N HIS C 249 -2.19 19.86 -30.57
CA HIS C 249 -0.76 20.13 -30.48
C HIS C 249 -0.53 21.31 -29.56
N LEU C 250 0.73 21.48 -29.17
CA LEU C 250 1.18 22.66 -28.44
C LEU C 250 2.45 23.17 -29.11
N LYS C 251 2.42 24.41 -29.59
CA LYS C 251 3.51 24.96 -30.38
C LYS C 251 4.10 26.18 -29.68
N TYR C 252 5.40 26.15 -29.48
CA TYR C 252 6.15 27.28 -28.94
C TYR C 252 6.95 27.92 -30.07
N TYR C 253 6.87 29.25 -30.16
CA TYR C 253 7.57 30.01 -31.18
C TYR C 253 8.63 30.87 -30.51
N LEU C 254 9.87 30.77 -30.99
CA LEU C 254 11.00 31.48 -30.39
C LEU C 254 11.73 32.25 -31.47
N ALA C 255 11.93 33.54 -31.23
CA ALA C 255 12.55 34.43 -32.21
C ALA C 255 14.06 34.33 -32.11
N PRO C 256 14.77 34.11 -33.24
CA PRO C 256 16.23 34.08 -33.19
C PRO C 256 16.82 35.45 -32.84
N LYS C 257 18.15 35.61 -32.84
CA LYS C 257 18.70 36.90 -32.41
C LYS C 257 19.22 37.78 -33.53
N ILE C 258 20.14 37.26 -34.32
CA ILE C 258 20.58 37.94 -35.52
C ILE C 258 21.25 39.27 -35.18
N GLY D 1 -24.07 -10.47 -42.79
CA GLY D 1 -22.73 -10.93 -43.09
C GLY D 1 -22.13 -11.77 -41.99
N PRO D 2 -21.38 -12.81 -42.36
CA PRO D 2 -20.80 -13.69 -41.35
C PRO D 2 -19.72 -13.00 -40.55
N ALA D 3 -19.65 -13.35 -39.27
CA ALA D 3 -18.61 -12.82 -38.42
C ALA D 3 -17.24 -13.25 -38.93
N MET D 4 -16.24 -12.38 -38.72
CA MET D 4 -14.91 -12.71 -39.24
C MET D 4 -14.26 -13.79 -38.41
N PHE D 5 -14.51 -13.83 -37.11
CA PHE D 5 -13.86 -14.81 -36.25
C PHE D 5 -14.89 -15.32 -35.25
N GLU D 6 -15.23 -16.60 -35.36
CA GLU D 6 -16.17 -17.23 -34.45
C GLU D 6 -15.52 -18.49 -33.89
N ALA D 7 -15.42 -18.56 -32.56
CA ALA D 7 -14.91 -19.71 -31.85
C ALA D 7 -15.87 -20.06 -30.73
N ARG D 8 -16.10 -21.35 -30.52
CA ARG D 8 -17.02 -21.84 -29.51
C ARG D 8 -16.31 -22.91 -28.69
N LEU D 9 -16.19 -22.67 -27.39
CA LEU D 9 -15.45 -23.54 -26.47
C LEU D 9 -16.44 -24.20 -25.52
N VAL D 10 -16.47 -25.53 -25.51
CA VAL D 10 -17.54 -26.25 -24.85
C VAL D 10 -17.40 -26.20 -23.34
N GLN D 11 -16.18 -26.33 -22.84
CA GLN D 11 -15.93 -26.17 -21.43
C GLN D 11 -15.51 -24.72 -21.25
N GLY D 12 -16.36 -23.96 -20.56
CA GLY D 12 -16.11 -22.53 -20.39
C GLY D 12 -15.07 -22.23 -19.34
N SER D 13 -14.87 -23.14 -18.40
CA SER D 13 -13.99 -22.88 -17.27
C SER D 13 -12.54 -22.72 -17.68
N ILE D 14 -12.12 -23.33 -18.80
CA ILE D 14 -10.77 -23.11 -19.33
C ILE D 14 -10.48 -21.62 -19.41
N LEU D 15 -11.38 -20.87 -20.05
CA LEU D 15 -11.15 -19.45 -20.24
C LEU D 15 -11.31 -18.68 -18.93
N LYS D 16 -12.24 -19.10 -18.08
CA LYS D 16 -12.39 -18.47 -16.77
C LYS D 16 -11.10 -18.60 -15.96
N LYS D 17 -10.52 -19.80 -15.91
CA LYS D 17 -9.27 -19.99 -15.19
C LYS D 17 -8.14 -19.19 -15.81
N VAL D 18 -8.06 -19.18 -17.14
CA VAL D 18 -7.00 -18.46 -17.82
C VAL D 18 -6.99 -16.98 -17.41
N LEU D 19 -8.17 -16.39 -17.28
CA LEU D 19 -8.24 -14.96 -16.95
C LEU D 19 -7.93 -14.72 -15.47
N GLU D 20 -8.18 -15.69 -14.60
CA GLU D 20 -7.69 -15.58 -13.22
C GLU D 20 -6.17 -15.66 -13.18
N ALA D 21 -5.60 -16.57 -13.97
CA ALA D 21 -4.15 -16.76 -13.99
C ALA D 21 -3.43 -15.48 -14.40
N LEU D 22 -4.05 -14.65 -15.24
CA LEU D 22 -3.38 -13.49 -15.82
C LEU D 22 -3.80 -12.17 -15.20
N LYS D 23 -5.06 -12.06 -14.75
CA LYS D 23 -5.59 -10.80 -14.23
C LYS D 23 -4.64 -10.10 -13.25
N ASP D 24 -4.22 -10.82 -12.21
CA ASP D 24 -3.46 -10.20 -11.13
C ASP D 24 -2.02 -9.88 -11.52
N LEU D 25 -1.50 -10.50 -12.59
CA LEU D 25 -0.12 -10.29 -12.97
C LEU D 25 0.06 -9.17 -13.99
N ILE D 26 -0.87 -9.04 -14.94
CA ILE D 26 -0.71 -8.07 -16.04
C ILE D 26 -2.02 -7.33 -16.25
N ASN D 27 -1.92 -6.02 -16.42
CA ASN D 27 -3.09 -5.17 -16.58
C ASN D 27 -3.72 -5.32 -17.95
N GLU D 28 -2.92 -5.17 -19.01
CA GLU D 28 -3.42 -5.11 -20.37
C GLU D 28 -2.54 -5.98 -21.27
N ALA D 29 -3.16 -6.61 -22.26
CA ALA D 29 -2.42 -7.51 -23.15
C ALA D 29 -3.12 -7.59 -24.49
N CYS D 30 -2.40 -8.16 -25.46
CA CYS D 30 -2.83 -8.23 -26.85
C CYS D 30 -3.14 -9.68 -27.21
N TRP D 31 -4.40 -9.96 -27.51
CA TRP D 31 -4.83 -11.29 -27.95
C TRP D 31 -4.65 -11.37 -29.46
N ASP D 32 -3.79 -12.27 -29.91
CA ASP D 32 -3.45 -12.41 -31.33
C ASP D 32 -4.24 -13.59 -31.90
N ILE D 33 -5.27 -13.27 -32.67
CA ILE D 33 -6.19 -14.25 -33.23
C ILE D 33 -5.70 -14.62 -34.62
N SER D 34 -5.70 -15.91 -34.94
CA SER D 34 -5.31 -16.37 -36.26
C SER D 34 -5.91 -17.74 -36.51
N SER D 35 -5.79 -18.20 -37.77
CA SER D 35 -6.29 -19.51 -38.12
C SER D 35 -5.60 -20.61 -37.32
N SER D 36 -4.40 -20.33 -36.82
CA SER D 36 -3.72 -21.30 -35.96
C SER D 36 -4.36 -21.33 -34.57
N GLY D 37 -4.63 -20.16 -34.00
CA GLY D 37 -5.33 -20.11 -32.72
C GLY D 37 -5.05 -18.80 -31.99
N VAL D 38 -5.29 -18.84 -30.68
CA VAL D 38 -5.08 -17.70 -29.80
C VAL D 38 -3.72 -17.84 -29.13
N ASN D 39 -2.86 -16.80 -29.27
CA ASN D 39 -1.48 -16.86 -28.80
C ASN D 39 -1.09 -15.51 -28.18
N LEU D 40 -1.22 -15.40 -26.86
CA LEU D 40 -0.92 -14.17 -26.13
C LEU D 40 0.53 -14.16 -25.64
N GLN D 41 1.04 -12.96 -25.39
CA GLN D 41 2.33 -12.77 -24.73
C GLN D 41 2.39 -11.36 -24.14
N SER D 42 2.97 -11.23 -22.95
CA SER D 42 3.13 -9.93 -22.30
C SER D 42 4.11 -10.06 -21.15
N MET D 43 4.72 -8.92 -20.80
CA MET D 43 5.52 -8.78 -19.59
C MET D 43 4.72 -8.02 -18.54
N ASP D 44 5.04 -8.28 -17.27
CA ASP D 44 4.50 -7.40 -16.23
C ASP D 44 5.23 -6.06 -16.26
N SER D 45 4.63 -5.07 -15.62
CA SER D 45 5.10 -3.70 -15.76
C SER D 45 6.53 -3.51 -15.28
N SER D 46 7.02 -4.35 -14.38
CA SER D 46 8.40 -4.27 -13.95
C SER D 46 9.38 -4.89 -14.95
N HIS D 47 8.87 -5.60 -15.96
CA HIS D 47 9.65 -6.25 -17.00
C HIS D 47 10.51 -7.41 -16.47
N VAL D 48 10.17 -7.94 -15.29
CA VAL D 48 10.94 -9.04 -14.71
C VAL D 48 10.30 -10.40 -14.97
N SER D 49 9.00 -10.46 -15.20
CA SER D 49 8.33 -11.70 -15.58
C SER D 49 7.69 -11.52 -16.94
N LEU D 50 7.33 -12.65 -17.56
CA LEU D 50 6.69 -12.65 -18.87
C LEU D 50 5.83 -13.91 -18.96
N VAL D 51 4.62 -13.75 -19.50
CA VAL D 51 3.72 -14.88 -19.68
C VAL D 51 3.44 -15.02 -21.17
N GLN D 52 3.05 -16.23 -21.56
CA GLN D 52 2.88 -16.58 -22.97
C GLN D 52 1.77 -17.63 -23.02
N LEU D 53 0.56 -17.19 -23.39
CA LEU D 53 -0.56 -18.10 -23.53
C LEU D 53 -0.55 -18.74 -24.91
N THR D 54 -1.20 -19.90 -25.01
CA THR D 54 -1.33 -20.61 -26.28
C THR D 54 -2.57 -21.48 -26.23
N LEU D 55 -3.49 -21.27 -27.15
CA LEU D 55 -4.74 -22.05 -27.22
C LEU D 55 -4.98 -22.38 -28.70
N ARG D 56 -4.58 -23.58 -29.10
CA ARG D 56 -4.55 -23.93 -30.51
C ARG D 56 -5.94 -24.19 -31.06
N SER D 57 -6.08 -23.94 -32.37
CA SER D 57 -7.30 -24.19 -33.12
C SER D 57 -7.99 -25.48 -32.72
N GLU D 58 -7.22 -26.56 -32.67
CA GLU D 58 -7.78 -27.89 -32.47
C GLU D 58 -8.40 -28.09 -31.08
N GLY D 59 -8.29 -27.11 -30.18
CA GLY D 59 -8.90 -27.27 -28.87
C GLY D 59 -10.37 -26.91 -28.84
N PHE D 60 -10.79 -25.98 -29.68
CA PHE D 60 -12.16 -25.47 -29.65
C PHE D 60 -13.12 -26.42 -30.35
N ASP D 61 -14.38 -26.39 -29.90
CA ASP D 61 -15.43 -27.16 -30.56
C ASP D 61 -15.53 -26.80 -32.04
N THR D 62 -15.65 -25.50 -32.31
CA THR D 62 -15.65 -25.00 -33.68
C THR D 62 -14.81 -23.74 -33.71
N TYR D 63 -13.93 -23.65 -34.70
CA TYR D 63 -13.01 -22.53 -34.80
C TYR D 63 -12.87 -22.13 -36.26
N ARG D 64 -13.10 -20.85 -36.54
CA ARG D 64 -12.93 -20.30 -37.87
C ARG D 64 -12.42 -18.87 -37.74
N CYS D 65 -11.31 -18.59 -38.41
CA CYS D 65 -10.71 -17.26 -38.38
C CYS D 65 -10.24 -16.95 -39.80
N ASP D 66 -10.91 -16.01 -40.46
CA ASP D 66 -10.64 -15.75 -41.86
C ASP D 66 -9.38 -14.91 -42.08
N ARG D 67 -8.81 -14.34 -41.02
CA ARG D 67 -7.37 -14.17 -40.78
C ARG D 67 -7.07 -13.09 -39.74
N ASN D 68 -5.80 -12.69 -39.67
CA ASN D 68 -5.19 -12.27 -38.42
C ASN D 68 -5.81 -11.00 -37.84
N LEU D 69 -5.82 -10.95 -36.50
CA LEU D 69 -6.47 -9.89 -35.74
C LEU D 69 -5.68 -9.68 -34.45
N ALA D 70 -5.56 -8.42 -34.05
CA ALA D 70 -4.85 -8.04 -32.82
C ALA D 70 -5.81 -7.27 -31.92
N MET D 71 -6.51 -7.99 -31.06
CA MET D 71 -7.35 -7.36 -30.06
C MET D 71 -6.51 -7.00 -28.84
N GLY D 72 -6.55 -5.73 -28.46
CA GLY D 72 -5.93 -5.27 -27.23
C GLY D 72 -6.98 -5.01 -26.17
N VAL D 73 -6.92 -5.75 -25.06
CA VAL D 73 -8.03 -5.78 -24.12
C VAL D 73 -7.52 -5.57 -22.70
N ASN D 74 -8.36 -4.91 -21.90
CA ASN D 74 -8.14 -4.72 -20.46
C ASN D 74 -8.54 -5.99 -19.73
N LEU D 75 -7.55 -6.75 -19.25
CA LEU D 75 -7.84 -8.07 -18.69
C LEU D 75 -8.60 -8.01 -17.37
N THR D 76 -8.51 -6.89 -16.63
CA THR D 76 -9.40 -6.69 -15.51
C THR D 76 -10.86 -6.76 -15.95
N SER D 77 -11.20 -5.98 -16.98
CA SER D 77 -12.58 -5.96 -17.48
C SER D 77 -13.01 -7.32 -18.01
N MET D 78 -12.13 -7.97 -18.78
CA MET D 78 -12.47 -9.27 -19.34
C MET D 78 -12.73 -10.30 -18.24
N SER D 79 -12.06 -10.18 -17.10
CA SER D 79 -12.33 -11.08 -15.98
C SER D 79 -13.71 -10.80 -15.39
N LYS D 80 -14.07 -9.52 -15.25
CA LYS D 80 -15.39 -9.16 -14.73
C LYS D 80 -16.50 -9.76 -15.58
N ILE D 81 -16.28 -9.86 -16.90
CA ILE D 81 -17.29 -10.45 -17.78
C ILE D 81 -17.30 -11.97 -17.64
N LEU D 82 -16.12 -12.59 -17.59
CA LEU D 82 -16.06 -14.03 -17.47
C LEU D 82 -16.52 -14.52 -16.09
N LYS D 83 -16.46 -13.64 -15.08
CA LYS D 83 -17.11 -13.93 -13.81
C LYS D 83 -18.56 -14.31 -14.02
N CYS D 84 -19.25 -13.63 -14.92
CA CYS D 84 -20.68 -13.79 -15.17
C CYS D 84 -21.04 -15.13 -15.79
N ALA D 85 -20.07 -15.99 -16.09
CA ALA D 85 -20.34 -17.28 -16.70
C ALA D 85 -20.36 -18.38 -15.66
N GLY D 86 -21.24 -19.36 -15.89
CA GLY D 86 -21.15 -20.59 -15.13
C GLY D 86 -20.01 -21.46 -15.60
N ASN D 87 -19.53 -22.32 -14.70
CA ASN D 87 -18.36 -23.14 -15.02
C ASN D 87 -18.67 -24.22 -16.05
N GLU D 88 -19.92 -24.65 -16.17
CA GLU D 88 -20.32 -25.61 -17.19
C GLU D 88 -21.03 -24.94 -18.35
N ASP D 89 -21.01 -23.61 -18.41
CA ASP D 89 -21.54 -22.90 -19.56
C ASP D 89 -20.72 -23.22 -20.82
N ILE D 90 -21.31 -22.93 -21.97
CA ILE D 90 -20.60 -22.97 -23.25
C ILE D 90 -20.32 -21.53 -23.66
N ILE D 91 -19.04 -21.19 -23.81
CA ILE D 91 -18.63 -19.85 -24.19
C ILE D 91 -18.34 -19.85 -25.69
N THR D 92 -18.90 -18.85 -26.38
CA THR D 92 -18.60 -18.58 -27.79
C THR D 92 -18.07 -17.16 -27.89
N LEU D 93 -16.97 -16.99 -28.67
CA LEU D 93 -16.35 -15.70 -28.92
C LEU D 93 -16.50 -15.32 -30.39
N ARG D 94 -16.56 -14.02 -30.65
CA ARG D 94 -17.00 -13.54 -31.95
C ARG D 94 -16.58 -12.07 -32.12
N ALA D 95 -15.94 -11.75 -33.24
CA ALA D 95 -15.41 -10.40 -33.47
C ALA D 95 -15.48 -10.04 -34.95
N GLU D 96 -15.35 -8.74 -35.23
CA GLU D 96 -15.55 -8.16 -36.56
C GLU D 96 -14.24 -7.56 -37.09
N ASP D 97 -14.26 -7.17 -38.37
CA ASP D 97 -13.05 -7.29 -39.19
C ASP D 97 -11.89 -6.47 -38.62
N ASN D 98 -12.02 -5.14 -38.56
CA ASN D 98 -11.18 -4.36 -37.67
C ASN D 98 -12.04 -4.07 -36.46
N ALA D 99 -11.79 -4.82 -35.38
CA ALA D 99 -12.72 -4.87 -34.27
C ALA D 99 -12.65 -3.60 -33.43
N ASP D 100 -13.82 -3.21 -32.91
CA ASP D 100 -13.92 -2.24 -31.84
C ASP D 100 -14.42 -2.84 -30.54
N THR D 101 -15.18 -3.93 -30.62
CA THR D 101 -15.60 -4.68 -29.44
C THR D 101 -15.32 -6.15 -29.67
N LEU D 102 -15.35 -6.91 -28.57
CA LEU D 102 -15.38 -8.37 -28.62
C LEU D 102 -16.72 -8.84 -28.05
N ALA D 103 -17.35 -9.76 -28.75
CA ALA D 103 -18.61 -10.36 -28.32
C ALA D 103 -18.35 -11.72 -27.68
N LEU D 104 -19.11 -12.01 -26.62
CA LEU D 104 -19.05 -13.26 -25.87
C LEU D 104 -20.46 -13.64 -25.49
N VAL D 105 -20.82 -14.90 -25.71
CA VAL D 105 -22.16 -15.41 -25.43
C VAL D 105 -22.04 -16.67 -24.60
N PHE D 106 -22.77 -16.73 -23.48
CA PHE D 106 -22.68 -17.84 -22.52
C PHE D 106 -23.98 -18.64 -22.58
N GLU D 107 -23.94 -19.76 -23.30
CA GLU D 107 -25.07 -20.70 -23.30
C GLU D 107 -24.92 -21.64 -22.11
N ALA D 108 -25.82 -21.50 -21.14
CA ALA D 108 -25.84 -22.45 -20.03
C ALA D 108 -26.21 -23.84 -20.55
N PRO D 109 -25.70 -24.89 -19.94
CA PRO D 109 -25.95 -26.25 -20.46
C PRO D 109 -27.43 -26.65 -20.43
N ASN D 110 -28.24 -26.02 -19.59
CA ASN D 110 -29.67 -26.30 -19.56
C ASN D 110 -30.45 -25.57 -20.64
N GLN D 111 -29.81 -24.65 -21.37
CA GLN D 111 -30.27 -24.07 -22.62
C GLN D 111 -31.55 -23.25 -22.50
N GLU D 112 -32.07 -23.04 -21.29
CA GLU D 112 -33.11 -22.03 -21.10
C GLU D 112 -32.53 -20.66 -20.75
N LYS D 113 -31.24 -20.60 -20.46
CA LYS D 113 -30.51 -19.35 -20.25
C LYS D 113 -29.51 -19.18 -21.39
N VAL D 114 -29.35 -17.93 -21.84
CA VAL D 114 -28.28 -17.56 -22.77
C VAL D 114 -27.91 -16.11 -22.51
N SER D 115 -26.73 -15.90 -21.96
CA SER D 115 -26.16 -14.59 -21.72
C SER D 115 -25.37 -14.14 -22.95
N ASP D 116 -25.09 -12.84 -23.02
CA ASP D 116 -24.32 -12.29 -24.14
C ASP D 116 -23.80 -10.91 -23.78
N TYR D 117 -22.48 -10.74 -23.87
CA TYR D 117 -21.80 -9.52 -23.46
C TYR D 117 -21.01 -8.93 -24.62
N GLU D 118 -20.81 -7.61 -24.56
CA GLU D 118 -19.96 -6.90 -25.51
C GLU D 118 -18.94 -6.09 -24.72
N MET D 119 -17.66 -6.34 -24.98
CA MET D 119 -16.56 -5.70 -24.28
C MET D 119 -15.76 -4.87 -25.28
N LYS D 120 -15.55 -3.59 -24.97
CA LYS D 120 -14.76 -2.75 -25.86
C LYS D 120 -13.27 -3.00 -25.62
N LEU D 121 -12.51 -2.87 -26.69
CA LEU D 121 -11.07 -3.11 -26.69
C LEU D 121 -10.36 -1.76 -26.50
N MET D 122 -9.04 -1.76 -26.65
CA MET D 122 -8.29 -0.53 -26.46
C MET D 122 -7.04 -0.53 -27.33
N ASP D 123 -6.47 0.65 -27.50
CA ASP D 123 -5.27 0.85 -28.29
C ASP D 123 -4.03 0.46 -27.50
N LEU D 124 -3.28 -0.53 -28.00
CA LEU D 124 -1.96 -0.81 -27.47
C LEU D 124 -1.05 -1.26 -28.61
N ASP D 125 0.21 -0.85 -28.52
CA ASP D 125 1.28 -1.31 -29.41
C ASP D 125 2.26 -2.05 -28.52
N VAL D 126 2.25 -3.37 -28.57
CA VAL D 126 3.10 -4.19 -27.71
C VAL D 126 4.33 -4.61 -28.51
N GLU D 127 5.44 -4.75 -27.80
CA GLU D 127 6.72 -5.16 -28.37
C GLU D 127 6.92 -6.66 -28.09
N GLN D 128 6.42 -7.50 -28.98
CA GLN D 128 6.61 -8.94 -28.83
C GLN D 128 8.10 -9.28 -28.82
N LEU D 129 8.45 -10.37 -28.14
CA LEU D 129 9.83 -10.79 -28.02
C LEU D 129 9.98 -12.25 -28.46
N GLY D 130 11.19 -12.63 -28.79
CA GLY D 130 11.49 -13.94 -29.31
C GLY D 130 12.03 -14.87 -28.24
N ILE D 131 11.36 -16.02 -28.10
CA ILE D 131 11.79 -17.06 -27.16
C ILE D 131 12.46 -18.17 -27.96
N PRO D 132 13.79 -18.19 -28.01
CA PRO D 132 14.46 -19.21 -28.84
C PRO D 132 14.17 -20.62 -28.34
N GLU D 133 13.97 -21.53 -29.29
CA GLU D 133 13.89 -22.95 -28.97
C GLU D 133 15.17 -23.40 -28.29
N GLN D 134 15.03 -24.18 -27.22
CA GLN D 134 16.23 -24.67 -26.54
C GLN D 134 15.90 -25.87 -25.67
N GLU D 135 16.95 -26.63 -25.38
CA GLU D 135 16.92 -27.69 -24.38
C GLU D 135 17.57 -27.17 -23.11
N TYR D 136 16.90 -27.37 -21.97
CA TYR D 136 17.35 -26.84 -20.69
C TYR D 136 18.18 -27.88 -19.93
N SER D 137 18.87 -27.40 -18.89
CA SER D 137 19.69 -28.26 -18.04
C SER D 137 18.82 -29.17 -17.17
N CYS D 138 18.08 -28.58 -16.24
CA CYS D 138 17.13 -29.31 -15.39
C CYS D 138 15.71 -28.96 -15.77
N VAL D 139 14.88 -29.99 -15.94
CA VAL D 139 13.42 -29.83 -15.99
C VAL D 139 12.83 -30.76 -14.94
N VAL D 140 11.81 -30.27 -14.23
CA VAL D 140 11.23 -30.98 -13.09
C VAL D 140 9.71 -30.95 -13.23
N LYS D 141 9.08 -32.12 -13.18
CA LYS D 141 7.64 -32.27 -13.35
C LYS D 141 7.05 -32.76 -12.03
N MET D 142 6.52 -31.81 -11.25
CA MET D 142 5.99 -32.08 -9.91
C MET D 142 4.50 -31.79 -9.87
N PRO D 143 3.80 -32.05 -8.76
CA PRO D 143 2.40 -31.60 -8.65
C PRO D 143 2.31 -30.09 -8.48
N SER D 144 1.32 -29.50 -9.14
CA SER D 144 1.17 -28.04 -9.13
C SER D 144 0.83 -27.53 -7.74
N GLY D 145 -0.11 -28.18 -7.05
CA GLY D 145 -0.45 -27.76 -5.70
C GLY D 145 0.74 -27.77 -4.77
N GLU D 146 1.61 -28.78 -4.90
CA GLU D 146 2.84 -28.82 -4.13
C GLU D 146 3.71 -27.60 -4.43
N PHE D 147 3.93 -27.33 -5.72
CA PHE D 147 4.75 -26.19 -6.11
C PHE D 147 4.16 -24.88 -5.59
N ALA D 148 2.83 -24.77 -5.60
CA ALA D 148 2.18 -23.57 -5.08
C ALA D 148 2.34 -23.45 -3.57
N ARG D 149 2.15 -24.55 -2.86
CA ARG D 149 2.27 -24.54 -1.40
C ARG D 149 3.68 -24.16 -0.97
N ILE D 150 4.69 -24.69 -1.68
CA ILE D 150 6.08 -24.39 -1.35
C ILE D 150 6.36 -22.90 -1.51
N CYS D 151 5.90 -22.31 -2.62
CA CYS D 151 6.12 -20.88 -2.85
C CYS D 151 5.39 -20.04 -1.81
N ARG D 152 4.18 -20.43 -1.44
CA ARG D 152 3.42 -19.68 -0.45
C ARG D 152 4.10 -19.71 0.91
N ASP D 153 4.54 -20.89 1.35
CA ASP D 153 5.13 -21.05 2.67
C ASP D 153 6.42 -20.25 2.80
N LEU D 154 7.41 -20.55 1.95
CA LEU D 154 8.73 -19.96 2.09
C LEU D 154 8.72 -18.44 1.95
N SER D 155 7.69 -17.88 1.30
CA SER D 155 7.60 -16.44 1.17
C SER D 155 7.44 -15.74 2.51
N HIS D 156 6.98 -16.46 3.55
CA HIS D 156 6.92 -15.89 4.89
C HIS D 156 8.25 -16.02 5.62
N ILE D 157 9.09 -16.98 5.26
CA ILE D 157 10.42 -17.07 5.86
C ILE D 157 11.34 -16.02 5.24
N GLY D 158 11.44 -16.00 3.91
CA GLY D 158 12.18 -14.99 3.20
C GLY D 158 11.55 -14.73 1.85
N ASP D 159 11.92 -13.60 1.25
CA ASP D 159 11.28 -13.15 0.02
C ASP D 159 12.06 -13.54 -1.24
N ALA D 160 12.94 -14.54 -1.14
CA ALA D 160 13.70 -15.00 -2.30
C ALA D 160 14.02 -16.47 -2.13
N VAL D 161 13.91 -17.23 -3.22
CA VAL D 161 14.07 -18.68 -3.18
C VAL D 161 15.29 -19.07 -4.00
N VAL D 162 15.93 -20.16 -3.58
CA VAL D 162 17.04 -20.78 -4.32
C VAL D 162 16.59 -22.16 -4.75
N ILE D 163 16.59 -22.41 -6.06
CA ILE D 163 16.20 -23.70 -6.61
C ILE D 163 17.45 -24.42 -7.07
N SER D 164 17.74 -25.56 -6.45
CA SER D 164 18.90 -26.39 -6.77
C SER D 164 18.42 -27.76 -7.21
N CYS D 165 18.98 -28.27 -8.30
CA CYS D 165 18.51 -29.48 -8.97
C CYS D 165 19.69 -30.36 -9.35
N ALA D 166 19.59 -31.65 -9.01
CA ALA D 166 20.62 -32.65 -9.32
C ALA D 166 19.94 -33.98 -9.58
N LYS D 167 20.73 -35.05 -9.74
CA LYS D 167 20.17 -36.37 -9.99
C LYS D 167 19.84 -37.05 -8.64
N ASP D 168 18.87 -36.46 -7.96
CA ASP D 168 18.40 -37.05 -6.72
C ASP D 168 17.01 -36.51 -6.42
N GLY D 169 16.89 -35.21 -6.64
CA GLY D 169 15.70 -34.48 -6.27
C GLY D 169 16.01 -33.00 -6.36
N VAL D 170 14.98 -32.21 -6.09
CA VAL D 170 15.07 -30.76 -6.18
C VAL D 170 14.93 -30.19 -4.78
N LYS D 171 15.58 -29.04 -4.56
CA LYS D 171 15.56 -28.37 -3.27
C LYS D 171 15.26 -26.89 -3.45
N PHE D 172 14.24 -26.41 -2.74
CA PHE D 172 13.91 -24.99 -2.65
C PHE D 172 14.32 -24.48 -1.28
N SER D 173 14.87 -23.27 -1.23
CA SER D 173 15.45 -22.77 0.00
C SER D 173 15.36 -21.25 0.07
N ALA D 174 15.05 -20.73 1.26
CA ALA D 174 14.94 -19.31 1.51
C ALA D 174 15.47 -18.99 2.90
N SER D 175 15.79 -17.71 3.10
CA SER D 175 16.28 -17.23 4.38
C SER D 175 15.78 -15.81 4.60
N GLY D 176 15.51 -15.47 5.86
CA GLY D 176 15.07 -14.15 6.24
C GLY D 176 15.59 -13.83 7.62
N GLU D 177 15.18 -12.70 8.21
CA GLU D 177 15.72 -12.34 9.52
C GLU D 177 15.15 -13.25 10.62
N LEU D 178 13.98 -13.83 10.40
CA LEU D 178 13.43 -14.75 11.39
C LEU D 178 14.11 -16.11 11.37
N GLY D 179 14.80 -16.45 10.29
CA GLY D 179 15.49 -17.71 10.21
C GLY D 179 15.73 -18.11 8.75
N ASN D 180 15.61 -19.41 8.49
CA ASN D 180 15.73 -19.92 7.13
C ASN D 180 15.16 -21.34 7.08
N GLY D 181 15.06 -21.87 5.86
CA GLY D 181 14.52 -23.20 5.66
C GLY D 181 14.76 -23.79 4.28
N ASN D 182 14.79 -25.12 4.19
CA ASN D 182 15.00 -25.84 2.94
C ASN D 182 13.92 -26.92 2.79
N ILE D 183 13.42 -27.10 1.56
CA ILE D 183 12.42 -28.11 1.25
C ILE D 183 12.96 -28.96 0.10
N LYS D 184 12.84 -30.28 0.23
CA LYS D 184 13.50 -31.20 -0.68
C LYS D 184 12.53 -32.29 -1.13
N LEU D 185 12.40 -32.45 -2.45
CA LEU D 185 11.62 -33.51 -3.06
C LEU D 185 12.53 -34.38 -3.91
N SER D 186 12.33 -35.69 -3.88
CA SER D 186 13.05 -36.62 -4.76
C SER D 186 12.06 -37.29 -5.73
N GLN D 187 12.57 -38.28 -6.45
CA GLN D 187 11.85 -38.86 -7.58
C GLN D 187 11.01 -40.06 -7.15
N THR D 188 10.32 -40.64 -8.12
CA THR D 188 9.37 -41.71 -7.87
C THR D 188 9.54 -42.85 -8.85
N GLU D 194 1.76 -40.69 -11.12
CA GLU D 194 1.42 -39.73 -12.15
C GLU D 194 1.16 -38.33 -11.59
N GLU D 195 0.00 -38.16 -10.94
CA GLU D 195 -0.42 -36.84 -10.50
C GLU D 195 0.24 -36.43 -9.20
N GLU D 196 0.52 -37.37 -8.30
CA GLU D 196 1.30 -37.06 -7.10
C GLU D 196 2.79 -37.30 -7.28
N ALA D 197 3.21 -37.76 -8.46
CA ALA D 197 4.59 -38.15 -8.69
C ALA D 197 5.48 -36.92 -8.87
N VAL D 198 6.79 -37.17 -8.79
CA VAL D 198 7.81 -36.17 -9.10
C VAL D 198 8.87 -36.86 -9.95
N THR D 199 9.16 -36.28 -11.11
CA THR D 199 10.22 -36.79 -11.98
C THR D 199 11.12 -35.65 -12.41
N ILE D 200 12.43 -35.88 -12.37
CA ILE D 200 13.43 -34.89 -12.75
C ILE D 200 14.29 -35.50 -13.85
N GLU D 201 14.31 -34.86 -15.01
CA GLU D 201 15.20 -35.24 -16.10
C GLU D 201 16.33 -34.22 -16.14
N MET D 202 17.54 -34.71 -15.94
CA MET D 202 18.60 -33.90 -15.40
C MET D 202 19.86 -34.13 -16.22
N ASN D 203 20.50 -33.03 -16.66
CA ASN D 203 21.72 -33.14 -17.44
C ASN D 203 22.92 -32.39 -16.84
N GLU D 204 22.72 -31.20 -16.24
CA GLU D 204 23.78 -30.42 -15.53
C GLU D 204 23.25 -29.87 -14.21
N PRO D 205 24.01 -29.96 -13.11
CA PRO D 205 23.52 -29.42 -11.84
C PRO D 205 23.30 -27.92 -11.94
N VAL D 206 22.14 -27.47 -11.44
CA VAL D 206 21.74 -26.08 -11.59
C VAL D 206 21.41 -25.53 -10.21
N GLN D 207 21.70 -24.25 -10.01
CA GLN D 207 21.35 -23.59 -8.75
C GLN D 207 21.28 -22.08 -9.00
N LEU D 208 20.07 -21.59 -9.29
CA LEU D 208 19.80 -20.16 -9.40
C LEU D 208 18.83 -19.74 -8.31
N THR D 209 18.63 -18.42 -8.20
CA THR D 209 17.71 -17.84 -7.24
C THR D 209 16.71 -16.96 -7.96
N PHE D 210 15.50 -16.85 -7.39
CA PHE D 210 14.41 -16.13 -8.02
C PHE D 210 13.60 -15.38 -6.98
N ALA D 211 13.00 -14.26 -7.40
CA ALA D 211 12.12 -13.50 -6.54
C ALA D 211 10.80 -14.26 -6.37
N LEU D 212 10.40 -14.44 -5.10
CA LEU D 212 9.23 -15.27 -4.79
C LEU D 212 7.92 -14.52 -5.02
N ARG D 213 7.93 -13.20 -4.90
CA ARG D 213 6.77 -12.36 -5.20
C ARG D 213 6.13 -12.76 -6.51
N TYR D 214 6.95 -13.09 -7.50
CA TYR D 214 6.45 -13.41 -8.84
C TYR D 214 5.90 -14.83 -8.91
N LEU D 215 6.62 -15.80 -8.33
CA LEU D 215 6.17 -17.19 -8.39
C LEU D 215 4.77 -17.36 -7.79
N ASN D 216 4.41 -16.52 -6.82
CA ASN D 216 3.09 -16.62 -6.21
C ASN D 216 2.00 -16.08 -7.14
N PHE D 217 2.33 -15.12 -8.00
CA PHE D 217 1.42 -14.77 -9.10
C PHE D 217 1.24 -15.95 -10.05
N PHE D 218 2.35 -16.60 -10.42
CA PHE D 218 2.31 -17.67 -11.40
C PHE D 218 1.42 -18.81 -10.94
N THR D 219 1.37 -19.07 -9.64
CA THR D 219 0.64 -20.20 -9.10
C THR D 219 -0.88 -19.99 -9.11
N LYS D 220 -1.35 -18.82 -9.55
CA LYS D 220 -2.77 -18.66 -9.80
C LYS D 220 -3.20 -19.36 -11.09
N ALA D 221 -2.27 -20.00 -11.79
CA ALA D 221 -2.58 -20.90 -12.90
C ALA D 221 -2.75 -22.34 -12.44
N THR D 222 -2.68 -22.58 -11.12
CA THR D 222 -2.76 -23.95 -10.60
C THR D 222 -4.02 -24.70 -11.01
N PRO D 223 -5.22 -24.11 -11.06
CA PRO D 223 -6.41 -24.90 -11.42
C PRO D 223 -6.42 -25.41 -12.86
N LEU D 224 -5.48 -24.99 -13.71
CA LEU D 224 -5.47 -25.45 -15.09
C LEU D 224 -4.98 -26.88 -15.23
N SER D 225 -4.08 -27.31 -14.34
CA SER D 225 -3.55 -28.67 -14.41
C SER D 225 -3.06 -29.09 -13.03
N SER D 226 -3.23 -30.37 -12.71
CA SER D 226 -2.65 -30.92 -11.49
C SER D 226 -1.13 -30.94 -11.54
N THR D 227 -0.56 -30.90 -12.73
CA THR D 227 0.88 -30.95 -12.94
C THR D 227 1.43 -29.55 -13.21
N VAL D 228 2.75 -29.42 -13.02
CA VAL D 228 3.49 -28.24 -13.44
C VAL D 228 4.92 -28.70 -13.70
N THR D 229 5.57 -28.08 -14.69
CA THR D 229 6.93 -28.44 -15.06
C THR D 229 7.79 -27.19 -15.13
N LEU D 230 8.88 -27.18 -14.36
CA LEU D 230 9.86 -26.12 -14.39
C LEU D 230 10.99 -26.47 -15.34
N SER D 231 11.69 -25.44 -15.81
CA SER D 231 12.87 -25.65 -16.65
C SER D 231 13.90 -24.58 -16.32
N MET D 232 15.12 -25.02 -16.02
CA MET D 232 16.18 -24.12 -15.59
C MET D 232 17.46 -24.40 -16.36
N SER D 233 18.20 -23.33 -16.61
CA SER D 233 19.61 -23.40 -16.97
C SER D 233 20.28 -22.16 -16.39
N ALA D 234 21.60 -22.19 -16.33
CA ALA D 234 22.34 -21.09 -15.72
C ALA D 234 22.07 -19.78 -16.43
N ASP D 235 21.79 -18.74 -15.65
CA ASP D 235 21.71 -17.35 -16.12
C ASP D 235 20.72 -17.16 -17.27
N VAL D 236 19.67 -17.97 -17.34
CA VAL D 236 18.56 -17.71 -18.25
C VAL D 236 17.26 -17.92 -17.48
N PRO D 237 16.16 -17.33 -17.95
CA PRO D 237 14.93 -17.33 -17.14
C PRO D 237 14.37 -18.73 -16.89
N LEU D 238 13.84 -18.91 -15.68
CA LEU D 238 13.03 -20.09 -15.37
C LEU D 238 11.68 -19.99 -16.06
N VAL D 239 11.18 -21.12 -16.55
CA VAL D 239 9.86 -21.17 -17.17
C VAL D 239 9.00 -22.15 -16.37
N VAL D 240 7.95 -21.63 -15.75
CA VAL D 240 6.91 -22.45 -15.13
C VAL D 240 5.83 -22.67 -16.18
N GLU D 241 5.48 -23.93 -16.42
CA GLU D 241 4.59 -24.28 -17.53
C GLU D 241 3.40 -25.07 -17.02
N TYR D 242 2.19 -24.52 -17.25
CA TYR D 242 0.95 -25.19 -16.93
C TYR D 242 0.27 -25.64 -18.22
N LYS D 243 -0.04 -26.93 -18.32
CA LYS D 243 -0.73 -27.43 -19.50
C LYS D 243 -2.21 -27.12 -19.42
N ILE D 244 -2.81 -26.91 -20.59
CA ILE D 244 -4.25 -26.79 -20.74
C ILE D 244 -4.69 -27.95 -21.62
N ALA D 245 -5.46 -28.87 -21.04
CA ALA D 245 -5.62 -30.22 -21.57
C ALA D 245 -5.93 -30.22 -23.06
N ASP D 246 -5.21 -31.08 -23.79
CA ASP D 246 -5.30 -31.27 -25.25
C ASP D 246 -5.73 -30.01 -25.99
N MET D 247 -4.97 -28.92 -25.84
CA MET D 247 -5.35 -27.66 -26.44
C MET D 247 -4.16 -26.71 -26.56
N GLY D 248 -3.47 -26.48 -25.45
CA GLY D 248 -2.34 -25.58 -25.44
C GLY D 248 -1.61 -25.54 -24.12
N HIS D 249 -1.16 -24.36 -23.71
CA HIS D 249 -0.40 -24.24 -22.48
C HIS D 249 -0.35 -22.78 -22.06
N LEU D 250 -0.07 -22.58 -20.77
CA LEU D 250 0.23 -21.27 -20.21
C LEU D 250 1.61 -21.36 -19.58
N LYS D 251 2.49 -20.41 -19.93
CA LYS D 251 3.88 -20.45 -19.50
C LYS D 251 4.27 -19.11 -18.89
N TYR D 252 5.01 -19.17 -17.78
CA TYR D 252 5.52 -18.00 -17.09
C TYR D 252 7.04 -18.04 -17.08
N TYR D 253 7.67 -16.97 -17.55
CA TYR D 253 9.12 -16.84 -17.56
C TYR D 253 9.55 -15.83 -16.51
N LEU D 254 10.66 -16.10 -15.83
CA LEU D 254 11.10 -15.28 -14.71
C LEU D 254 12.62 -15.15 -14.72
N ALA D 255 13.10 -13.91 -14.65
CA ALA D 255 14.53 -13.63 -14.73
C ALA D 255 15.20 -13.82 -13.37
N PRO D 256 16.44 -14.33 -13.35
CA PRO D 256 17.11 -14.60 -12.07
C PRO D 256 17.68 -13.35 -11.41
N LYS D 257 18.50 -13.53 -10.39
CA LYS D 257 19.03 -12.43 -9.59
C LYS D 257 20.53 -12.26 -9.81
N ILE D 258 21.08 -11.23 -9.17
CA ILE D 258 22.42 -10.71 -9.43
C ILE D 258 22.75 -10.74 -10.92
N GLU E 6 -46.95 -12.78 23.31
CA GLU E 6 -46.06 -13.93 23.22
C GLU E 6 -46.39 -14.80 22.00
N ALA E 7 -45.38 -15.11 21.19
CA ALA E 7 -45.57 -15.83 19.94
C ALA E 7 -44.33 -16.69 19.63
N ARG E 8 -44.59 -17.99 19.47
CA ARG E 8 -43.62 -19.09 19.46
C ARG E 8 -43.56 -19.75 18.09
N LEU E 9 -42.44 -19.59 17.38
CA LEU E 9 -42.25 -20.15 16.04
C LEU E 9 -41.24 -21.30 16.10
N VAL E 10 -41.49 -22.45 15.46
CA VAL E 10 -40.55 -23.52 15.76
C VAL E 10 -39.41 -23.69 14.74
N GLN E 11 -39.54 -23.20 13.51
CA GLN E 11 -38.39 -23.20 12.61
C GLN E 11 -37.69 -21.85 12.72
N GLY E 12 -37.05 -21.66 13.88
CA GLY E 12 -36.43 -20.42 14.26
C GLY E 12 -35.45 -19.84 13.26
N SER E 13 -34.98 -20.69 12.34
CA SER E 13 -34.19 -20.20 11.23
C SER E 13 -34.96 -19.15 10.43
N ILE E 14 -36.28 -19.31 10.33
CA ILE E 14 -37.10 -18.41 9.52
C ILE E 14 -36.88 -16.96 9.92
N LEU E 15 -36.77 -16.69 11.21
CA LEU E 15 -36.72 -15.30 11.60
C LEU E 15 -35.30 -14.74 11.60
N LYS E 16 -34.28 -15.59 11.80
CA LYS E 16 -32.92 -15.15 11.53
C LYS E 16 -32.77 -14.71 10.07
N LYS E 17 -33.22 -15.56 9.15
CA LYS E 17 -33.13 -15.23 7.73
C LYS E 17 -33.86 -13.94 7.40
N VAL E 18 -34.99 -13.70 8.06
CA VAL E 18 -35.70 -12.42 7.90
C VAL E 18 -34.78 -11.26 8.23
N LEU E 19 -34.20 -11.30 9.43
CA LEU E 19 -33.40 -10.17 9.91
C LEU E 19 -32.09 -10.02 9.15
N GLU E 20 -31.56 -11.10 8.57
CA GLU E 20 -30.43 -10.95 7.67
C GLU E 20 -30.85 -10.19 6.42
N ALA E 21 -32.03 -10.51 5.87
CA ALA E 21 -32.50 -9.87 4.65
C ALA E 21 -32.72 -8.38 4.83
N LEU E 22 -33.02 -7.93 6.05
CA LEU E 22 -33.48 -6.55 6.26
C LEU E 22 -32.40 -5.59 6.72
N LYS E 23 -31.53 -5.99 7.66
CA LYS E 23 -30.91 -4.97 8.51
C LYS E 23 -29.80 -4.18 7.80
N ASP E 24 -29.24 -4.69 6.70
CA ASP E 24 -28.31 -3.84 5.95
C ASP E 24 -29.03 -2.75 5.18
N LEU E 25 -30.24 -3.04 4.70
CA LEU E 25 -31.04 -2.04 3.99
C LEU E 25 -31.86 -1.18 4.94
N ILE E 26 -32.31 -1.74 6.07
CA ILE E 26 -33.07 -1.02 7.09
C ILE E 26 -32.27 -1.08 8.39
N ASN E 27 -32.02 0.07 9.00
CA ASN E 27 -31.35 0.04 10.30
C ASN E 27 -32.32 0.15 11.49
N GLU E 28 -33.52 0.68 11.29
CA GLU E 28 -34.49 0.80 12.38
C GLU E 28 -35.90 0.78 11.81
N ALA E 29 -36.84 0.13 12.52
CA ALA E 29 -38.16 -0.10 11.94
C ALA E 29 -39.16 -0.50 13.02
N CYS E 30 -40.39 -0.81 12.59
CA CYS E 30 -41.64 -0.63 13.35
C CYS E 30 -42.46 -1.92 13.42
N TRP E 31 -42.29 -2.73 14.47
CA TRP E 31 -42.95 -4.05 14.48
C TRP E 31 -44.37 -3.92 15.00
N ASP E 32 -45.31 -3.68 14.07
CA ASP E 32 -46.74 -3.67 14.36
C ASP E 32 -47.28 -5.08 14.45
N ILE E 33 -47.93 -5.40 15.57
CA ILE E 33 -48.36 -6.76 15.84
C ILE E 33 -49.78 -6.76 16.40
N SER E 34 -50.66 -7.59 15.83
CA SER E 34 -52.03 -7.72 16.30
C SER E 34 -52.49 -9.17 16.20
N SER E 35 -53.73 -9.39 16.64
CA SER E 35 -54.47 -10.64 16.43
C SER E 35 -54.17 -11.30 15.10
N SER E 36 -54.04 -10.50 14.03
CA SER E 36 -53.92 -11.05 12.69
C SER E 36 -52.54 -11.68 12.46
N GLY E 37 -51.50 -10.98 12.82
CA GLY E 37 -50.14 -11.36 12.52
C GLY E 37 -49.28 -10.11 12.60
N VAL E 38 -47.97 -10.30 12.47
CA VAL E 38 -47.05 -9.17 12.52
C VAL E 38 -46.73 -8.72 11.12
N ASN E 39 -46.80 -7.40 10.91
CA ASN E 39 -46.37 -6.75 9.70
C ASN E 39 -45.35 -5.68 10.07
N LEU E 40 -44.63 -5.20 9.06
CA LEU E 40 -43.79 -4.01 9.22
C LEU E 40 -43.38 -3.51 7.86
N GLN E 41 -43.56 -2.19 7.67
CA GLN E 41 -43.15 -1.49 6.47
C GLN E 41 -42.07 -0.45 6.78
N SER E 42 -41.19 -0.22 5.81
CA SER E 42 -40.17 0.82 5.97
C SER E 42 -39.58 1.16 4.61
N MET E 43 -39.12 2.41 4.48
CA MET E 43 -38.28 2.85 3.39
C MET E 43 -36.84 2.92 3.88
N ASP E 44 -35.89 2.73 2.96
CA ASP E 44 -34.51 3.05 3.30
C ASP E 44 -34.33 4.56 3.29
N SER E 45 -33.18 5.00 3.81
CA SER E 45 -32.94 6.43 4.01
C SER E 45 -32.97 7.22 2.70
N SER E 46 -32.77 6.57 1.56
CA SER E 46 -32.81 7.28 0.28
C SER E 46 -34.22 7.46 -0.26
N HIS E 47 -35.22 6.86 0.38
CA HIS E 47 -36.62 6.93 -0.04
C HIS E 47 -36.83 6.39 -1.44
N VAL E 48 -35.94 5.50 -1.89
CA VAL E 48 -36.04 4.87 -3.19
C VAL E 48 -36.63 3.47 -3.09
N SER E 49 -36.31 2.76 -2.02
CA SER E 49 -36.75 1.39 -1.82
C SER E 49 -38.03 1.39 -1.00
N LEU E 50 -38.60 0.20 -0.86
CA LEU E 50 -39.72 -0.03 0.04
C LEU E 50 -39.76 -1.52 0.37
N VAL E 51 -39.83 -1.83 1.67
CA VAL E 51 -39.96 -3.21 2.14
C VAL E 51 -41.17 -3.29 3.05
N GLN E 52 -41.83 -4.44 3.06
CA GLN E 52 -42.93 -4.66 3.98
C GLN E 52 -43.10 -6.14 4.23
N LEU E 53 -43.15 -6.51 5.50
CA LEU E 53 -43.15 -7.90 5.94
C LEU E 53 -44.56 -8.33 6.32
N THR E 54 -44.91 -9.56 5.98
CA THR E 54 -46.18 -10.18 6.34
C THR E 54 -45.88 -11.48 7.05
N LEU E 55 -46.36 -11.61 8.28
CA LEU E 55 -46.07 -12.80 9.06
C LEU E 55 -47.35 -13.15 9.81
N ARG E 56 -48.11 -14.10 9.26
CA ARG E 56 -49.43 -14.42 9.75
C ARG E 56 -49.36 -15.22 11.04
N SER E 57 -50.44 -15.15 11.82
CA SER E 57 -50.53 -15.91 13.07
C SER E 57 -50.64 -17.41 12.80
N GLU E 58 -51.22 -17.78 11.66
CA GLU E 58 -51.34 -19.19 11.28
C GLU E 58 -49.99 -19.85 11.10
N GLY E 59 -48.92 -19.07 10.88
CA GLY E 59 -47.62 -19.64 10.62
C GLY E 59 -46.89 -20.13 11.85
N PHE E 60 -47.05 -19.44 12.97
CA PHE E 60 -46.47 -19.93 14.22
C PHE E 60 -47.26 -21.13 14.75
N ASP E 61 -46.66 -21.75 15.75
CA ASP E 61 -47.26 -22.86 16.48
C ASP E 61 -48.07 -22.38 17.68
N THR E 62 -47.60 -21.35 18.39
CA THR E 62 -48.39 -20.70 19.42
C THR E 62 -48.30 -19.20 19.26
N TYR E 63 -49.42 -18.52 19.49
CA TYR E 63 -49.56 -17.11 19.22
C TYR E 63 -50.61 -16.55 20.16
N ARG E 64 -50.32 -15.41 20.78
CA ARG E 64 -51.25 -14.83 21.74
C ARG E 64 -51.10 -13.32 21.70
N CYS E 65 -52.00 -12.65 20.98
CA CYS E 65 -52.00 -11.19 20.88
C CYS E 65 -53.43 -10.71 21.08
N ASP E 66 -53.69 -10.06 22.21
CA ASP E 66 -55.02 -9.52 22.53
C ASP E 66 -55.13 -8.04 22.19
N ARG E 67 -54.06 -7.42 21.73
CA ARG E 67 -53.93 -5.97 21.76
C ARG E 67 -52.90 -5.54 20.73
N ASN E 68 -53.12 -4.39 20.09
CA ASN E 68 -52.12 -3.89 19.16
C ASN E 68 -50.83 -3.58 19.89
N LEU E 69 -49.75 -3.40 19.11
CA LEU E 69 -48.51 -2.84 19.63
C LEU E 69 -47.57 -2.50 18.48
N ALA E 70 -47.06 -1.27 18.47
CA ALA E 70 -46.09 -0.82 17.47
C ALA E 70 -44.76 -0.65 18.18
N MET E 71 -43.81 -1.51 17.83
CA MET E 71 -42.53 -1.58 18.52
C MET E 71 -41.45 -0.99 17.61
N GLY E 72 -40.70 -0.02 18.12
CA GLY E 72 -39.62 0.46 17.30
C GLY E 72 -38.35 -0.35 17.43
N VAL E 73 -37.87 -0.97 16.37
CA VAL E 73 -36.78 -1.93 16.55
C VAL E 73 -35.54 -1.50 15.79
N ASN E 74 -34.38 -1.56 16.47
CA ASN E 74 -33.07 -1.45 15.83
C ASN E 74 -32.65 -2.80 15.28
N LEU E 75 -32.78 -2.97 13.96
CA LEU E 75 -32.56 -4.29 13.35
C LEU E 75 -31.13 -4.77 13.51
N THR E 76 -30.15 -3.86 13.39
CA THR E 76 -28.74 -4.21 13.60
C THR E 76 -28.58 -4.92 14.93
N SER E 77 -29.10 -4.28 15.96
CA SER E 77 -29.07 -4.79 17.32
C SER E 77 -29.75 -6.18 17.46
N MET E 78 -30.97 -6.32 16.94
CA MET E 78 -31.62 -7.63 17.04
C MET E 78 -30.94 -8.67 16.17
N SER E 79 -30.45 -8.29 15.00
CA SER E 79 -29.77 -9.27 14.15
C SER E 79 -28.54 -9.85 14.84
N LYS E 80 -27.89 -9.06 15.70
CA LYS E 80 -26.73 -9.56 16.43
C LYS E 80 -27.12 -10.65 17.42
N ILE E 81 -28.17 -10.42 18.20
CA ILE E 81 -28.57 -11.41 19.19
C ILE E 81 -29.25 -12.58 18.50
N LEU E 82 -29.95 -12.32 17.41
CA LEU E 82 -30.54 -13.40 16.62
C LEU E 82 -29.49 -14.40 16.16
N LYS E 83 -28.26 -13.94 15.96
CA LYS E 83 -27.19 -14.84 15.61
C LYS E 83 -26.71 -15.68 16.78
N CYS E 84 -27.14 -15.37 18.01
CA CYS E 84 -26.79 -16.18 19.17
C CYS E 84 -27.75 -17.35 19.32
N ALA E 85 -28.19 -17.92 18.19
CA ALA E 85 -29.20 -18.95 18.18
C ALA E 85 -28.91 -19.97 17.10
N GLY E 86 -28.94 -21.25 17.47
CA GLY E 86 -28.75 -22.29 16.49
C GLY E 86 -29.79 -22.26 15.38
N ASN E 87 -29.39 -22.80 14.22
CA ASN E 87 -30.26 -22.77 13.06
C ASN E 87 -31.56 -23.54 13.26
N GLU E 88 -31.54 -24.56 14.13
CA GLU E 88 -32.74 -25.34 14.43
C GLU E 88 -33.14 -25.18 15.88
N ASP E 89 -32.68 -24.12 16.52
CA ASP E 89 -33.22 -23.73 17.81
C ASP E 89 -34.67 -23.30 17.70
N ILE E 90 -35.23 -23.01 18.86
CA ILE E 90 -36.61 -22.56 18.97
C ILE E 90 -36.57 -21.15 19.60
N ILE E 91 -36.97 -20.16 18.80
CA ILE E 91 -37.02 -18.72 19.09
C ILE E 91 -38.45 -18.23 19.44
N THR E 92 -38.67 -17.71 20.70
CA THR E 92 -39.95 -17.06 21.16
C THR E 92 -39.81 -15.57 21.51
N LEU E 93 -40.80 -14.76 21.09
CA LEU E 93 -40.80 -13.36 21.50
C LEU E 93 -41.89 -13.09 22.55
N ARG E 94 -41.69 -12.00 23.31
CA ARG E 94 -42.54 -11.71 24.47
C ARG E 94 -42.60 -10.21 24.76
N THR E 101 -38.90 -3.06 26.04
CA THR E 101 -37.87 -4.08 25.94
C THR E 101 -38.47 -5.43 25.54
N LEU E 102 -38.02 -5.97 24.42
CA LEU E 102 -38.48 -7.25 23.92
C LEU E 102 -37.61 -8.37 24.49
N ALA E 103 -38.27 -9.48 24.87
CA ALA E 103 -37.59 -10.65 25.40
C ALA E 103 -37.69 -11.81 24.39
N LEU E 104 -36.54 -12.47 24.15
CA LEU E 104 -36.42 -13.58 23.21
C LEU E 104 -35.81 -14.79 23.91
N VAL E 105 -36.38 -15.98 23.63
CA VAL E 105 -35.92 -17.28 24.15
C VAL E 105 -35.60 -18.25 22.99
N PHE E 106 -34.36 -18.75 22.94
CA PHE E 106 -34.02 -19.88 22.07
C PHE E 106 -33.87 -21.16 22.89
N GLU E 107 -34.70 -22.17 22.61
CA GLU E 107 -34.52 -23.48 23.25
C GLU E 107 -33.92 -24.43 22.21
N ALA E 108 -32.86 -25.14 22.61
CA ALA E 108 -32.18 -26.05 21.70
C ALA E 108 -33.03 -27.29 21.43
N PRO E 109 -32.90 -27.90 20.24
CA PRO E 109 -33.69 -29.10 19.94
C PRO E 109 -33.28 -30.32 20.74
N ASN E 110 -32.05 -30.39 21.23
CA ASN E 110 -31.72 -31.40 22.23
C ASN E 110 -32.16 -30.98 23.63
N GLN E 111 -32.53 -29.71 23.81
CA GLN E 111 -33.11 -29.15 25.05
C GLN E 111 -32.10 -29.11 26.20
N GLU E 112 -30.81 -29.28 25.94
CA GLU E 112 -29.85 -29.05 27.02
C GLU E 112 -29.60 -27.57 27.27
N LYS E 113 -29.60 -26.76 26.21
CA LYS E 113 -29.24 -25.35 26.28
C LYS E 113 -30.48 -24.49 26.07
N VAL E 114 -30.68 -23.49 26.93
CA VAL E 114 -31.78 -22.56 26.82
C VAL E 114 -31.24 -21.14 26.96
N SER E 115 -31.52 -20.30 25.98
CA SER E 115 -31.04 -18.92 25.92
C SER E 115 -32.23 -17.97 26.05
N ASP E 116 -32.05 -16.86 26.78
CA ASP E 116 -33.11 -15.85 26.90
C ASP E 116 -32.48 -14.46 26.97
N TYR E 117 -32.69 -13.68 25.93
CA TYR E 117 -32.15 -12.34 25.82
C TYR E 117 -33.25 -11.31 25.94
N GLU E 118 -32.91 -10.15 26.50
CA GLU E 118 -33.83 -9.03 26.66
C GLU E 118 -33.25 -7.83 25.92
N MET E 119 -33.89 -7.40 24.85
CA MET E 119 -33.29 -6.36 24.03
C MET E 119 -34.08 -5.06 24.15
N LYS E 120 -33.34 -3.96 24.27
CA LYS E 120 -33.89 -2.62 24.34
C LYS E 120 -34.65 -2.24 23.07
N LEU E 121 -35.53 -1.25 23.22
CA LEU E 121 -36.37 -0.75 22.14
C LEU E 121 -36.31 0.79 22.07
N MET E 122 -37.08 1.41 21.17
CA MET E 122 -36.82 2.75 20.65
C MET E 122 -38.06 3.61 20.55
N ASP E 123 -37.79 4.89 20.47
CA ASP E 123 -38.77 5.92 20.19
C ASP E 123 -38.82 6.12 18.68
N LEU E 124 -39.90 5.70 18.06
CA LEU E 124 -40.03 5.90 16.62
C LEU E 124 -41.39 6.50 16.24
N ASP E 125 -41.40 7.08 15.05
CA ASP E 125 -42.58 7.66 14.42
C ASP E 125 -42.59 7.15 12.98
N VAL E 126 -43.39 6.14 12.70
CA VAL E 126 -43.41 5.61 11.35
C VAL E 126 -44.35 6.42 10.48
N GLU E 127 -43.94 6.56 9.23
CA GLU E 127 -44.67 7.30 8.21
C GLU E 127 -45.10 6.30 7.15
N GLN E 128 -46.12 5.51 7.48
CA GLN E 128 -46.66 4.43 6.65
C GLN E 128 -47.27 5.04 5.36
N LEU E 129 -47.37 4.23 4.28
CA LEU E 129 -47.82 4.82 3.02
C LEU E 129 -48.47 3.73 2.19
N GLY E 130 -49.61 4.10 1.57
CA GLY E 130 -50.55 3.12 1.03
C GLY E 130 -50.16 2.48 -0.29
N ILE E 131 -50.06 1.15 -0.32
CA ILE E 131 -49.64 0.43 -1.53
C ILE E 131 -50.89 0.09 -2.33
N PRO E 132 -51.09 0.70 -3.50
CA PRO E 132 -52.15 0.27 -4.42
C PRO E 132 -52.05 -1.22 -4.68
N GLU E 133 -53.10 -1.96 -4.36
CA GLU E 133 -53.18 -3.30 -4.92
C GLU E 133 -53.76 -3.19 -6.33
N GLN E 134 -53.10 -3.88 -7.24
CA GLN E 134 -53.44 -3.81 -8.65
C GLN E 134 -53.01 -5.14 -9.26
N GLU E 135 -53.37 -5.32 -10.52
CA GLU E 135 -52.68 -6.27 -11.36
C GLU E 135 -51.52 -5.54 -12.03
N TYR E 136 -50.58 -6.29 -12.57
CA TYR E 136 -49.41 -5.71 -13.20
C TYR E 136 -49.32 -6.12 -14.67
N SER E 137 -48.56 -5.35 -15.43
CA SER E 137 -48.40 -5.63 -16.86
C SER E 137 -47.74 -6.98 -17.08
N CYS E 138 -46.75 -7.31 -16.26
CA CYS E 138 -46.03 -8.56 -16.38
C CYS E 138 -45.75 -9.12 -15.00
N VAL E 139 -45.76 -10.45 -14.89
CA VAL E 139 -45.29 -11.15 -13.69
C VAL E 139 -44.52 -12.41 -14.11
N VAL E 140 -43.39 -12.66 -13.41
CA VAL E 140 -42.35 -13.65 -13.77
C VAL E 140 -41.84 -14.38 -12.51
N LYS E 141 -42.16 -15.68 -12.41
CA LYS E 141 -41.60 -16.55 -11.38
C LYS E 141 -40.28 -17.16 -11.83
N MET E 142 -39.23 -17.06 -11.02
CA MET E 142 -37.92 -17.58 -11.40
C MET E 142 -37.19 -18.07 -10.15
N PRO E 143 -36.11 -18.86 -10.32
CA PRO E 143 -35.31 -19.25 -9.16
C PRO E 143 -34.71 -18.04 -8.47
N SER E 144 -34.83 -18.02 -7.13
CA SER E 144 -34.32 -16.90 -6.35
C SER E 144 -32.80 -16.78 -6.47
N GLY E 145 -32.11 -17.91 -6.63
CA GLY E 145 -30.67 -17.86 -6.81
C GLY E 145 -30.28 -17.35 -8.19
N GLU E 146 -31.00 -17.80 -9.22
CA GLU E 146 -30.75 -17.31 -10.56
C GLU E 146 -30.95 -15.80 -10.64
N PHE E 147 -31.93 -15.28 -9.90
CA PHE E 147 -32.12 -13.84 -9.81
C PHE E 147 -31.03 -13.19 -8.98
N ALA E 148 -30.61 -13.86 -7.89
CA ALA E 148 -29.51 -13.36 -7.09
C ALA E 148 -28.23 -13.25 -7.92
N ARG E 149 -28.00 -14.23 -8.79
CA ARG E 149 -26.82 -14.20 -9.65
C ARG E 149 -26.88 -13.02 -10.62
N ILE E 150 -27.98 -12.91 -11.36
CA ILE E 150 -28.09 -11.94 -12.45
C ILE E 150 -27.84 -10.53 -11.95
N CYS E 151 -28.43 -10.17 -10.81
CA CYS E 151 -28.24 -8.83 -10.27
C CYS E 151 -26.80 -8.62 -9.78
N ARG E 152 -26.23 -9.63 -9.13
CA ARG E 152 -24.83 -9.53 -8.70
C ARG E 152 -23.90 -9.45 -9.89
N ASP E 153 -24.20 -10.21 -10.95
CA ASP E 153 -23.32 -10.25 -12.12
C ASP E 153 -23.29 -8.90 -12.84
N LEU E 154 -24.46 -8.40 -13.24
CA LEU E 154 -24.52 -7.16 -14.02
C LEU E 154 -24.11 -5.94 -13.22
N SER E 155 -24.03 -6.04 -11.89
CA SER E 155 -23.45 -4.96 -11.11
C SER E 155 -21.97 -4.76 -11.40
N HIS E 156 -21.31 -5.79 -11.94
CA HIS E 156 -19.94 -5.62 -12.42
C HIS E 156 -19.89 -4.73 -13.65
N ILE E 157 -20.87 -4.89 -14.55
CA ILE E 157 -20.81 -4.22 -15.85
C ILE E 157 -21.37 -2.80 -15.76
N GLY E 158 -22.44 -2.60 -15.00
CA GLY E 158 -23.06 -1.30 -14.88
C GLY E 158 -23.78 -1.12 -13.57
N ASP E 159 -24.28 0.09 -13.35
CA ASP E 159 -24.96 0.47 -12.12
C ASP E 159 -26.47 0.47 -12.26
N ALA E 160 -27.01 -0.04 -13.36
CA ALA E 160 -28.45 -0.03 -13.58
C ALA E 160 -28.82 -1.10 -14.59
N VAL E 161 -29.94 -1.78 -14.35
CA VAL E 161 -30.36 -2.93 -15.15
C VAL E 161 -31.66 -2.58 -15.86
N VAL E 162 -31.80 -3.07 -17.10
CA VAL E 162 -33.00 -2.85 -17.90
C VAL E 162 -33.75 -4.19 -17.98
N ILE E 163 -34.89 -4.27 -17.30
CA ILE E 163 -35.72 -5.46 -17.32
C ILE E 163 -36.83 -5.25 -18.34
N SER E 164 -36.94 -6.19 -19.29
CA SER E 164 -37.85 -6.01 -20.41
C SER E 164 -38.49 -7.36 -20.72
N CYS E 165 -39.77 -7.49 -20.43
CA CYS E 165 -40.51 -8.73 -20.62
C CYS E 165 -41.27 -8.70 -21.94
N ALA E 166 -41.65 -9.90 -22.40
CA ALA E 166 -42.43 -10.04 -23.61
C ALA E 166 -43.07 -11.43 -23.62
N LYS E 167 -43.72 -11.77 -24.75
CA LYS E 167 -44.35 -13.08 -24.93
C LYS E 167 -43.33 -14.06 -25.50
N ASP E 168 -42.39 -14.44 -24.63
CA ASP E 168 -41.37 -15.45 -24.88
C ASP E 168 -40.46 -15.57 -23.67
N GLY E 169 -40.23 -14.46 -22.98
CA GLY E 169 -39.38 -14.48 -21.80
C GLY E 169 -39.06 -13.08 -21.32
N VAL E 170 -38.00 -12.99 -20.52
CA VAL E 170 -37.54 -11.75 -19.92
C VAL E 170 -36.05 -11.60 -20.22
N LYS E 171 -35.56 -10.36 -20.14
CA LYS E 171 -34.16 -10.10 -20.42
C LYS E 171 -33.67 -8.91 -19.61
N PHE E 172 -32.52 -9.11 -18.94
CA PHE E 172 -31.90 -8.10 -18.09
C PHE E 172 -30.62 -7.61 -18.76
N SER E 173 -30.42 -6.29 -18.80
CA SER E 173 -29.23 -5.74 -19.43
C SER E 173 -28.73 -4.52 -18.68
N ALA E 174 -27.44 -4.24 -18.87
CA ALA E 174 -26.77 -3.13 -18.21
C ALA E 174 -25.57 -2.73 -19.05
N SER E 175 -24.97 -1.60 -18.71
CA SER E 175 -23.81 -1.12 -19.46
C SER E 175 -23.01 -0.14 -18.62
N GLY E 176 -21.70 -0.11 -18.89
CA GLY E 176 -20.78 0.81 -18.23
C GLY E 176 -19.64 1.08 -19.17
N GLU E 177 -18.58 1.71 -18.64
CA GLU E 177 -17.49 2.14 -19.51
C GLU E 177 -16.73 0.97 -20.12
N LEU E 178 -16.83 -0.23 -19.55
CA LEU E 178 -16.12 -1.37 -20.12
C LEU E 178 -16.92 -2.09 -21.20
N GLY E 179 -18.24 -1.93 -21.22
CA GLY E 179 -19.05 -2.61 -22.24
C GLY E 179 -20.51 -2.71 -21.81
N ASN E 180 -21.14 -3.79 -22.24
CA ASN E 180 -22.56 -4.03 -21.99
C ASN E 180 -22.87 -5.51 -22.19
N GLY E 181 -24.03 -5.94 -21.71
CA GLY E 181 -24.41 -7.34 -21.81
C GLY E 181 -25.89 -7.56 -21.55
N ASN E 182 -26.38 -8.72 -22.01
CA ASN E 182 -27.79 -9.11 -21.90
C ASN E 182 -27.91 -10.53 -21.34
N ILE E 183 -28.92 -10.73 -20.50
CA ILE E 183 -29.27 -12.03 -19.93
C ILE E 183 -30.70 -12.35 -20.35
N LYS E 184 -30.90 -13.44 -21.07
CA LYS E 184 -32.23 -13.80 -21.56
C LYS E 184 -32.68 -15.13 -20.99
N LEU E 185 -33.91 -15.17 -20.48
CA LEU E 185 -34.50 -16.36 -19.86
C LEU E 185 -35.79 -16.72 -20.60
N SER E 186 -35.73 -17.69 -21.51
CA SER E 186 -36.92 -18.17 -22.19
C SER E 186 -37.78 -18.96 -21.21
N GLN E 187 -38.97 -19.35 -21.66
CA GLN E 187 -39.87 -20.09 -20.80
C GLN E 187 -39.54 -21.59 -20.83
N THR E 188 -40.18 -22.33 -19.91
CA THR E 188 -39.79 -23.71 -19.62
C THR E 188 -40.93 -24.69 -19.87
N SER E 189 -40.55 -25.96 -19.88
CA SER E 189 -41.46 -27.08 -20.02
C SER E 189 -40.73 -28.40 -19.72
N GLU E 194 -40.22 -27.54 -12.01
CA GLU E 194 -41.37 -27.24 -11.18
C GLU E 194 -41.03 -26.18 -10.13
N GLU E 195 -39.81 -26.24 -9.57
CA GLU E 195 -39.32 -25.19 -8.69
C GLU E 195 -38.07 -24.48 -9.21
N GLU E 196 -37.25 -25.13 -10.02
CA GLU E 196 -36.27 -24.42 -10.85
C GLU E 196 -36.86 -24.26 -12.26
N ALA E 197 -37.82 -23.34 -12.35
CA ALA E 197 -38.56 -23.12 -13.58
C ALA E 197 -38.79 -21.63 -13.76
N VAL E 198 -39.08 -21.23 -15.01
CA VAL E 198 -39.28 -19.83 -15.34
C VAL E 198 -40.67 -19.67 -15.94
N THR E 199 -41.56 -19.03 -15.19
CA THR E 199 -42.97 -18.85 -15.54
C THR E 199 -43.24 -17.39 -15.84
N ILE E 200 -44.06 -17.12 -16.85
CA ILE E 200 -44.54 -15.75 -17.10
C ILE E 200 -45.99 -15.80 -17.60
N GLU E 201 -46.80 -14.88 -17.10
CA GLU E 201 -48.14 -14.60 -17.62
C GLU E 201 -48.16 -13.12 -18.00
N MET E 202 -48.42 -12.81 -19.26
CA MET E 202 -48.13 -11.49 -19.80
C MET E 202 -49.43 -10.78 -20.19
N ASN E 203 -49.51 -9.50 -19.85
CA ASN E 203 -50.65 -8.66 -20.19
C ASN E 203 -50.32 -7.58 -21.22
N GLU E 204 -49.06 -7.11 -21.25
CA GLU E 204 -48.66 -5.91 -21.98
C GLU E 204 -47.16 -5.75 -21.87
N PRO E 205 -46.48 -5.78 -23.02
CA PRO E 205 -45.02 -5.45 -23.07
C PRO E 205 -44.68 -4.24 -22.18
N VAL E 206 -43.53 -4.33 -21.52
CA VAL E 206 -42.95 -3.23 -20.76
C VAL E 206 -41.43 -3.29 -20.85
N GLN E 207 -40.79 -2.21 -20.44
CA GLN E 207 -39.35 -2.03 -20.52
C GLN E 207 -38.91 -0.88 -19.61
N LEU E 208 -38.68 -1.17 -18.34
CA LEU E 208 -38.30 -0.18 -17.33
C LEU E 208 -36.85 -0.37 -16.94
N THR E 209 -36.33 0.58 -16.15
CA THR E 209 -34.94 0.55 -15.70
C THR E 209 -34.88 0.81 -14.20
N PHE E 210 -33.90 0.17 -13.55
CA PHE E 210 -33.72 0.26 -12.10
C PHE E 210 -32.24 0.25 -11.76
N ALA E 211 -31.87 1.00 -10.72
CA ALA E 211 -30.50 1.03 -10.25
C ALA E 211 -30.16 -0.26 -9.52
N LEU E 212 -29.07 -0.91 -9.93
CA LEU E 212 -28.77 -2.27 -9.46
C LEU E 212 -28.37 -2.31 -7.99
N ARG E 213 -27.90 -1.20 -7.43
CA ARG E 213 -27.50 -1.12 -6.04
C ARG E 213 -28.53 -1.74 -5.10
N TYR E 214 -29.81 -1.48 -5.35
CA TYR E 214 -30.86 -1.88 -4.41
C TYR E 214 -31.24 -3.35 -4.56
N LEU E 215 -31.27 -3.86 -5.80
CA LEU E 215 -31.67 -5.26 -5.99
C LEU E 215 -30.66 -6.22 -5.37
N ASN E 216 -29.40 -5.80 -5.23
CA ASN E 216 -28.41 -6.61 -4.54
C ASN E 216 -28.58 -6.56 -3.03
N PHE E 217 -29.42 -5.66 -2.51
CA PHE E 217 -29.92 -5.78 -1.15
C PHE E 217 -31.15 -6.67 -1.08
N PHE E 218 -31.98 -6.66 -2.12
CA PHE E 218 -33.18 -7.48 -2.14
C PHE E 218 -32.85 -8.97 -2.16
N THR E 219 -31.72 -9.32 -2.78
CA THR E 219 -31.34 -10.71 -2.93
C THR E 219 -30.95 -11.37 -1.62
N LYS E 220 -30.70 -10.59 -0.57
CA LYS E 220 -30.37 -11.15 0.74
C LYS E 220 -31.54 -11.87 1.38
N ALA E 221 -32.68 -11.96 0.71
CA ALA E 221 -33.81 -12.77 1.13
C ALA E 221 -33.89 -14.10 0.40
N THR E 222 -32.98 -14.35 -0.54
CA THR E 222 -32.87 -15.62 -1.25
C THR E 222 -32.84 -16.84 -0.31
N PRO E 223 -32.31 -16.72 0.93
CA PRO E 223 -32.48 -17.83 1.88
C PRO E 223 -33.91 -18.33 2.04
N LEU E 224 -34.89 -17.45 2.15
CA LEU E 224 -36.21 -17.84 2.63
C LEU E 224 -37.08 -18.53 1.59
N SER E 225 -36.64 -18.66 0.33
CA SER E 225 -37.41 -19.38 -0.66
C SER E 225 -36.52 -19.76 -1.83
N SER E 226 -36.95 -20.80 -2.55
CA SER E 226 -36.25 -21.19 -3.77
C SER E 226 -36.74 -20.42 -4.98
N THR E 227 -38.00 -19.98 -4.96
CA THR E 227 -38.58 -19.24 -6.07
C THR E 227 -38.95 -17.83 -5.61
N VAL E 228 -38.63 -16.86 -6.47
CA VAL E 228 -38.96 -15.46 -6.36
C VAL E 228 -39.67 -15.10 -7.65
N THR E 229 -40.25 -13.91 -7.66
CA THR E 229 -41.14 -13.50 -8.72
C THR E 229 -41.24 -11.99 -8.73
N LEU E 230 -41.39 -11.44 -9.92
CA LEU E 230 -41.38 -10.00 -10.10
C LEU E 230 -42.69 -9.59 -10.76
N SER E 231 -43.13 -8.38 -10.47
CA SER E 231 -44.24 -7.80 -11.20
C SER E 231 -43.86 -6.39 -11.62
N MET E 232 -44.14 -6.08 -12.88
CA MET E 232 -43.69 -4.86 -13.51
C MET E 232 -44.83 -4.34 -14.37
N SER E 233 -45.18 -3.07 -14.16
CA SER E 233 -45.92 -2.29 -15.13
C SER E 233 -45.21 -0.94 -15.27
N ALA E 234 -45.41 -0.31 -16.43
CA ALA E 234 -44.72 0.94 -16.70
C ALA E 234 -45.12 2.01 -15.69
N ASP E 235 -44.16 2.87 -15.37
CA ASP E 235 -44.34 4.07 -14.54
C ASP E 235 -44.71 3.77 -13.09
N VAL E 236 -44.55 2.53 -12.63
CA VAL E 236 -44.88 2.17 -11.25
C VAL E 236 -43.79 1.28 -10.69
N PRO E 237 -43.58 1.32 -9.37
CA PRO E 237 -42.54 0.48 -8.75
C PRO E 237 -42.60 -0.99 -9.16
N LEU E 238 -41.41 -1.60 -9.21
CA LEU E 238 -41.23 -3.03 -9.33
C LEU E 238 -41.34 -3.66 -7.96
N VAL E 239 -41.99 -4.82 -7.84
CA VAL E 239 -41.99 -5.53 -6.58
C VAL E 239 -41.34 -6.88 -6.76
N VAL E 240 -40.51 -7.26 -5.79
CA VAL E 240 -39.93 -8.58 -5.71
C VAL E 240 -40.72 -9.32 -4.64
N GLU E 241 -41.01 -10.58 -4.85
CA GLU E 241 -41.79 -11.29 -3.84
C GLU E 241 -41.03 -12.55 -3.44
N TYR E 242 -40.79 -12.68 -2.14
CA TYR E 242 -40.06 -13.80 -1.55
C TYR E 242 -41.01 -14.48 -0.56
N LYS E 243 -41.40 -15.70 -0.90
CA LYS E 243 -42.39 -16.44 -0.12
C LYS E 243 -41.76 -17.05 1.12
N ILE E 244 -42.39 -16.85 2.26
CA ILE E 244 -42.15 -17.64 3.46
C ILE E 244 -43.23 -18.71 3.49
N ALA E 245 -42.84 -19.97 3.27
CA ALA E 245 -43.79 -21.05 3.10
C ALA E 245 -44.74 -21.15 4.30
N ASP E 246 -46.03 -21.25 4.00
CA ASP E 246 -47.10 -21.45 4.98
C ASP E 246 -46.97 -20.50 6.17
N MET E 247 -46.89 -19.20 5.86
CA MET E 247 -46.82 -18.19 6.91
C MET E 247 -46.95 -16.76 6.39
N GLY E 248 -46.33 -16.45 5.27
CA GLY E 248 -46.41 -15.09 4.76
C GLY E 248 -45.43 -14.84 3.62
N HIS E 249 -44.90 -13.62 3.59
CA HIS E 249 -43.95 -13.23 2.55
C HIS E 249 -43.23 -11.95 2.97
N LEU E 250 -42.19 -11.61 2.21
CA LEU E 250 -41.42 -10.38 2.37
C LEU E 250 -41.28 -9.75 0.99
N LYS E 251 -41.94 -8.62 0.78
CA LYS E 251 -41.99 -7.97 -0.53
C LYS E 251 -41.16 -6.69 -0.49
N TYR E 252 -40.27 -6.53 -1.47
CA TYR E 252 -39.54 -5.29 -1.68
C TYR E 252 -40.09 -4.59 -2.92
N TYR E 253 -40.33 -3.30 -2.81
CA TYR E 253 -40.72 -2.46 -3.93
C TYR E 253 -39.59 -1.47 -4.24
N LEU E 254 -39.45 -1.11 -5.51
CA LEU E 254 -38.35 -0.24 -5.92
C LEU E 254 -38.82 0.71 -7.03
N ALA E 255 -38.52 1.99 -6.86
CA ALA E 255 -38.94 2.98 -7.83
C ALA E 255 -38.11 2.89 -9.10
N PRO E 256 -38.71 3.15 -10.27
CA PRO E 256 -37.93 3.25 -11.50
C PRO E 256 -37.31 4.63 -11.67
N LYS E 257 -36.76 4.92 -12.85
CA LYS E 257 -35.99 6.11 -13.13
C LYS E 257 -36.56 6.83 -14.35
N ILE E 258 -35.89 7.91 -14.74
CA ILE E 258 -36.24 8.65 -15.96
C ILE E 258 -35.06 9.50 -16.42
N MET F 4 22.66 -31.39 24.11
CA MET F 4 21.87 -31.60 22.90
C MET F 4 20.46 -32.08 23.24
N PHE F 5 19.47 -31.52 22.57
CA PHE F 5 18.07 -31.87 22.74
C PHE F 5 17.51 -32.34 21.40
N GLU F 6 16.85 -33.50 21.41
CA GLU F 6 16.16 -33.99 20.21
C GLU F 6 14.85 -34.61 20.63
N ALA F 7 13.75 -33.93 20.33
CA ALA F 7 12.42 -34.51 20.43
C ALA F 7 11.92 -34.88 19.05
N ARG F 8 11.22 -36.00 18.96
CA ARG F 8 10.59 -36.46 17.73
C ARG F 8 9.12 -36.72 18.01
N LEU F 9 8.24 -36.08 17.25
CA LEU F 9 6.80 -36.12 17.51
C LEU F 9 6.09 -36.65 16.27
N VAL F 10 5.42 -37.80 16.43
CA VAL F 10 4.80 -38.46 15.28
C VAL F 10 3.51 -37.77 14.87
N GLN F 11 2.81 -37.16 15.82
CA GLN F 11 1.55 -36.48 15.52
C GLN F 11 1.83 -34.98 15.54
N GLY F 12 2.58 -34.55 14.52
CA GLY F 12 3.09 -33.19 14.48
C GLY F 12 2.01 -32.13 14.47
N SER F 13 0.79 -32.49 14.10
CA SER F 13 -0.32 -31.55 14.15
C SER F 13 -0.48 -30.93 15.52
N ILE F 14 -0.19 -31.68 16.59
CA ILE F 14 -0.34 -31.16 17.94
C ILE F 14 0.49 -29.89 18.09
N LEU F 15 1.76 -29.95 17.68
CA LEU F 15 2.64 -28.83 17.88
C LEU F 15 2.06 -27.57 17.25
N LYS F 16 1.65 -27.65 15.98
CA LYS F 16 1.14 -26.45 15.31
C LYS F 16 -0.20 -26.00 15.89
N LYS F 17 -1.02 -26.93 16.40
CA LYS F 17 -2.21 -26.52 17.13
C LYS F 17 -1.85 -25.69 18.35
N VAL F 18 -0.80 -26.10 19.06
CA VAL F 18 -0.39 -25.42 20.30
C VAL F 18 -0.08 -23.96 20.02
N LEU F 19 0.62 -23.69 18.92
CA LEU F 19 1.03 -22.31 18.63
C LEU F 19 -0.14 -21.45 18.18
N GLU F 20 -1.06 -22.03 17.39
CA GLU F 20 -2.29 -21.32 17.05
C GLU F 20 -3.02 -20.88 18.30
N ALA F 21 -2.96 -21.69 19.35
CA ALA F 21 -3.61 -21.33 20.61
C ALA F 21 -2.85 -20.22 21.33
N LEU F 22 -1.54 -20.14 21.14
CA LEU F 22 -0.68 -19.23 21.89
C LEU F 22 -0.37 -17.93 21.18
N LYS F 23 -0.21 -17.96 19.85
CA LYS F 23 0.53 -16.89 19.17
C LYS F 23 -0.19 -15.54 19.23
N ASP F 24 -1.52 -15.52 19.30
CA ASP F 24 -2.22 -14.25 19.30
C ASP F 24 -2.25 -13.62 20.69
N LEU F 25 -2.32 -14.44 21.74
CA LEU F 25 -2.36 -13.94 23.10
C LEU F 25 -0.97 -13.56 23.61
N ILE F 26 0.02 -14.42 23.35
CA ILE F 26 1.41 -14.19 23.72
C ILE F 26 2.19 -13.97 22.44
N ASN F 27 3.15 -13.06 22.46
CA ASN F 27 3.99 -12.93 21.27
C ASN F 27 5.40 -13.46 21.44
N GLU F 28 6.09 -13.20 22.55
CA GLU F 28 7.36 -13.84 22.82
C GLU F 28 7.32 -14.53 24.17
N ALA F 29 7.92 -15.71 24.25
CA ALA F 29 7.79 -16.56 25.42
C ALA F 29 8.96 -17.53 25.48
N CYS F 30 9.26 -17.98 26.69
CA CYS F 30 10.37 -18.89 26.94
C CYS F 30 9.89 -20.33 26.99
N TRP F 31 10.63 -21.22 26.35
CA TRP F 31 10.36 -22.65 26.33
C TRP F 31 11.37 -23.33 27.24
N ASP F 32 10.92 -23.83 28.39
CA ASP F 32 11.76 -24.62 29.28
C ASP F 32 11.69 -26.08 28.86
N ILE F 33 12.81 -26.64 28.44
CA ILE F 33 12.89 -28.03 28.01
C ILE F 33 13.84 -28.76 28.93
N SER F 34 13.38 -29.87 29.50
CA SER F 34 14.17 -30.70 30.39
C SER F 34 13.88 -32.15 30.08
N SER F 35 14.50 -33.05 30.86
CA SER F 35 14.26 -34.47 30.69
C SER F 35 12.82 -34.86 31.01
N SER F 36 12.12 -34.04 31.79
CA SER F 36 10.72 -34.34 32.12
C SER F 36 9.80 -34.09 30.95
N GLY F 37 10.11 -33.10 30.12
CA GLY F 37 9.28 -32.71 29.01
C GLY F 37 9.43 -31.23 28.72
N VAL F 38 8.44 -30.68 28.02
CA VAL F 38 8.41 -29.27 27.69
C VAL F 38 7.41 -28.58 28.60
N ASN F 39 7.80 -27.44 29.17
CA ASN F 39 6.91 -26.60 29.95
C ASN F 39 7.13 -25.14 29.57
N LEU F 40 6.03 -24.41 29.41
CA LEU F 40 6.06 -22.99 29.05
C LEU F 40 5.03 -22.27 29.91
N GLN F 41 5.38 -21.05 30.34
CA GLN F 41 4.45 -20.24 31.12
C GLN F 41 4.66 -18.78 30.78
N SER F 42 3.57 -18.02 30.69
CA SER F 42 3.70 -16.61 30.33
C SER F 42 2.38 -15.89 30.61
N MET F 43 2.51 -14.61 30.97
CA MET F 43 1.39 -13.67 31.03
C MET F 43 1.27 -12.94 29.70
N ASP F 44 0.05 -12.55 29.35
CA ASP F 44 -0.10 -11.60 28.26
C ASP F 44 0.40 -10.23 28.72
N SER F 45 0.52 -9.30 27.77
CA SER F 45 1.19 -8.04 28.04
C SER F 45 0.37 -7.09 28.90
N SER F 46 -0.90 -7.39 29.18
CA SER F 46 -1.67 -6.65 30.17
C SER F 46 -1.52 -7.23 31.56
N HIS F 47 -0.97 -8.44 31.66
CA HIS F 47 -0.86 -9.20 32.90
C HIS F 47 -2.23 -9.54 33.50
N VAL F 48 -3.27 -9.55 32.66
CA VAL F 48 -4.59 -9.97 33.11
C VAL F 48 -4.83 -11.46 32.91
N SER F 49 -4.10 -12.11 32.02
CA SER F 49 -4.22 -13.54 31.82
C SER F 49 -2.85 -14.20 31.93
N LEU F 50 -2.85 -15.54 31.88
CA LEU F 50 -1.63 -16.33 31.93
C LEU F 50 -1.89 -17.67 31.26
N VAL F 51 -0.92 -18.13 30.47
CA VAL F 51 -0.97 -19.44 29.86
C VAL F 51 0.11 -20.32 30.49
N GLN F 52 -0.19 -21.61 30.60
CA GLN F 52 0.78 -22.59 31.07
C GLN F 52 0.61 -23.85 30.23
N LEU F 53 1.71 -24.30 29.63
CA LEU F 53 1.71 -25.45 28.74
C LEU F 53 2.59 -26.55 29.30
N THR F 54 2.11 -27.79 29.21
CA THR F 54 2.88 -28.96 29.62
C THR F 54 2.82 -29.98 28.50
N LEU F 55 3.99 -30.40 28.02
CA LEU F 55 4.12 -31.50 27.07
C LEU F 55 5.12 -32.48 27.67
N ARG F 56 4.60 -33.55 28.27
CA ARG F 56 5.46 -34.54 28.90
C ARG F 56 6.29 -35.28 27.85
N SER F 57 7.48 -35.70 28.26
CA SER F 57 8.35 -36.46 27.35
C SER F 57 7.76 -37.83 27.03
N GLU F 58 6.95 -38.37 27.94
CA GLU F 58 6.28 -39.66 27.70
C GLU F 58 5.53 -39.65 26.38
N GLY F 59 4.94 -38.50 26.02
CA GLY F 59 4.12 -38.41 24.82
C GLY F 59 4.89 -38.36 23.52
N PHE F 60 6.13 -37.89 23.55
CA PHE F 60 6.97 -37.94 22.36
C PHE F 60 7.43 -39.38 22.13
N ASP F 61 7.59 -39.75 20.85
CA ASP F 61 8.08 -41.08 20.54
C ASP F 61 9.60 -41.16 20.56
N THR F 62 10.28 -40.02 20.67
CA THR F 62 11.72 -40.02 20.95
C THR F 62 12.04 -38.74 21.69
N TYR F 63 12.56 -38.86 22.91
CA TYR F 63 12.91 -37.71 23.73
C TYR F 63 14.26 -37.93 24.37
N ARG F 64 15.13 -36.93 24.27
CA ARG F 64 16.42 -36.96 24.97
C ARG F 64 16.86 -35.53 25.16
N CYS F 65 17.05 -35.12 26.42
CA CYS F 65 17.48 -33.77 26.76
C CYS F 65 18.55 -33.90 27.83
N ASP F 66 19.81 -33.59 27.47
CA ASP F 66 20.92 -33.83 28.38
C ASP F 66 20.98 -32.77 29.48
N ARG F 67 20.78 -31.51 29.14
CA ARG F 67 20.82 -30.42 30.09
C ARG F 67 19.66 -29.49 29.80
N ASN F 68 19.26 -28.73 30.81
CA ASN F 68 18.04 -27.93 30.69
C ASN F 68 18.32 -26.60 30.00
N LEU F 69 17.53 -26.35 28.96
CA LEU F 69 17.68 -25.21 28.09
C LEU F 69 16.44 -24.33 28.22
N ALA F 70 16.61 -23.02 28.06
CA ALA F 70 15.51 -22.06 28.11
C ALA F 70 15.55 -21.27 26.83
N MET F 71 14.59 -21.53 25.95
CA MET F 71 14.58 -20.97 24.59
C MET F 71 13.59 -19.81 24.52
N GLY F 72 14.12 -18.59 24.43
CA GLY F 72 13.30 -17.45 24.14
C GLY F 72 12.86 -17.48 22.69
N VAL F 73 11.56 -17.65 22.45
CA VAL F 73 11.03 -17.86 21.11
C VAL F 73 10.07 -16.75 20.76
N ASN F 74 10.19 -16.22 19.54
CA ASN F 74 9.15 -15.39 18.96
C ASN F 74 8.02 -16.29 18.48
N LEU F 75 6.84 -16.15 19.09
CA LEU F 75 5.79 -17.13 18.84
C LEU F 75 5.19 -16.98 17.45
N THR F 76 5.08 -15.75 16.95
CA THR F 76 4.60 -15.58 15.57
C THR F 76 5.58 -16.19 14.58
N SER F 77 6.89 -15.94 14.78
CA SER F 77 7.90 -16.53 13.92
C SER F 77 7.79 -18.05 13.91
N MET F 78 7.56 -18.66 15.07
CA MET F 78 7.48 -20.11 15.14
C MET F 78 6.19 -20.62 14.50
N SER F 79 5.12 -19.84 14.52
CA SER F 79 3.90 -20.25 13.85
C SER F 79 4.07 -20.23 12.34
N LYS F 80 4.84 -19.27 11.82
CA LYS F 80 5.11 -19.23 10.39
C LYS F 80 5.85 -20.49 9.92
N ILE F 81 6.82 -20.96 10.72
CA ILE F 81 7.54 -22.17 10.36
C ILE F 81 6.64 -23.39 10.51
N LEU F 82 5.84 -23.44 11.58
CA LEU F 82 4.96 -24.59 11.79
C LEU F 82 3.83 -24.63 10.79
N LYS F 83 3.43 -23.49 10.23
CA LYS F 83 2.41 -23.49 9.19
C LYS F 83 2.90 -24.18 7.93
N CYS F 84 4.21 -24.17 7.68
CA CYS F 84 4.80 -24.90 6.57
C CYS F 84 4.77 -26.40 6.77
N ALA F 85 4.30 -26.89 7.91
CA ALA F 85 4.28 -28.31 8.21
C ALA F 85 2.90 -28.88 7.95
N GLY F 86 2.85 -29.99 7.21
CA GLY F 86 1.60 -30.69 7.01
C GLY F 86 1.07 -31.28 8.30
N ASN F 87 -0.22 -31.61 8.28
CA ASN F 87 -0.89 -32.11 9.47
C ASN F 87 -0.55 -33.56 9.79
N GLU F 88 0.07 -34.29 8.87
CA GLU F 88 0.52 -35.64 9.11
C GLU F 88 2.04 -35.76 9.07
N ASP F 89 2.74 -34.62 8.96
CA ASP F 89 4.19 -34.62 8.99
C ASP F 89 4.70 -35.05 10.36
N ILE F 90 5.90 -35.64 10.37
CA ILE F 90 6.56 -36.09 11.59
C ILE F 90 7.53 -35.00 11.99
N ILE F 91 7.14 -34.15 12.94
CA ILE F 91 7.95 -33.00 13.31
C ILE F 91 8.98 -33.42 14.35
N THR F 92 10.16 -32.80 14.25
CA THR F 92 11.30 -33.09 15.10
C THR F 92 11.99 -31.78 15.48
N LEU F 93 12.19 -31.57 16.79
CA LEU F 93 12.93 -30.42 17.30
C LEU F 93 14.36 -30.84 17.66
N ARG F 94 15.29 -29.87 17.54
CA ARG F 94 16.69 -30.11 17.90
C ARG F 94 17.32 -28.80 18.35
N ALA F 95 18.21 -28.87 19.34
CA ALA F 95 18.87 -27.68 19.87
C ALA F 95 20.22 -28.08 20.48
N GLU F 96 21.02 -27.06 20.79
CA GLU F 96 22.35 -27.24 21.36
C GLU F 96 22.51 -26.36 22.59
N ASP F 97 23.58 -26.62 23.35
CA ASP F 97 23.71 -26.23 24.76
C ASP F 97 23.25 -24.80 25.06
N ASN F 98 23.99 -23.79 24.59
CA ASN F 98 23.50 -22.41 24.62
C ASN F 98 23.02 -22.11 23.20
N ALA F 99 21.77 -22.44 22.94
CA ALA F 99 21.23 -22.34 21.59
C ALA F 99 21.02 -20.89 21.19
N ASP F 100 21.41 -20.57 19.96
CA ASP F 100 20.94 -19.37 19.28
C ASP F 100 19.98 -19.71 18.14
N THR F 101 19.78 -21.01 17.86
CA THR F 101 18.85 -21.47 16.83
C THR F 101 18.15 -22.74 17.29
N LEU F 102 16.82 -22.78 17.12
CA LEU F 102 16.05 -24.02 17.20
C LEU F 102 15.93 -24.60 15.80
N ALA F 103 16.07 -25.92 15.71
CA ALA F 103 15.99 -26.64 14.43
C ALA F 103 14.73 -27.49 14.38
N LEU F 104 13.93 -27.27 13.33
CA LEU F 104 12.68 -27.96 13.06
C LEU F 104 12.85 -28.81 11.82
N VAL F 105 12.32 -30.05 11.84
CA VAL F 105 12.45 -30.94 10.68
C VAL F 105 11.13 -31.66 10.47
N PHE F 106 10.48 -31.41 9.32
CA PHE F 106 9.19 -31.99 8.98
C PHE F 106 9.41 -33.15 8.01
N GLU F 107 8.92 -34.34 8.37
CA GLU F 107 9.01 -35.52 7.52
C GLU F 107 7.62 -35.91 7.05
N ALA F 108 7.46 -36.06 5.73
CA ALA F 108 6.16 -36.43 5.18
C ALA F 108 5.88 -37.91 5.40
N PRO F 109 4.59 -38.28 5.54
CA PRO F 109 4.27 -39.71 5.66
C PRO F 109 4.71 -40.54 4.47
N ASN F 110 4.40 -40.11 3.25
CA ASN F 110 4.82 -40.86 2.07
C ASN F 110 6.33 -41.02 2.00
N GLN F 111 7.07 -40.17 2.71
CA GLN F 111 8.53 -40.23 2.81
C GLN F 111 9.21 -39.93 1.48
N GLU F 112 8.70 -38.92 0.77
CA GLU F 112 9.40 -38.33 -0.36
C GLU F 112 9.62 -36.84 -0.21
N LYS F 113 8.83 -36.15 0.62
CA LYS F 113 9.06 -34.75 0.95
C LYS F 113 9.73 -34.68 2.32
N VAL F 114 10.77 -33.86 2.43
CA VAL F 114 11.43 -33.56 3.69
C VAL F 114 11.78 -32.09 3.71
N SER F 115 11.37 -31.39 4.77
CA SER F 115 11.70 -30.00 4.99
C SER F 115 12.48 -29.87 6.29
N ASP F 116 13.25 -28.78 6.42
CA ASP F 116 14.09 -28.59 7.61
C ASP F 116 14.43 -27.11 7.74
N TYR F 117 13.78 -26.45 8.68
CA TYR F 117 13.96 -25.02 8.92
C TYR F 117 14.79 -24.80 10.19
N GLU F 118 15.25 -23.56 10.36
CA GLU F 118 16.03 -23.18 11.53
C GLU F 118 15.58 -21.80 12.00
N MET F 119 15.04 -21.74 13.21
CA MET F 119 14.51 -20.50 13.78
C MET F 119 15.57 -19.83 14.64
N LYS F 120 15.65 -18.50 14.54
CA LYS F 120 16.47 -17.72 15.45
C LYS F 120 15.71 -17.50 16.76
N LEU F 121 16.47 -17.43 17.85
CA LEU F 121 15.86 -17.14 19.14
C LEU F 121 16.37 -15.80 19.67
N MET F 122 16.02 -15.53 20.93
CA MET F 122 16.11 -14.20 21.49
C MET F 122 16.36 -14.31 22.98
N ASP F 123 16.80 -13.20 23.58
CA ASP F 123 17.18 -13.19 24.99
C ASP F 123 16.07 -12.53 25.80
N LEU F 124 15.17 -13.36 26.32
CA LEU F 124 14.11 -12.93 27.22
C LEU F 124 14.51 -13.24 28.65
N ASP F 125 14.06 -12.41 29.58
CA ASP F 125 14.13 -12.70 31.01
C ASP F 125 12.70 -12.72 31.54
N VAL F 126 12.14 -13.91 31.70
CA VAL F 126 10.75 -14.03 32.10
C VAL F 126 10.64 -13.87 33.61
N GLU F 127 9.40 -13.73 34.09
CA GLU F 127 9.08 -13.66 35.52
C GLU F 127 8.16 -14.84 35.82
N GLN F 128 8.73 -15.91 36.39
CA GLN F 128 7.92 -17.10 36.65
C GLN F 128 7.05 -16.88 37.87
N LEU F 129 5.77 -17.20 37.73
CA LEU F 129 4.77 -16.98 38.78
C LEU F 129 4.49 -18.30 39.47
N GLY F 130 4.47 -18.29 40.80
CA GLY F 130 4.15 -19.48 41.55
C GLY F 130 2.66 -19.78 41.52
N ILE F 131 2.28 -20.91 40.93
CA ILE F 131 0.88 -21.31 40.86
C ILE F 131 0.63 -22.39 41.90
N PRO F 132 -0.02 -22.06 43.01
CA PRO F 132 -0.19 -23.06 44.08
C PRO F 132 -1.36 -24.00 43.81
N GLU F 133 -1.21 -25.21 44.36
CA GLU F 133 -2.23 -26.24 44.28
C GLU F 133 -3.48 -25.83 45.06
N GLN F 134 -4.65 -26.04 44.47
CA GLN F 134 -5.92 -25.70 45.11
C GLN F 134 -7.01 -26.65 44.63
N GLU F 135 -7.97 -26.91 45.51
CA GLU F 135 -9.27 -27.42 45.11
C GLU F 135 -10.18 -26.23 44.79
N TYR F 136 -11.08 -26.43 43.85
CA TYR F 136 -11.91 -25.34 43.36
C TYR F 136 -13.36 -25.56 43.74
N SER F 137 -14.04 -24.46 44.07
CA SER F 137 -15.42 -24.52 44.52
C SER F 137 -16.32 -25.21 43.51
N CYS F 138 -16.00 -25.09 42.23
CA CYS F 138 -16.84 -25.63 41.17
C CYS F 138 -15.97 -25.82 39.94
N VAL F 139 -15.97 -27.04 39.39
CA VAL F 139 -15.24 -27.31 38.16
C VAL F 139 -16.23 -27.90 37.15
N VAL F 140 -16.52 -27.11 36.12
CA VAL F 140 -17.40 -27.53 35.04
C VAL F 140 -16.58 -28.27 34.00
N LYS F 141 -17.16 -29.29 33.40
CA LYS F 141 -16.62 -29.88 32.18
C LYS F 141 -17.67 -29.78 31.09
N MET F 142 -17.23 -29.36 29.91
CA MET F 142 -18.13 -28.88 28.87
C MET F 142 -17.49 -29.18 27.52
N PRO F 143 -18.28 -29.36 26.46
CA PRO F 143 -17.69 -29.45 25.12
C PRO F 143 -16.93 -28.18 24.78
N SER F 144 -15.76 -28.36 24.18
CA SER F 144 -14.95 -27.21 23.77
C SER F 144 -15.71 -26.33 22.78
N GLY F 145 -16.41 -26.96 21.84
CA GLY F 145 -17.12 -26.17 20.82
C GLY F 145 -18.18 -25.28 21.41
N GLU F 146 -19.01 -25.83 22.30
CA GLU F 146 -20.06 -25.03 22.93
C GLU F 146 -19.48 -23.87 23.74
N PHE F 147 -18.32 -24.08 24.36
CA PHE F 147 -17.70 -23.00 25.14
C PHE F 147 -17.22 -21.88 24.23
N ALA F 148 -16.66 -22.22 23.07
CA ALA F 148 -16.28 -21.20 22.09
C ALA F 148 -17.50 -20.42 21.62
N ARG F 149 -18.59 -21.13 21.30
CA ARG F 149 -19.81 -20.47 20.85
C ARG F 149 -20.30 -19.46 21.87
N ILE F 150 -20.26 -19.81 23.16
CA ILE F 150 -20.87 -18.98 24.19
C ILE F 150 -20.09 -17.69 24.38
N CYS F 151 -18.77 -17.79 24.59
CA CYS F 151 -17.95 -16.60 24.78
C CYS F 151 -18.02 -15.69 23.57
N ARG F 152 -18.10 -16.27 22.37
CA ARG F 152 -18.15 -15.44 21.18
C ARG F 152 -19.52 -14.81 20.98
N ASP F 153 -20.58 -15.56 21.30
CA ASP F 153 -21.92 -15.04 21.05
C ASP F 153 -22.28 -13.92 22.01
N LEU F 154 -21.80 -13.99 23.25
CA LEU F 154 -22.12 -12.94 24.22
C LEU F 154 -21.19 -11.74 24.08
N SER F 155 -20.07 -11.89 23.38
CA SER F 155 -19.20 -10.74 23.12
C SER F 155 -19.90 -9.72 22.23
N HIS F 156 -20.86 -10.16 21.42
CA HIS F 156 -21.68 -9.22 20.65
C HIS F 156 -22.64 -8.44 21.53
N ILE F 157 -22.89 -8.91 22.75
CA ILE F 157 -23.86 -8.30 23.65
C ILE F 157 -23.18 -7.35 24.64
N GLY F 158 -22.17 -7.85 25.35
CA GLY F 158 -21.38 -7.02 26.24
C GLY F 158 -19.99 -7.58 26.35
N ASP F 159 -19.07 -6.75 26.84
CA ASP F 159 -17.65 -7.12 26.90
C ASP F 159 -17.23 -7.63 28.27
N ALA F 160 -18.11 -8.37 28.94
CA ALA F 160 -17.81 -9.02 30.22
C ALA F 160 -18.93 -9.99 30.55
N VAL F 161 -18.56 -11.16 31.07
CA VAL F 161 -19.54 -12.21 31.32
C VAL F 161 -19.59 -12.52 32.81
N VAL F 162 -20.78 -12.87 33.29
CA VAL F 162 -20.97 -13.36 34.64
C VAL F 162 -21.03 -14.89 34.56
N ILE F 163 -20.14 -15.57 35.26
CA ILE F 163 -20.22 -17.02 35.37
C ILE F 163 -20.72 -17.38 36.75
N SER F 164 -21.81 -18.14 36.81
CA SER F 164 -22.44 -18.54 38.07
C SER F 164 -22.83 -20.01 37.96
N CYS F 165 -22.57 -20.78 39.00
CA CYS F 165 -22.71 -22.23 38.92
C CYS F 165 -23.21 -22.80 40.25
N ALA F 166 -24.25 -23.63 40.17
CA ALA F 166 -24.89 -24.20 41.36
C ALA F 166 -25.16 -25.68 41.10
N LYS F 167 -25.89 -26.31 42.04
CA LYS F 167 -26.13 -27.75 42.03
C LYS F 167 -27.25 -28.13 41.05
N ASP F 168 -27.03 -27.79 39.78
CA ASP F 168 -28.07 -27.91 38.76
C ASP F 168 -27.47 -27.76 37.38
N GLY F 169 -26.63 -26.75 37.22
CA GLY F 169 -26.17 -26.30 35.92
C GLY F 169 -25.24 -25.13 36.10
N VAL F 170 -24.87 -24.53 34.97
CA VAL F 170 -23.97 -23.38 34.93
C VAL F 170 -24.53 -22.39 33.91
N LYS F 171 -24.25 -21.11 34.12
CA LYS F 171 -24.92 -20.09 33.34
C LYS F 171 -24.05 -18.84 33.25
N PHE F 172 -23.74 -18.45 32.01
CA PHE F 172 -22.87 -17.32 31.70
C PHE F 172 -23.74 -16.20 31.13
N SER F 173 -23.74 -15.02 31.75
CA SER F 173 -24.53 -13.97 31.12
C SER F 173 -23.77 -12.66 31.04
N ALA F 174 -24.31 -11.75 30.24
CA ALA F 174 -23.62 -10.50 29.91
C ALA F 174 -24.64 -9.42 29.62
N SER F 175 -24.19 -8.18 29.73
CA SER F 175 -25.07 -7.03 29.66
C SER F 175 -24.30 -5.85 29.08
N GLY F 176 -24.84 -5.28 28.00
CA GLY F 176 -24.27 -4.10 27.38
C GLY F 176 -25.35 -3.07 27.16
N GLU F 177 -25.20 -2.21 26.14
CA GLU F 177 -26.21 -1.17 25.98
C GLU F 177 -27.36 -1.63 25.09
N LEU F 178 -27.10 -2.61 24.24
CA LEU F 178 -28.10 -3.31 23.46
C LEU F 178 -29.23 -3.91 24.30
N GLY F 179 -28.92 -4.35 25.49
CA GLY F 179 -29.79 -5.20 26.24
C GLY F 179 -28.92 -6.13 27.08
N ASN F 180 -29.37 -7.38 27.21
CA ASN F 180 -28.60 -8.38 27.93
C ASN F 180 -29.18 -9.75 27.63
N GLY F 181 -28.47 -10.81 28.06
CA GLY F 181 -28.91 -12.16 27.77
C GLY F 181 -28.25 -13.19 28.65
N ASN F 182 -28.92 -14.33 28.82
CA ASN F 182 -28.45 -15.41 29.68
C ASN F 182 -28.60 -16.76 29.00
N ILE F 183 -27.63 -17.64 29.22
CA ILE F 183 -27.59 -18.98 28.63
C ILE F 183 -27.42 -19.95 29.79
N LYS F 184 -28.29 -20.95 29.90
CA LYS F 184 -28.08 -21.93 30.96
C LYS F 184 -28.04 -23.35 30.41
N LEU F 185 -27.11 -24.13 30.96
CA LEU F 185 -26.98 -25.54 30.68
C LEU F 185 -26.89 -26.31 31.99
N SER F 186 -27.55 -27.46 32.03
CA SER F 186 -27.55 -28.38 33.16
C SER F 186 -26.65 -29.57 32.85
N GLN F 187 -26.72 -30.60 33.70
CA GLN F 187 -26.00 -31.83 33.43
C GLN F 187 -26.87 -32.76 32.57
N THR F 188 -26.30 -33.88 32.18
CA THR F 188 -26.75 -34.65 31.03
C THR F 188 -27.23 -36.05 31.41
N SER F 189 -27.42 -36.86 30.37
CA SER F 189 -27.61 -38.31 30.47
C SER F 189 -27.66 -38.91 29.07
N GLU F 195 -18.89 -38.02 26.40
CA GLU F 195 -17.91 -37.28 25.61
C GLU F 195 -18.53 -35.99 25.08
N GLU F 196 -19.84 -36.02 24.84
CA GLU F 196 -20.57 -34.83 24.43
C GLU F 196 -21.57 -34.47 25.52
N ALA F 197 -21.07 -34.15 26.72
CA ALA F 197 -21.92 -33.98 27.88
C ALA F 197 -21.37 -32.89 28.77
N VAL F 198 -22.21 -32.45 29.71
CA VAL F 198 -21.88 -31.43 30.69
C VAL F 198 -21.99 -32.06 32.08
N THR F 199 -20.89 -32.06 32.81
CA THR F 199 -20.83 -32.68 34.14
C THR F 199 -20.19 -31.72 35.12
N ILE F 200 -20.96 -31.23 36.06
CA ILE F 200 -20.47 -30.32 37.09
C ILE F 200 -20.10 -31.11 38.33
N GLU F 201 -19.05 -30.67 39.01
CA GLU F 201 -18.72 -31.12 40.35
C GLU F 201 -18.78 -29.90 41.27
N MET F 202 -19.72 -29.93 42.21
CA MET F 202 -20.16 -28.74 42.93
C MET F 202 -19.81 -28.87 44.41
N ASN F 203 -19.10 -27.87 44.94
CA ASN F 203 -18.63 -27.87 46.32
C ASN F 203 -19.16 -26.70 47.15
N GLU F 204 -19.29 -25.49 46.56
CA GLU F 204 -20.04 -24.36 47.13
C GLU F 204 -20.31 -23.30 46.07
N PRO F 205 -21.46 -22.61 46.12
CA PRO F 205 -21.92 -21.82 44.95
C PRO F 205 -21.01 -20.65 44.61
N VAL F 206 -20.90 -20.39 43.30
CA VAL F 206 -19.92 -19.46 42.76
C VAL F 206 -20.59 -18.49 41.79
N GLN F 207 -20.09 -17.26 41.74
CA GLN F 207 -20.47 -16.29 40.73
C GLN F 207 -19.51 -15.10 40.69
N LEU F 208 -18.64 -15.06 39.68
CA LEU F 208 -17.72 -13.94 39.46
C LEU F 208 -17.73 -13.57 37.98
N THR F 209 -17.04 -12.48 37.64
CA THR F 209 -17.09 -11.93 36.29
C THR F 209 -15.70 -11.70 35.71
N PHE F 210 -15.59 -11.93 34.40
CA PHE F 210 -14.34 -11.91 33.68
C PHE F 210 -14.52 -11.20 32.36
N ALA F 211 -13.43 -10.65 31.83
CA ALA F 211 -13.47 -9.95 30.55
C ALA F 211 -13.51 -10.97 29.42
N LEU F 212 -14.57 -10.91 28.60
CA LEU F 212 -14.72 -11.85 27.49
C LEU F 212 -13.64 -11.71 26.45
N ARG F 213 -12.98 -10.56 26.40
CA ARG F 213 -11.88 -10.33 25.45
C ARG F 213 -10.84 -11.45 25.53
N TYR F 214 -10.54 -11.91 26.74
CA TYR F 214 -9.47 -12.90 26.91
C TYR F 214 -9.95 -14.33 26.68
N LEU F 215 -11.21 -14.64 27.01
CA LEU F 215 -11.75 -15.98 26.76
C LEU F 215 -11.77 -16.31 25.29
N ASN F 216 -12.03 -15.31 24.44
CA ASN F 216 -12.04 -15.56 23.01
C ASN F 216 -10.64 -15.77 22.46
N PHE F 217 -9.61 -15.31 23.17
CA PHE F 217 -8.25 -15.74 22.85
C PHE F 217 -8.01 -17.17 23.35
N PHE F 218 -8.37 -17.44 24.60
CA PHE F 218 -8.21 -18.78 25.18
C PHE F 218 -8.77 -19.84 24.24
N THR F 219 -10.02 -19.65 23.81
CA THR F 219 -10.76 -20.68 23.09
C THR F 219 -10.12 -21.05 21.76
N LYS F 220 -9.06 -20.35 21.34
CA LYS F 220 -8.27 -20.80 20.20
C LYS F 220 -7.69 -22.19 20.40
N ALA F 221 -7.60 -22.65 21.64
CA ALA F 221 -7.10 -24.00 21.93
C ALA F 221 -8.10 -25.09 21.61
N THR F 222 -9.33 -24.72 21.25
CA THR F 222 -10.39 -25.69 21.01
C THR F 222 -10.02 -26.84 20.06
N PRO F 223 -9.28 -26.64 18.96
CA PRO F 223 -8.94 -27.79 18.11
C PRO F 223 -8.15 -28.88 18.83
N LEU F 224 -7.54 -28.57 19.97
CA LEU F 224 -6.71 -29.55 20.66
C LEU F 224 -7.54 -30.60 21.41
N SER F 225 -8.77 -30.28 21.81
CA SER F 225 -9.52 -31.16 22.69
C SER F 225 -11.01 -30.98 22.48
N SER F 226 -11.74 -32.10 22.51
CA SER F 226 -13.19 -32.06 22.41
C SER F 226 -13.85 -31.55 23.68
N THR F 227 -13.18 -31.65 24.83
CA THR F 227 -13.72 -31.20 26.09
C THR F 227 -12.82 -30.13 26.69
N VAL F 228 -13.41 -29.32 27.57
CA VAL F 228 -12.70 -28.26 28.27
C VAL F 228 -13.30 -28.13 29.66
N THR F 229 -12.43 -27.92 30.66
CA THR F 229 -12.85 -27.90 32.05
C THR F 229 -12.55 -26.55 32.67
N LEU F 230 -13.60 -25.90 33.20
CA LEU F 230 -13.48 -24.60 33.84
C LEU F 230 -13.48 -24.78 35.36
N SER F 231 -12.54 -24.13 36.04
CA SER F 231 -12.40 -24.23 37.49
C SER F 231 -12.56 -22.85 38.10
N MET F 232 -13.46 -22.73 39.08
CA MET F 232 -13.80 -21.45 39.67
C MET F 232 -13.73 -21.51 41.19
N SER F 233 -13.28 -20.40 41.78
CA SER F 233 -13.54 -20.08 43.17
C SER F 233 -13.67 -18.57 43.27
N ALA F 234 -14.09 -18.09 44.43
CA ALA F 234 -14.15 -16.66 44.65
C ALA F 234 -12.74 -16.10 44.78
N ASP F 235 -12.51 -14.96 44.12
CA ASP F 235 -11.28 -14.18 44.29
C ASP F 235 -10.03 -14.97 43.95
N VAL F 236 -10.13 -15.96 43.08
CA VAL F 236 -8.96 -16.64 42.52
C VAL F 236 -9.19 -16.78 41.02
N PRO F 237 -8.15 -16.66 40.19
CA PRO F 237 -8.35 -16.67 38.74
C PRO F 237 -9.08 -17.90 38.21
N LEU F 238 -9.86 -17.66 37.15
CA LEU F 238 -10.48 -18.71 36.37
C LEU F 238 -9.42 -19.56 35.67
N VAL F 239 -9.65 -20.86 35.58
CA VAL F 239 -8.70 -21.79 34.97
C VAL F 239 -9.42 -22.56 33.87
N VAL F 240 -9.18 -22.19 32.62
CA VAL F 240 -9.70 -22.92 31.46
C VAL F 240 -8.60 -23.88 30.99
N GLU F 241 -8.89 -25.17 31.05
CA GLU F 241 -7.90 -26.22 30.81
C GLU F 241 -8.26 -27.04 29.59
N TYR F 242 -7.27 -27.29 28.73
CA TYR F 242 -7.45 -28.04 27.50
C TYR F 242 -6.49 -29.23 27.51
N LYS F 243 -7.06 -30.44 27.43
CA LYS F 243 -6.26 -31.66 27.48
C LYS F 243 -5.60 -31.92 26.13
N ILE F 244 -4.28 -32.04 26.13
CA ILE F 244 -3.56 -32.61 25.01
C ILE F 244 -3.44 -34.10 25.27
N ALA F 245 -4.01 -34.91 24.37
CA ALA F 245 -4.19 -36.33 24.61
C ALA F 245 -2.89 -37.01 25.04
N ASP F 246 -2.97 -37.75 26.15
CA ASP F 246 -1.89 -38.57 26.73
C ASP F 246 -0.53 -37.86 26.76
N MET F 247 -0.50 -36.53 26.68
CA MET F 247 0.77 -35.84 26.56
C MET F 247 0.92 -34.63 27.49
N GLY F 248 -0.17 -33.98 27.87
CA GLY F 248 -0.07 -32.83 28.74
C GLY F 248 -1.32 -31.97 28.69
N HIS F 249 -1.15 -30.65 28.75
CA HIS F 249 -2.30 -29.77 28.79
C HIS F 249 -1.88 -28.37 28.41
N LEU F 250 -2.89 -27.54 28.19
CA LEU F 250 -2.72 -26.09 28.02
C LEU F 250 -3.73 -25.43 28.95
N LYS F 251 -3.25 -24.58 29.85
CA LYS F 251 -4.08 -23.97 30.87
C LYS F 251 -4.02 -22.46 30.75
N TYR F 252 -5.20 -21.84 30.74
CA TYR F 252 -5.34 -20.38 30.70
C TYR F 252 -5.93 -19.91 32.02
N TYR F 253 -5.29 -18.91 32.64
CA TYR F 253 -5.76 -18.32 33.88
C TYR F 253 -6.23 -16.91 33.62
N LEU F 254 -7.39 -16.55 34.19
CA LEU F 254 -8.00 -15.24 33.99
C LEU F 254 -8.32 -14.60 35.33
N ALA F 255 -7.89 -13.37 35.52
CA ALA F 255 -8.12 -12.66 36.77
C ALA F 255 -9.51 -12.03 36.80
N PRO F 256 -10.15 -11.96 37.97
CA PRO F 256 -11.51 -11.42 38.04
C PRO F 256 -11.58 -9.90 38.15
N LYS F 257 -12.78 -9.35 38.28
CA LYS F 257 -13.01 -7.92 38.29
C LYS F 257 -13.05 -7.38 39.73
N ILE F 258 -13.11 -6.04 39.83
CA ILE F 258 -12.99 -5.28 41.08
C ILE F 258 -12.06 -5.95 42.11
N LYS G 5 39.74 25.86 18.51
CA LYS G 5 40.12 24.56 19.08
C LYS G 5 40.37 23.52 17.99
N ASP G 6 40.14 23.90 16.74
CA ASP G 6 40.51 23.07 15.61
C ASP G 6 41.98 23.31 15.27
N SER G 7 42.81 22.28 15.39
CA SER G 7 44.19 22.41 14.96
C SER G 7 44.26 22.44 13.45
N LYS G 8 45.21 23.20 12.92
CA LYS G 8 45.42 23.22 11.48
C LYS G 8 46.23 22.00 11.05
N ILE G 9 45.94 21.51 9.84
CA ILE G 9 46.62 20.31 9.36
C ILE G 9 48.07 20.61 8.99
N THR G 10 48.42 21.89 8.84
CA THR G 10 49.82 22.27 8.65
C THR G 10 50.64 22.10 9.92
N ASP G 11 50.00 21.81 11.05
CA ASP G 11 50.70 21.52 12.30
C ASP G 11 51.09 20.05 12.41
N HIS G 12 50.82 19.24 11.38
CA HIS G 12 51.18 17.84 11.36
C HIS G 12 51.91 17.42 10.09
N PHE G 13 51.98 18.29 9.08
CA PHE G 13 52.64 17.99 7.81
C PHE G 13 53.40 19.21 7.37
N MET G 14 54.63 19.01 6.92
CA MET G 14 55.49 20.13 6.54
C MET G 14 55.40 20.41 5.05
N ARG G 15 55.73 21.66 4.69
CA ARG G 15 55.67 22.09 3.30
C ARG G 15 56.89 21.62 2.54
N LEU G 16 56.67 21.01 1.38
CA LEU G 16 57.86 20.73 0.59
C LEU G 16 58.09 21.85 -0.42
N PRO G 17 59.33 22.14 -0.75
CA PRO G 17 59.65 23.40 -1.45
C PRO G 17 59.37 23.31 -2.95
N LYS G 18 59.79 24.37 -3.65
CA LYS G 18 59.80 24.50 -5.10
C LYS G 18 59.79 23.17 -5.88
N LYS H 5 -12.62 34.98 14.44
CA LYS H 5 -13.58 34.14 13.73
C LYS H 5 -13.52 32.71 14.25
N ASP H 6 -12.37 32.31 14.80
CA ASP H 6 -12.22 30.99 15.40
C ASP H 6 -12.57 31.06 16.88
N SER H 7 -13.49 30.18 17.29
CA SER H 7 -13.65 29.95 18.71
C SER H 7 -12.40 29.28 19.26
N LYS H 8 -12.03 29.61 20.48
CA LYS H 8 -10.91 28.91 21.09
C LYS H 8 -11.39 27.60 21.69
N ILE H 9 -10.43 26.69 21.91
CA ILE H 9 -10.81 25.38 22.42
C ILE H 9 -11.21 25.44 23.89
N THR H 10 -10.74 26.44 24.63
CA THR H 10 -11.13 26.62 26.02
C THR H 10 -12.59 27.05 26.16
N ASP H 11 -13.27 27.36 25.07
CA ASP H 11 -14.69 27.69 25.09
C ASP H 11 -15.58 26.47 24.98
N HIS H 12 -15.00 25.26 24.94
CA HIS H 12 -15.75 24.02 24.93
C HIS H 12 -15.28 23.01 25.97
N PHE H 13 -14.06 23.14 26.47
CA PHE H 13 -13.50 22.22 27.45
C PHE H 13 -13.05 22.99 28.68
N MET H 14 -13.25 22.37 29.86
CA MET H 14 -13.01 23.04 31.12
C MET H 14 -11.56 22.87 31.56
N ARG H 15 -10.95 23.96 32.01
CA ARG H 15 -9.60 23.90 32.55
C ARG H 15 -9.62 23.23 33.93
N LEU H 16 -8.68 22.31 34.15
CA LEU H 16 -8.56 21.46 35.32
C LEU H 16 -7.54 22.06 36.30
N PRO H 17 -7.63 21.76 37.61
CA PRO H 17 -6.99 22.51 38.69
C PRO H 17 -6.42 23.89 38.34
N LYS I 5 18.52 -7.38 -6.62
CA LYS I 5 18.66 -6.96 -8.01
C LYS I 5 18.09 -8.02 -8.96
N ASP I 6 16.93 -7.73 -9.53
CA ASP I 6 16.32 -8.59 -10.54
C ASP I 6 16.79 -8.12 -11.91
N SER I 7 17.41 -9.02 -12.67
CA SER I 7 17.59 -8.75 -14.08
C SER I 7 16.23 -8.71 -14.76
N LYS I 8 16.15 -8.01 -15.88
CA LYS I 8 14.91 -7.93 -16.62
C LYS I 8 14.81 -9.06 -17.63
N ILE I 9 13.58 -9.44 -17.97
CA ILE I 9 13.36 -10.39 -19.05
C ILE I 9 13.90 -9.84 -20.36
N THR I 10 13.85 -8.51 -20.53
CA THR I 10 14.31 -7.89 -21.76
C THR I 10 15.79 -8.13 -22.01
N ASP I 11 16.55 -8.51 -21.00
CA ASP I 11 17.98 -8.80 -21.14
C ASP I 11 18.26 -10.25 -21.50
N HIS I 12 17.25 -11.01 -21.93
CA HIS I 12 17.44 -12.41 -22.28
C HIS I 12 16.71 -12.83 -23.55
N PHE I 13 15.99 -11.93 -24.22
CA PHE I 13 15.11 -12.34 -25.33
C PHE I 13 15.14 -11.41 -26.53
N MET I 14 15.31 -10.09 -26.36
CA MET I 14 15.42 -9.11 -27.45
C MET I 14 14.09 -8.89 -28.19
N ARG I 15 13.94 -7.71 -28.80
CA ARG I 15 12.68 -7.28 -29.39
C ARG I 15 12.50 -7.88 -30.79
N LEU I 16 11.42 -7.46 -31.45
CA LEU I 16 11.17 -7.79 -32.85
C LEU I 16 10.82 -6.51 -33.61
N LYS J 5 -12.08 -1.49 37.02
CA LYS J 5 -11.27 -2.14 36.00
C LYS J 5 -11.17 -3.63 36.29
N ASP J 6 -10.16 -4.29 35.71
CA ASP J 6 -9.93 -5.70 35.95
C ASP J 6 -8.63 -5.93 36.68
N SER J 7 -8.70 -6.72 37.76
CA SER J 7 -7.54 -7.06 38.53
C SER J 7 -6.53 -7.80 37.68
N LYS J 8 -5.30 -7.84 38.18
CA LYS J 8 -4.18 -8.43 37.48
C LYS J 8 -3.94 -9.84 37.99
N ILE J 9 -3.06 -10.56 37.29
CA ILE J 9 -2.71 -11.91 37.71
C ILE J 9 -1.65 -11.87 38.81
N THR J 10 -0.80 -10.85 38.84
CA THR J 10 0.18 -10.70 39.91
C THR J 10 -0.48 -10.42 41.25
N ASP J 11 -1.73 -9.97 41.27
CA ASP J 11 -2.41 -9.70 42.53
C ASP J 11 -2.73 -10.99 43.28
N HIS J 12 -2.89 -12.10 42.57
CA HIS J 12 -3.37 -13.35 43.16
C HIS J 12 -2.28 -14.41 43.25
N PHE J 13 -1.57 -14.67 42.16
CA PHE J 13 -0.42 -15.55 42.23
C PHE J 13 0.85 -14.71 42.32
N MET J 14 1.88 -15.30 42.93
CA MET J 14 3.07 -14.55 43.31
C MET J 14 4.29 -15.08 42.57
N ARG J 15 5.36 -14.31 42.63
CA ARG J 15 6.62 -14.68 42.00
C ARG J 15 7.35 -15.73 42.82
N LYS K 5 -31.93 11.04 -11.71
CA LYS K 5 -32.39 9.88 -12.46
C LYS K 5 -33.27 8.98 -11.60
N ASP K 6 -32.79 8.67 -10.39
CA ASP K 6 -33.36 7.63 -9.54
C ASP K 6 -34.56 8.19 -8.78
N SER K 7 -35.77 7.95 -9.29
CA SER K 7 -36.97 8.50 -8.68
C SER K 7 -37.27 7.77 -7.36
N LYS K 8 -38.29 8.29 -6.66
CA LYS K 8 -38.61 7.85 -5.31
C LYS K 8 -40.05 7.33 -5.26
N ILE K 9 -40.26 6.25 -4.51
CA ILE K 9 -41.59 5.70 -4.30
C ILE K 9 -42.49 6.59 -3.46
N THR K 10 -41.93 7.58 -2.76
CA THR K 10 -42.77 8.61 -2.15
C THR K 10 -43.56 9.38 -3.20
N ASP K 11 -43.08 9.39 -4.45
CA ASP K 11 -43.76 10.02 -5.56
C ASP K 11 -44.71 9.08 -6.29
N HIS K 12 -44.71 7.79 -5.96
CA HIS K 12 -45.58 6.82 -6.62
C HIS K 12 -46.72 6.33 -5.76
N PHE K 13 -46.54 6.25 -4.45
CA PHE K 13 -47.67 5.92 -3.59
C PHE K 13 -47.79 7.00 -2.51
N MET K 14 -48.92 6.99 -1.80
CA MET K 14 -49.22 8.03 -0.83
C MET K 14 -48.93 7.60 0.60
N LYS L 5 21.89 40.48 -28.86
CA LYS L 5 20.55 40.87 -28.42
C LYS L 5 19.50 39.94 -29.00
N ASP L 6 18.47 39.66 -28.22
CA ASP L 6 17.33 38.92 -28.73
C ASP L 6 16.54 39.80 -29.70
N SER L 7 15.98 39.16 -30.73
CA SER L 7 14.96 39.77 -31.56
C SER L 7 13.59 39.31 -31.07
N LYS L 8 12.56 40.06 -31.43
CA LYS L 8 11.25 39.75 -30.87
C LYS L 8 10.33 39.07 -31.87
N ILE L 9 9.33 38.38 -31.30
CA ILE L 9 8.35 37.64 -32.08
C ILE L 9 7.47 38.58 -32.88
N THR L 10 7.27 39.81 -32.38
CA THR L 10 6.51 40.80 -33.12
C THR L 10 7.30 41.42 -34.26
N ASP L 11 8.55 41.03 -34.45
CA ASP L 11 9.26 41.51 -35.63
C ASP L 11 9.13 40.56 -36.80
N HIS L 12 8.56 39.37 -36.57
CA HIS L 12 8.37 38.34 -37.59
C HIS L 12 6.91 38.08 -37.91
N PHE L 13 6.06 38.02 -36.89
CA PHE L 13 4.61 37.95 -37.03
C PHE L 13 3.98 39.31 -36.70
N MET L 14 2.94 39.65 -37.45
CA MET L 14 2.30 40.95 -37.33
C MET L 14 0.92 40.84 -36.71
N ARG L 15 0.52 41.91 -36.01
CA ARG L 15 -0.79 42.00 -35.39
C ARG L 15 -1.88 41.71 -36.42
N LEU L 16 -2.84 40.87 -36.06
CA LEU L 16 -3.96 40.57 -36.97
C LEU L 16 -5.21 41.36 -36.58
#